data_3NYL
# 
_entry.id   3NYL 
# 
_audit_conform.dict_name       mmcif_pdbx.dic 
_audit_conform.dict_version    5.387 
_audit_conform.dict_location   http://mmcif.pdb.org/dictionaries/ascii/mmcif_pdbx.dic 
# 
loop_
_database_2.database_id 
_database_2.database_code 
_database_2.pdbx_database_accession 
_database_2.pdbx_DOI 
PDB   3NYL         pdb_00003nyl 10.2210/pdb3nyl/pdb 
RCSB  RCSB060441   ?            ?                   
WWPDB D_1000060441 ?            ?                   
# 
loop_
_pdbx_audit_revision_history.ordinal 
_pdbx_audit_revision_history.data_content_type 
_pdbx_audit_revision_history.major_revision 
_pdbx_audit_revision_history.minor_revision 
_pdbx_audit_revision_history.revision_date 
1 'Structure model' 1 0 2011-07-13 
2 'Structure model' 1 1 2024-02-21 
# 
_pdbx_audit_revision_details.ordinal             1 
_pdbx_audit_revision_details.revision_ordinal    1 
_pdbx_audit_revision_details.data_content_type   'Structure model' 
_pdbx_audit_revision_details.provider            repository 
_pdbx_audit_revision_details.type                'Initial release' 
_pdbx_audit_revision_details.description         ? 
_pdbx_audit_revision_details.details             ? 
# 
loop_
_pdbx_audit_revision_group.ordinal 
_pdbx_audit_revision_group.revision_ordinal 
_pdbx_audit_revision_group.data_content_type 
_pdbx_audit_revision_group.group 
1 2 'Structure model' 'Data collection'     
2 2 'Structure model' 'Database references' 
# 
loop_
_pdbx_audit_revision_category.ordinal 
_pdbx_audit_revision_category.revision_ordinal 
_pdbx_audit_revision_category.data_content_type 
_pdbx_audit_revision_category.category 
1 2 'Structure model' chem_comp_atom     
2 2 'Structure model' chem_comp_bond     
3 2 'Structure model' database_2         
4 2 'Structure model' struct_ref_seq_dif 
# 
loop_
_pdbx_audit_revision_item.ordinal 
_pdbx_audit_revision_item.revision_ordinal 
_pdbx_audit_revision_item.data_content_type 
_pdbx_audit_revision_item.item 
1 2 'Structure model' '_database_2.pdbx_DOI'                
2 2 'Structure model' '_database_2.pdbx_database_accession' 
3 2 'Structure model' '_struct_ref_seq_dif.details'         
# 
_pdbx_database_PDB_obs_spr.id               SPRSDE 
_pdbx_database_PDB_obs_spr.date             2011-07-13 
_pdbx_database_PDB_obs_spr.pdb_id           3NYL 
_pdbx_database_PDB_obs_spr.replace_pdb_id   1RW6 
_pdbx_database_PDB_obs_spr.details          ? 
# 
_pdbx_database_status.entry_id                        3NYL 
_pdbx_database_status.status_code                     REL 
_pdbx_database_status.deposit_site                    RCSB 
_pdbx_database_status.process_site                    RCSB 
_pdbx_database_status.recvd_initial_deposition_date   2010-07-15 
_pdbx_database_status.status_code_sf                  REL 
_pdbx_database_status.status_code_mr                  ? 
_pdbx_database_status.SG_entry                        ? 
_pdbx_database_status.status_code_cs                  ? 
_pdbx_database_status.pdb_format_compatible           Y 
_pdbx_database_status.status_code_nmr_data            ? 
_pdbx_database_status.methods_development_category    ? 
# 
loop_
_pdbx_database_related.db_name 
_pdbx_database_related.db_id 
_pdbx_database_related.details 
_pdbx_database_related.content_type 
PDB 1RW6 'An earlier and less refined version of the same structure' unspecified 
PDB 3NYJ 'Same protein, different space group.'                      unspecified 
# 
loop_
_audit_author.name 
_audit_author.pdbx_ordinal 
'Ha, Y.'   1 
'Hu, J.'   2 
'Lee, S.'  3 
'Liu, X.'  4 
'Wang, Y.' 5 
# 
_citation.id                        primary 
_citation.title                     
'The X-ray structure of an antiparallel dimer of the human amyloid precursor protein E2 domain.' 
_citation.journal_abbrev            Mol.Cell 
_citation.journal_volume            15 
_citation.page_first                343 
_citation.page_last                 353 
_citation.year                      2004 
_citation.journal_id_ASTM           MOCEFL 
_citation.country                   US 
_citation.journal_id_ISSN           1097-2765 
_citation.journal_id_CSD            2168 
_citation.book_publisher            ? 
_citation.pdbx_database_id_PubMed   15304215 
_citation.pdbx_database_id_DOI      10.1016/j.molcel.2004.06.037 
# 
loop_
_citation_author.citation_id 
_citation_author.name 
_citation_author.ordinal 
_citation_author.identifier_ORCID 
primary 'Wang, Y.' 1 ? 
primary 'Ha, Y.'   2 ? 
# 
loop_
_entity.id 
_entity.type 
_entity.src_method 
_entity.pdbx_description 
_entity.formula_weight 
_entity.pdbx_number_of_molecules 
_entity.pdbx_ec 
_entity.pdbx_mutation 
_entity.pdbx_fragment 
_entity.details 
1 polymer man 'Amyloid beta (A4) protein (Peptidase nexin-II, Alzheimer disease), isoform CRA_b' 24735.107 1  ? ? 
'UNP residues 346-551' ? 
2 water   nat water                                                                              18.015    38 ? ? ? ? 
# 
_entity_poly.entity_id                      1 
_entity_poly.type                           'polypeptide(L)' 
_entity_poly.nstd_linkage                   no 
_entity_poly.nstd_monomer                   no 
_entity_poly.pdbx_seq_one_letter_code       
;GSHMPTTAASTPDAVDKYLETPGDENEHAHFQKAKERLEAKHRERMSQVMREWEEAERQAKNLPKADKKAVIQHFQEKVE
SLEQEAANERQQLVETHMARVEAMLNDRRRLALENYITALQAVPPRPRHVFNMLKKYVRAEQKDRQHTLKHFEHVRMVDP
KKAAQIRSQVMTHLRVIYERMNQSLSLLYNVPAVAEEIQDEVDELLQKEQ
;
_entity_poly.pdbx_seq_one_letter_code_can   
;GSHMPTTAASTPDAVDKYLETPGDENEHAHFQKAKERLEAKHRERMSQVMREWEEAERQAKNLPKADKKAVIQHFQEKVE
SLEQEAANERQQLVETHMARVEAMLNDRRRLALENYITALQAVPPRPRHVFNMLKKYVRAEQKDRQHTLKHFEHVRMVDP
KKAAQIRSQVMTHLRVIYERMNQSLSLLYNVPAVAEEIQDEVDELLQKEQ
;
_entity_poly.pdbx_strand_id                 A 
_entity_poly.pdbx_target_identifier         ? 
# 
_pdbx_entity_nonpoly.entity_id   2 
_pdbx_entity_nonpoly.name        water 
_pdbx_entity_nonpoly.comp_id     HOH 
# 
loop_
_entity_poly_seq.entity_id 
_entity_poly_seq.num 
_entity_poly_seq.mon_id 
_entity_poly_seq.hetero 
1 1   GLY n 
1 2   SER n 
1 3   HIS n 
1 4   MET n 
1 5   PRO n 
1 6   THR n 
1 7   THR n 
1 8   ALA n 
1 9   ALA n 
1 10  SER n 
1 11  THR n 
1 12  PRO n 
1 13  ASP n 
1 14  ALA n 
1 15  VAL n 
1 16  ASP n 
1 17  LYS n 
1 18  TYR n 
1 19  LEU n 
1 20  GLU n 
1 21  THR n 
1 22  PRO n 
1 23  GLY n 
1 24  ASP n 
1 25  GLU n 
1 26  ASN n 
1 27  GLU n 
1 28  HIS n 
1 29  ALA n 
1 30  HIS n 
1 31  PHE n 
1 32  GLN n 
1 33  LYS n 
1 34  ALA n 
1 35  LYS n 
1 36  GLU n 
1 37  ARG n 
1 38  LEU n 
1 39  GLU n 
1 40  ALA n 
1 41  LYS n 
1 42  HIS n 
1 43  ARG n 
1 44  GLU n 
1 45  ARG n 
1 46  MET n 
1 47  SER n 
1 48  GLN n 
1 49  VAL n 
1 50  MET n 
1 51  ARG n 
1 52  GLU n 
1 53  TRP n 
1 54  GLU n 
1 55  GLU n 
1 56  ALA n 
1 57  GLU n 
1 58  ARG n 
1 59  GLN n 
1 60  ALA n 
1 61  LYS n 
1 62  ASN n 
1 63  LEU n 
1 64  PRO n 
1 65  LYS n 
1 66  ALA n 
1 67  ASP n 
1 68  LYS n 
1 69  LYS n 
1 70  ALA n 
1 71  VAL n 
1 72  ILE n 
1 73  GLN n 
1 74  HIS n 
1 75  PHE n 
1 76  GLN n 
1 77  GLU n 
1 78  LYS n 
1 79  VAL n 
1 80  GLU n 
1 81  SER n 
1 82  LEU n 
1 83  GLU n 
1 84  GLN n 
1 85  GLU n 
1 86  ALA n 
1 87  ALA n 
1 88  ASN n 
1 89  GLU n 
1 90  ARG n 
1 91  GLN n 
1 92  GLN n 
1 93  LEU n 
1 94  VAL n 
1 95  GLU n 
1 96  THR n 
1 97  HIS n 
1 98  MET n 
1 99  ALA n 
1 100 ARG n 
1 101 VAL n 
1 102 GLU n 
1 103 ALA n 
1 104 MET n 
1 105 LEU n 
1 106 ASN n 
1 107 ASP n 
1 108 ARG n 
1 109 ARG n 
1 110 ARG n 
1 111 LEU n 
1 112 ALA n 
1 113 LEU n 
1 114 GLU n 
1 115 ASN n 
1 116 TYR n 
1 117 ILE n 
1 118 THR n 
1 119 ALA n 
1 120 LEU n 
1 121 GLN n 
1 122 ALA n 
1 123 VAL n 
1 124 PRO n 
1 125 PRO n 
1 126 ARG n 
1 127 PRO n 
1 128 ARG n 
1 129 HIS n 
1 130 VAL n 
1 131 PHE n 
1 132 ASN n 
1 133 MET n 
1 134 LEU n 
1 135 LYS n 
1 136 LYS n 
1 137 TYR n 
1 138 VAL n 
1 139 ARG n 
1 140 ALA n 
1 141 GLU n 
1 142 GLN n 
1 143 LYS n 
1 144 ASP n 
1 145 ARG n 
1 146 GLN n 
1 147 HIS n 
1 148 THR n 
1 149 LEU n 
1 150 LYS n 
1 151 HIS n 
1 152 PHE n 
1 153 GLU n 
1 154 HIS n 
1 155 VAL n 
1 156 ARG n 
1 157 MET n 
1 158 VAL n 
1 159 ASP n 
1 160 PRO n 
1 161 LYS n 
1 162 LYS n 
1 163 ALA n 
1 164 ALA n 
1 165 GLN n 
1 166 ILE n 
1 167 ARG n 
1 168 SER n 
1 169 GLN n 
1 170 VAL n 
1 171 MET n 
1 172 THR n 
1 173 HIS n 
1 174 LEU n 
1 175 ARG n 
1 176 VAL n 
1 177 ILE n 
1 178 TYR n 
1 179 GLU n 
1 180 ARG n 
1 181 MET n 
1 182 ASN n 
1 183 GLN n 
1 184 SER n 
1 185 LEU n 
1 186 SER n 
1 187 LEU n 
1 188 LEU n 
1 189 TYR n 
1 190 ASN n 
1 191 VAL n 
1 192 PRO n 
1 193 ALA n 
1 194 VAL n 
1 195 ALA n 
1 196 GLU n 
1 197 GLU n 
1 198 ILE n 
1 199 GLN n 
1 200 ASP n 
1 201 GLU n 
1 202 VAL n 
1 203 ASP n 
1 204 GLU n 
1 205 LEU n 
1 206 LEU n 
1 207 GLN n 
1 208 LYS n 
1 209 GLU n 
1 210 GLN n 
# 
_entity_src_gen.entity_id                          1 
_entity_src_gen.pdbx_src_id                        1 
_entity_src_gen.pdbx_alt_source_flag               sample 
_entity_src_gen.pdbx_seq_type                      ? 
_entity_src_gen.pdbx_beg_seq_num                   ? 
_entity_src_gen.pdbx_end_seq_num                   ? 
_entity_src_gen.gene_src_common_name               human 
_entity_src_gen.gene_src_genus                     ? 
_entity_src_gen.pdbx_gene_src_gene                 'APP, hCG_1810805' 
_entity_src_gen.gene_src_species                   ? 
_entity_src_gen.gene_src_strain                    ? 
_entity_src_gen.gene_src_tissue                    ? 
_entity_src_gen.gene_src_tissue_fraction           ? 
_entity_src_gen.gene_src_details                   ? 
_entity_src_gen.pdbx_gene_src_fragment             ? 
_entity_src_gen.pdbx_gene_src_scientific_name      'Homo sapiens' 
_entity_src_gen.pdbx_gene_src_ncbi_taxonomy_id     9606 
_entity_src_gen.pdbx_gene_src_variant              ? 
_entity_src_gen.pdbx_gene_src_cell_line            ? 
_entity_src_gen.pdbx_gene_src_atcc                 ? 
_entity_src_gen.pdbx_gene_src_organ                ? 
_entity_src_gen.pdbx_gene_src_organelle            ? 
_entity_src_gen.pdbx_gene_src_cell                 ? 
_entity_src_gen.pdbx_gene_src_cellular_location    ? 
_entity_src_gen.host_org_common_name               ? 
_entity_src_gen.pdbx_host_org_scientific_name      'Escherichia coli' 
_entity_src_gen.pdbx_host_org_ncbi_taxonomy_id     562 
_entity_src_gen.host_org_genus                     ? 
_entity_src_gen.pdbx_host_org_gene                 ? 
_entity_src_gen.pdbx_host_org_organ                ? 
_entity_src_gen.host_org_species                   ? 
_entity_src_gen.pdbx_host_org_tissue               ? 
_entity_src_gen.pdbx_host_org_tissue_fraction      ? 
_entity_src_gen.pdbx_host_org_strain               'BL21(DE3)' 
_entity_src_gen.pdbx_host_org_variant              ? 
_entity_src_gen.pdbx_host_org_cell_line            ? 
_entity_src_gen.pdbx_host_org_atcc                 ? 
_entity_src_gen.pdbx_host_org_culture_collection   ? 
_entity_src_gen.pdbx_host_org_cell                 ? 
_entity_src_gen.pdbx_host_org_organelle            ? 
_entity_src_gen.pdbx_host_org_cellular_location    ? 
_entity_src_gen.pdbx_host_org_vector_type          plasmid 
_entity_src_gen.pdbx_host_org_vector               ? 
_entity_src_gen.host_org_details                   ? 
_entity_src_gen.expression_system_id               ? 
_entity_src_gen.plasmid_name                       pET28 
_entity_src_gen.plasmid_details                    ? 
_entity_src_gen.pdbx_description                   ? 
# 
loop_
_chem_comp.id 
_chem_comp.type 
_chem_comp.mon_nstd_flag 
_chem_comp.name 
_chem_comp.pdbx_synonyms 
_chem_comp.formula 
_chem_comp.formula_weight 
ALA 'L-peptide linking' y ALANINE         ? 'C3 H7 N O2'     89.093  
ARG 'L-peptide linking' y ARGININE        ? 'C6 H15 N4 O2 1' 175.209 
ASN 'L-peptide linking' y ASPARAGINE      ? 'C4 H8 N2 O3'    132.118 
ASP 'L-peptide linking' y 'ASPARTIC ACID' ? 'C4 H7 N O4'     133.103 
GLN 'L-peptide linking' y GLUTAMINE       ? 'C5 H10 N2 O3'   146.144 
GLU 'L-peptide linking' y 'GLUTAMIC ACID' ? 'C5 H9 N O4'     147.129 
GLY 'peptide linking'   y GLYCINE         ? 'C2 H5 N O2'     75.067  
HIS 'L-peptide linking' y HISTIDINE       ? 'C6 H10 N3 O2 1' 156.162 
HOH non-polymer         . WATER           ? 'H2 O'           18.015  
ILE 'L-peptide linking' y ISOLEUCINE      ? 'C6 H13 N O2'    131.173 
LEU 'L-peptide linking' y LEUCINE         ? 'C6 H13 N O2'    131.173 
LYS 'L-peptide linking' y LYSINE          ? 'C6 H15 N2 O2 1' 147.195 
MET 'L-peptide linking' y METHIONINE      ? 'C5 H11 N O2 S'  149.211 
PHE 'L-peptide linking' y PHENYLALANINE   ? 'C9 H11 N O2'    165.189 
PRO 'L-peptide linking' y PROLINE         ? 'C5 H9 N O2'     115.130 
SER 'L-peptide linking' y SERINE          ? 'C3 H7 N O3'     105.093 
THR 'L-peptide linking' y THREONINE       ? 'C4 H9 N O3'     119.119 
TRP 'L-peptide linking' y TRYPTOPHAN      ? 'C11 H12 N2 O2'  204.225 
TYR 'L-peptide linking' y TYROSINE        ? 'C9 H11 N O3'    181.189 
VAL 'L-peptide linking' y VALINE          ? 'C5 H11 N O2'    117.146 
# 
loop_
_pdbx_poly_seq_scheme.asym_id 
_pdbx_poly_seq_scheme.entity_id 
_pdbx_poly_seq_scheme.seq_id 
_pdbx_poly_seq_scheme.mon_id 
_pdbx_poly_seq_scheme.ndb_seq_num 
_pdbx_poly_seq_scheme.pdb_seq_num 
_pdbx_poly_seq_scheme.auth_seq_num 
_pdbx_poly_seq_scheme.pdb_mon_id 
_pdbx_poly_seq_scheme.auth_mon_id 
_pdbx_poly_seq_scheme.pdb_strand_id 
_pdbx_poly_seq_scheme.pdb_ins_code 
_pdbx_poly_seq_scheme.hetero 
A 1 1   GLY 1   342 ?   ?   ?   A . n 
A 1 2   SER 2   343 ?   ?   ?   A . n 
A 1 3   HIS 3   344 ?   ?   ?   A . n 
A 1 4   MET 4   345 ?   ?   ?   A . n 
A 1 5   PRO 5   346 ?   ?   ?   A . n 
A 1 6   THR 6   347 ?   ?   ?   A . n 
A 1 7   THR 7   348 ?   ?   ?   A . n 
A 1 8   ALA 8   349 ?   ?   ?   A . n 
A 1 9   ALA 9   350 ?   ?   ?   A . n 
A 1 10  SER 10  351 ?   ?   ?   A . n 
A 1 11  THR 11  352 352 THR THR A . n 
A 1 12  PRO 12  353 353 PRO PRO A . n 
A 1 13  ASP 13  354 354 ASP ASP A . n 
A 1 14  ALA 14  355 355 ALA ALA A . n 
A 1 15  VAL 15  356 356 VAL VAL A . n 
A 1 16  ASP 16  357 357 ASP ASP A . n 
A 1 17  LYS 17  358 358 LYS ALA A . n 
A 1 18  TYR 18  359 359 TYR TYR A . n 
A 1 19  LEU 19  360 360 LEU LEU A . n 
A 1 20  GLU 20  361 361 GLU GLU A . n 
A 1 21  THR 21  362 362 THR THR A . n 
A 1 22  PRO 22  363 363 PRO PRO A . n 
A 1 23  GLY 23  364 364 GLY GLY A . n 
A 1 24  ASP 24  365 365 ASP ALA A . n 
A 1 25  GLU 25  366 366 GLU GLU A . n 
A 1 26  ASN 26  367 367 ASN ALA A . n 
A 1 27  GLU 27  368 368 GLU GLU A . n 
A 1 28  HIS 28  369 369 HIS HIS A . n 
A 1 29  ALA 29  370 370 ALA ALA A . n 
A 1 30  HIS 30  371 371 HIS HIS A . n 
A 1 31  PHE 31  372 372 PHE PHE A . n 
A 1 32  GLN 32  373 373 GLN GLN A . n 
A 1 33  LYS 33  374 374 LYS LYS A . n 
A 1 34  ALA 34  375 375 ALA ALA A . n 
A 1 35  LYS 35  376 376 LYS LYS A . n 
A 1 36  GLU 36  377 377 GLU GLU A . n 
A 1 37  ARG 37  378 378 ARG ARG A . n 
A 1 38  LEU 38  379 379 LEU LEU A . n 
A 1 39  GLU 39  380 380 GLU GLU A . n 
A 1 40  ALA 40  381 381 ALA ALA A . n 
A 1 41  LYS 41  382 382 LYS LYS A . n 
A 1 42  HIS 42  383 383 HIS HIS A . n 
A 1 43  ARG 43  384 384 ARG ARG A . n 
A 1 44  GLU 44  385 385 GLU GLU A . n 
A 1 45  ARG 45  386 386 ARG ARG A . n 
A 1 46  MET 46  387 387 MET MET A . n 
A 1 47  SER 47  388 388 SER SER A . n 
A 1 48  GLN 48  389 389 GLN GLN A . n 
A 1 49  VAL 49  390 390 VAL ALA A . n 
A 1 50  MET 50  391 391 MET MET A . n 
A 1 51  ARG 51  392 392 ARG ARG A . n 
A 1 52  GLU 52  393 393 GLU GLU A . n 
A 1 53  TRP 53  394 394 TRP TRP A . n 
A 1 54  GLU 54  395 395 GLU GLU A . n 
A 1 55  GLU 55  396 396 GLU ALA A . n 
A 1 56  ALA 56  397 397 ALA ALA A . n 
A 1 57  GLU 57  398 398 GLU ALA A . n 
A 1 58  ARG 58  399 399 ARG ARG A . n 
A 1 59  GLN 59  400 400 GLN GLN A . n 
A 1 60  ALA 60  401 401 ALA ALA A . n 
A 1 61  LYS 61  402 402 LYS ALA A . n 
A 1 62  ASN 62  403 403 ASN ALA A . n 
A 1 63  LEU 63  404 404 LEU LEU A . n 
A 1 64  PRO 64  405 405 PRO PRO A . n 
A 1 65  LYS 65  406 406 LYS ALA A . n 
A 1 66  ALA 66  407 407 ALA ALA A . n 
A 1 67  ASP 67  408 408 ASP ALA A . n 
A 1 68  LYS 68  409 409 LYS LYS A . n 
A 1 69  LYS 69  410 410 LYS LYS A . n 
A 1 70  ALA 70  411 411 ALA ALA A . n 
A 1 71  VAL 71  412 412 VAL VAL A . n 
A 1 72  ILE 72  413 413 ILE ILE A . n 
A 1 73  GLN 73  414 414 GLN ALA A . n 
A 1 74  HIS 74  415 415 HIS HIS A . n 
A 1 75  PHE 75  416 416 PHE PHE A . n 
A 1 76  GLN 76  417 417 GLN GLN A . n 
A 1 77  GLU 77  418 418 GLU GLU A . n 
A 1 78  LYS 78  419 419 LYS LYS A . n 
A 1 79  VAL 79  420 420 VAL VAL A . n 
A 1 80  GLU 80  421 421 GLU GLU A . n 
A 1 81  SER 81  422 422 SER SER A . n 
A 1 82  LEU 82  423 423 LEU LEU A . n 
A 1 83  GLU 83  424 424 GLU GLU A . n 
A 1 84  GLN 84  425 425 GLN GLN A . n 
A 1 85  GLU 85  426 426 GLU GLU A . n 
A 1 86  ALA 86  427 427 ALA ALA A . n 
A 1 87  ALA 87  428 428 ALA ALA A . n 
A 1 88  ASN 88  429 429 ASN ASN A . n 
A 1 89  GLU 89  430 430 GLU GLU A . n 
A 1 90  ARG 90  431 431 ARG ARG A . n 
A 1 91  GLN 91  432 432 GLN GLN A . n 
A 1 92  GLN 92  433 433 GLN GLN A . n 
A 1 93  LEU 93  434 434 LEU LEU A . n 
A 1 94  VAL 94  435 435 VAL VAL A . n 
A 1 95  GLU 95  436 436 GLU GLU A . n 
A 1 96  THR 96  437 437 THR THR A . n 
A 1 97  HIS 97  438 438 HIS HIS A . n 
A 1 98  MET 98  439 439 MET MET A . n 
A 1 99  ALA 99  440 440 ALA ALA A . n 
A 1 100 ARG 100 441 441 ARG ARG A . n 
A 1 101 VAL 101 442 442 VAL VAL A . n 
A 1 102 GLU 102 443 443 GLU GLU A . n 
A 1 103 ALA 103 444 444 ALA ALA A . n 
A 1 104 MET 104 445 445 MET ALA A . n 
A 1 105 LEU 105 446 446 LEU LEU A . n 
A 1 106 ASN 106 447 447 ASN ASN A . n 
A 1 107 ASP 107 448 448 ASP ASP A . n 
A 1 108 ARG 108 449 449 ARG ARG A . n 
A 1 109 ARG 109 450 450 ARG ARG A . n 
A 1 110 ARG 110 451 451 ARG ARG A . n 
A 1 111 LEU 111 452 452 LEU ALA A . n 
A 1 112 ALA 112 453 453 ALA ALA A . n 
A 1 113 LEU 113 454 454 LEU LEU A . n 
A 1 114 GLU 114 455 455 GLU GLU A . n 
A 1 115 ASN 115 456 456 ASN ASN A . n 
A 1 116 TYR 116 457 457 TYR TYR A . n 
A 1 117 ILE 117 458 458 ILE ILE A . n 
A 1 118 THR 118 459 459 THR THR A . n 
A 1 119 ALA 119 460 460 ALA ALA A . n 
A 1 120 LEU 120 461 461 LEU LEU A . n 
A 1 121 GLN 121 462 462 GLN GLN A . n 
A 1 122 ALA 122 463 463 ALA ALA A . n 
A 1 123 VAL 123 464 464 VAL ALA A . n 
A 1 124 PRO 124 465 465 PRO PRO A . n 
A 1 125 PRO 125 466 466 PRO PRO A . n 
A 1 126 ARG 126 467 467 ARG ARG A . n 
A 1 127 PRO 127 468 468 PRO PRO A . n 
A 1 128 ARG 128 469 469 ARG ARG A . n 
A 1 129 HIS 129 470 470 HIS ALA A . n 
A 1 130 VAL 130 471 471 VAL VAL A . n 
A 1 131 PHE 131 472 472 PHE PHE A . n 
A 1 132 ASN 132 473 473 ASN ALA A . n 
A 1 133 MET 133 474 474 MET ALA A . n 
A 1 134 LEU 134 475 475 LEU LEU A . n 
A 1 135 LYS 135 476 476 LYS LYS A . n 
A 1 136 LYS 136 477 477 LYS LYS A . n 
A 1 137 TYR 137 478 478 TYR TYR A . n 
A 1 138 VAL 138 479 479 VAL VAL A . n 
A 1 139 ARG 139 480 480 ARG ARG A . n 
A 1 140 ALA 140 481 481 ALA ALA A . n 
A 1 141 GLU 141 482 482 GLU GLU A . n 
A 1 142 GLN 142 483 483 GLN GLN A . n 
A 1 143 LYS 143 484 484 LYS ALA A . n 
A 1 144 ASP 144 485 485 ASP ASP A . n 
A 1 145 ARG 145 486 486 ARG ARG A . n 
A 1 146 GLN 146 487 487 GLN ALA A . n 
A 1 147 HIS 147 488 488 HIS HIS A . n 
A 1 148 THR 148 489 489 THR THR A . n 
A 1 149 LEU 149 490 490 LEU LEU A . n 
A 1 150 LYS 150 491 491 LYS LYS A . n 
A 1 151 HIS 151 492 492 HIS HIS A . n 
A 1 152 PHE 152 493 493 PHE PHE A . n 
A 1 153 GLU 153 494 494 GLU GLU A . n 
A 1 154 HIS 154 495 495 HIS HIS A . n 
A 1 155 VAL 155 496 496 VAL VAL A . n 
A 1 156 ARG 156 497 497 ARG ALA A . n 
A 1 157 MET 157 498 498 MET ALA A . n 
A 1 158 VAL 158 499 499 VAL ALA A . n 
A 1 159 ASP 159 500 500 ASP ALA A . n 
A 1 160 PRO 160 501 501 PRO PRO A . n 
A 1 161 LYS 161 502 502 LYS ALA A . n 
A 1 162 LYS 162 503 503 LYS LYS A . n 
A 1 163 ALA 163 504 504 ALA ALA A . n 
A 1 164 ALA 164 505 505 ALA ALA A . n 
A 1 165 GLN 165 506 506 GLN GLN A . n 
A 1 166 ILE 166 507 507 ILE ILE A . n 
A 1 167 ARG 167 508 508 ARG ALA A . n 
A 1 168 SER 168 509 509 SER ALA A . n 
A 1 169 GLN 169 510 510 GLN GLN A . n 
A 1 170 VAL 170 511 511 VAL VAL A . n 
A 1 171 MET 171 512 512 MET MET A . n 
A 1 172 THR 172 513 513 THR THR A . n 
A 1 173 HIS 173 514 514 HIS HIS A . n 
A 1 174 LEU 174 515 515 LEU LEU A . n 
A 1 175 ARG 175 516 516 ARG ALA A . n 
A 1 176 VAL 176 517 517 VAL VAL A . n 
A 1 177 ILE 177 518 518 ILE ILE A . n 
A 1 178 TYR 178 519 519 TYR TYR A . n 
A 1 179 GLU 179 520 520 GLU ALA A . n 
A 1 180 ARG 180 521 521 ARG ARG A . n 
A 1 181 MET 181 522 522 MET MET A . n 
A 1 182 ASN 182 523 523 ASN ASN A . n 
A 1 183 GLN 183 524 524 GLN ALA A . n 
A 1 184 SER 184 525 525 SER SER A . n 
A 1 185 LEU 185 526 526 LEU LEU A . n 
A 1 186 SER 186 527 527 SER SER A . n 
A 1 187 LEU 187 528 528 LEU ALA A . n 
A 1 188 LEU 188 529 529 LEU LEU A . n 
A 1 189 TYR 189 530 530 TYR ALA A . n 
A 1 190 ASN 190 531 531 ASN ALA A . n 
A 1 191 VAL 191 532 532 VAL ALA A . n 
A 1 192 PRO 192 533 533 PRO PRO A . n 
A 1 193 ALA 193 534 534 ALA ALA A . n 
A 1 194 VAL 194 535 535 VAL VAL A . n 
A 1 195 ALA 195 536 536 ALA ALA A . n 
A 1 196 GLU 196 537 537 GLU ALA A . n 
A 1 197 GLU 197 538 538 GLU GLU A . n 
A 1 198 ILE 198 539 539 ILE ILE A . n 
A 1 199 GLN 199 540 540 GLN GLN A . n 
A 1 200 ASP 200 541 541 ASP ASP A . n 
A 1 201 GLU 201 542 542 GLU ALA A . n 
A 1 202 VAL 202 543 543 VAL VAL A . n 
A 1 203 ASP 203 544 544 ASP ASP A . n 
A 1 204 GLU 204 545 545 GLU ALA A . n 
A 1 205 LEU 205 546 546 LEU LEU A . n 
A 1 206 LEU 206 547 547 LEU ALA A . n 
A 1 207 GLN 207 548 ?   ?   ?   A . n 
A 1 208 LYS 208 549 ?   ?   ?   A . n 
A 1 209 GLU 209 550 ?   ?   ?   A . n 
A 1 210 GLN 210 551 ?   ?   ?   A . n 
# 
loop_
_pdbx_nonpoly_scheme.asym_id 
_pdbx_nonpoly_scheme.entity_id 
_pdbx_nonpoly_scheme.mon_id 
_pdbx_nonpoly_scheme.ndb_seq_num 
_pdbx_nonpoly_scheme.pdb_seq_num 
_pdbx_nonpoly_scheme.auth_seq_num 
_pdbx_nonpoly_scheme.pdb_mon_id 
_pdbx_nonpoly_scheme.auth_mon_id 
_pdbx_nonpoly_scheme.pdb_strand_id 
_pdbx_nonpoly_scheme.pdb_ins_code 
B 2 HOH 1  1  1  HOH HOH A . 
B 2 HOH 2  2  2  HOH HOH A . 
B 2 HOH 3  3  3  HOH HOH A . 
B 2 HOH 4  4  4  HOH HOH A . 
B 2 HOH 5  5  5  HOH HOH A . 
B 2 HOH 6  6  6  HOH HOH A . 
B 2 HOH 7  7  7  HOH HOH A . 
B 2 HOH 8  8  8  HOH HOH A . 
B 2 HOH 9  9  9  HOH HOH A . 
B 2 HOH 10 10 10 HOH HOH A . 
B 2 HOH 11 11 11 HOH HOH A . 
B 2 HOH 12 12 12 HOH HOH A . 
B 2 HOH 13 13 13 HOH HOH A . 
B 2 HOH 14 14 14 HOH HOH A . 
B 2 HOH 15 15 15 HOH HOH A . 
B 2 HOH 16 16 16 HOH HOH A . 
B 2 HOH 17 17 17 HOH HOH A . 
B 2 HOH 18 18 18 HOH HOH A . 
B 2 HOH 19 19 19 HOH HOH A . 
B 2 HOH 20 20 20 HOH HOH A . 
B 2 HOH 21 21 21 HOH HOH A . 
B 2 HOH 22 22 22 HOH HOH A . 
B 2 HOH 23 23 23 HOH HOH A . 
B 2 HOH 24 24 24 HOH HOH A . 
B 2 HOH 25 25 25 HOH HOH A . 
B 2 HOH 26 26 26 HOH HOH A . 
B 2 HOH 27 27 27 HOH HOH A . 
B 2 HOH 28 28 28 HOH HOH A . 
B 2 HOH 29 29 29 HOH HOH A . 
B 2 HOH 30 30 30 HOH HOH A . 
B 2 HOH 31 31 31 HOH HOH A . 
B 2 HOH 32 32 32 HOH HOH A . 
B 2 HOH 33 33 33 HOH HOH A . 
B 2 HOH 34 34 34 HOH HOH A . 
B 2 HOH 35 35 35 HOH HOH A . 
B 2 HOH 36 36 36 HOH HOH A . 
B 2 HOH 37 37 37 HOH HOH A . 
B 2 HOH 38 38 38 HOH HOH A . 
# 
loop_
_pdbx_unobs_or_zero_occ_atoms.id 
_pdbx_unobs_or_zero_occ_atoms.PDB_model_num 
_pdbx_unobs_or_zero_occ_atoms.polymer_flag 
_pdbx_unobs_or_zero_occ_atoms.occupancy_flag 
_pdbx_unobs_or_zero_occ_atoms.auth_asym_id 
_pdbx_unobs_or_zero_occ_atoms.auth_comp_id 
_pdbx_unobs_or_zero_occ_atoms.auth_seq_id 
_pdbx_unobs_or_zero_occ_atoms.PDB_ins_code 
_pdbx_unobs_or_zero_occ_atoms.auth_atom_id 
_pdbx_unobs_or_zero_occ_atoms.label_alt_id 
_pdbx_unobs_or_zero_occ_atoms.label_asym_id 
_pdbx_unobs_or_zero_occ_atoms.label_comp_id 
_pdbx_unobs_or_zero_occ_atoms.label_seq_id 
_pdbx_unobs_or_zero_occ_atoms.label_atom_id 
1   1 Y 1 A THR 352 ? OG1 ? A THR 11  OG1 
2   1 Y 1 A THR 352 ? CG2 ? A THR 11  CG2 
3   1 Y 1 A LYS 358 ? CG  ? A LYS 17  CG  
4   1 Y 1 A LYS 358 ? CD  ? A LYS 17  CD  
5   1 Y 1 A LYS 358 ? CE  ? A LYS 17  CE  
6   1 Y 1 A LYS 358 ? NZ  ? A LYS 17  NZ  
7   1 Y 1 A ASP 365 ? CG  ? A ASP 24  CG  
8   1 Y 1 A ASP 365 ? OD1 ? A ASP 24  OD1 
9   1 Y 1 A ASP 365 ? OD2 ? A ASP 24  OD2 
10  1 Y 1 A ASN 367 ? CG  ? A ASN 26  CG  
11  1 Y 1 A ASN 367 ? OD1 ? A ASN 26  OD1 
12  1 Y 1 A ASN 367 ? ND2 ? A ASN 26  ND2 
13  1 Y 1 A LYS 374 ? CD  ? A LYS 33  CD  
14  1 Y 1 A LYS 374 ? CE  ? A LYS 33  CE  
15  1 Y 1 A LYS 374 ? NZ  ? A LYS 33  NZ  
16  1 Y 1 A GLU 377 ? CD  ? A GLU 36  CD  
17  1 Y 1 A GLU 377 ? OE1 ? A GLU 36  OE1 
18  1 Y 1 A GLU 377 ? OE2 ? A GLU 36  OE2 
19  1 Y 1 A ARG 378 ? CD  ? A ARG 37  CD  
20  1 Y 1 A ARG 378 ? NE  ? A ARG 37  NE  
21  1 Y 1 A ARG 378 ? CZ  ? A ARG 37  CZ  
22  1 Y 1 A ARG 378 ? NH1 ? A ARG 37  NH1 
23  1 Y 1 A ARG 378 ? NH2 ? A ARG 37  NH2 
24  1 Y 1 A LYS 382 ? CD  ? A LYS 41  CD  
25  1 Y 1 A LYS 382 ? CE  ? A LYS 41  CE  
26  1 Y 1 A LYS 382 ? NZ  ? A LYS 41  NZ  
27  1 Y 1 A GLN 389 ? CD  ? A GLN 48  CD  
28  1 Y 1 A GLN 389 ? OE1 ? A GLN 48  OE1 
29  1 Y 1 A GLN 389 ? NE2 ? A GLN 48  NE2 
30  1 Y 1 A VAL 390 ? CG1 ? A VAL 49  CG1 
31  1 Y 1 A VAL 390 ? CG2 ? A VAL 49  CG2 
32  1 Y 1 A GLU 396 ? CG  ? A GLU 55  CG  
33  1 Y 1 A GLU 396 ? CD  ? A GLU 55  CD  
34  1 Y 1 A GLU 396 ? OE1 ? A GLU 55  OE1 
35  1 Y 1 A GLU 396 ? OE2 ? A GLU 55  OE2 
36  1 Y 1 A GLU 398 ? CG  ? A GLU 57  CG  
37  1 Y 1 A GLU 398 ? CD  ? A GLU 57  CD  
38  1 Y 1 A GLU 398 ? OE1 ? A GLU 57  OE1 
39  1 Y 1 A GLU 398 ? OE2 ? A GLU 57  OE2 
40  1 Y 1 A LYS 402 ? CG  ? A LYS 61  CG  
41  1 Y 1 A LYS 402 ? CD  ? A LYS 61  CD  
42  1 Y 1 A LYS 402 ? CE  ? A LYS 61  CE  
43  1 Y 1 A LYS 402 ? NZ  ? A LYS 61  NZ  
44  1 Y 1 A ASN 403 ? CG  ? A ASN 62  CG  
45  1 Y 1 A ASN 403 ? OD1 ? A ASN 62  OD1 
46  1 Y 1 A ASN 403 ? ND2 ? A ASN 62  ND2 
47  1 Y 1 A LYS 406 ? CG  ? A LYS 65  CG  
48  1 Y 1 A LYS 406 ? CD  ? A LYS 65  CD  
49  1 Y 1 A LYS 406 ? CE  ? A LYS 65  CE  
50  1 Y 1 A LYS 406 ? NZ  ? A LYS 65  NZ  
51  1 Y 1 A ASP 408 ? CG  ? A ASP 67  CG  
52  1 Y 1 A ASP 408 ? OD1 ? A ASP 67  OD1 
53  1 Y 1 A ASP 408 ? OD2 ? A ASP 67  OD2 
54  1 Y 1 A LYS 410 ? CD  ? A LYS 69  CD  
55  1 Y 1 A LYS 410 ? CE  ? A LYS 69  CE  
56  1 Y 1 A LYS 410 ? NZ  ? A LYS 69  NZ  
57  1 Y 1 A GLN 414 ? CG  ? A GLN 73  CG  
58  1 Y 1 A GLN 414 ? CD  ? A GLN 73  CD  
59  1 Y 1 A GLN 414 ? OE1 ? A GLN 73  OE1 
60  1 Y 1 A GLN 414 ? NE2 ? A GLN 73  NE2 
61  1 Y 1 A GLN 425 ? CD  ? A GLN 84  CD  
62  1 Y 1 A GLN 425 ? OE1 ? A GLN 84  OE1 
63  1 Y 1 A GLN 425 ? NE2 ? A GLN 84  NE2 
64  1 Y 1 A GLN 432 ? CD  ? A GLN 91  CD  
65  1 Y 1 A GLN 432 ? OE1 ? A GLN 91  OE1 
66  1 Y 1 A GLN 432 ? NE2 ? A GLN 91  NE2 
67  1 Y 1 A MET 445 ? CG  ? A MET 104 CG  
68  1 Y 1 A MET 445 ? SD  ? A MET 104 SD  
69  1 Y 1 A MET 445 ? CE  ? A MET 104 CE  
70  1 Y 1 A ARG 449 ? CD  ? A ARG 108 CD  
71  1 Y 1 A ARG 449 ? NE  ? A ARG 108 NE  
72  1 Y 1 A ARG 449 ? CZ  ? A ARG 108 CZ  
73  1 Y 1 A ARG 449 ? NH1 ? A ARG 108 NH1 
74  1 Y 1 A ARG 449 ? NH2 ? A ARG 108 NH2 
75  1 Y 1 A LEU 452 ? CG  ? A LEU 111 CG  
76  1 Y 1 A LEU 452 ? CD1 ? A LEU 111 CD1 
77  1 Y 1 A LEU 452 ? CD2 ? A LEU 111 CD2 
78  1 Y 1 A VAL 464 ? CG1 ? A VAL 123 CG1 
79  1 Y 1 A VAL 464 ? CG2 ? A VAL 123 CG2 
80  1 Y 1 A ARG 467 ? CD  ? A ARG 126 CD  
81  1 Y 1 A ARG 467 ? NE  ? A ARG 126 NE  
82  1 Y 1 A ARG 467 ? CZ  ? A ARG 126 CZ  
83  1 Y 1 A ARG 467 ? NH1 ? A ARG 126 NH1 
84  1 Y 1 A ARG 467 ? NH2 ? A ARG 126 NH2 
85  1 Y 1 A ARG 469 ? CD  ? A ARG 128 CD  
86  1 Y 1 A ARG 469 ? NE  ? A ARG 128 NE  
87  1 Y 1 A ARG 469 ? CZ  ? A ARG 128 CZ  
88  1 Y 1 A ARG 469 ? NH1 ? A ARG 128 NH1 
89  1 Y 1 A ARG 469 ? NH2 ? A ARG 128 NH2 
90  1 Y 1 A HIS 470 ? CG  ? A HIS 129 CG  
91  1 Y 1 A HIS 470 ? ND1 ? A HIS 129 ND1 
92  1 Y 1 A HIS 470 ? CD2 ? A HIS 129 CD2 
93  1 Y 1 A HIS 470 ? CE1 ? A HIS 129 CE1 
94  1 Y 1 A HIS 470 ? NE2 ? A HIS 129 NE2 
95  1 Y 1 A ASN 473 ? CG  ? A ASN 132 CG  
96  1 Y 1 A ASN 473 ? OD1 ? A ASN 132 OD1 
97  1 Y 1 A ASN 473 ? ND2 ? A ASN 132 ND2 
98  1 Y 1 A MET 474 ? CG  ? A MET 133 CG  
99  1 Y 1 A MET 474 ? SD  ? A MET 133 SD  
100 1 Y 1 A MET 474 ? CE  ? A MET 133 CE  
101 1 Y 1 A LYS 477 ? CD  ? A LYS 136 CD  
102 1 Y 1 A LYS 477 ? CE  ? A LYS 136 CE  
103 1 Y 1 A LYS 477 ? NZ  ? A LYS 136 NZ  
104 1 Y 1 A ARG 480 ? CD  ? A ARG 139 CD  
105 1 Y 1 A ARG 480 ? NE  ? A ARG 139 NE  
106 1 Y 1 A ARG 480 ? CZ  ? A ARG 139 CZ  
107 1 Y 1 A ARG 480 ? NH1 ? A ARG 139 NH1 
108 1 Y 1 A ARG 480 ? NH2 ? A ARG 139 NH2 
109 1 Y 1 A LYS 484 ? CG  ? A LYS 143 CG  
110 1 Y 1 A LYS 484 ? CD  ? A LYS 143 CD  
111 1 Y 1 A LYS 484 ? CE  ? A LYS 143 CE  
112 1 Y 1 A LYS 484 ? NZ  ? A LYS 143 NZ  
113 1 Y 1 A GLN 487 ? CG  ? A GLN 146 CG  
114 1 Y 1 A GLN 487 ? CD  ? A GLN 146 CD  
115 1 Y 1 A GLN 487 ? OE1 ? A GLN 146 OE1 
116 1 Y 1 A GLN 487 ? NE2 ? A GLN 146 NE2 
117 1 Y 1 A ARG 497 ? CG  ? A ARG 156 CG  
118 1 Y 1 A ARG 497 ? CD  ? A ARG 156 CD  
119 1 Y 1 A ARG 497 ? NE  ? A ARG 156 NE  
120 1 Y 1 A ARG 497 ? CZ  ? A ARG 156 CZ  
121 1 Y 1 A ARG 497 ? NH1 ? A ARG 156 NH1 
122 1 Y 1 A ARG 497 ? NH2 ? A ARG 156 NH2 
123 1 Y 1 A MET 498 ? CG  ? A MET 157 CG  
124 1 Y 1 A MET 498 ? SD  ? A MET 157 SD  
125 1 Y 1 A MET 498 ? CE  ? A MET 157 CE  
126 1 Y 1 A VAL 499 ? CG1 ? A VAL 158 CG1 
127 1 Y 1 A VAL 499 ? CG2 ? A VAL 158 CG2 
128 1 Y 1 A ASP 500 ? CG  ? A ASP 159 CG  
129 1 Y 1 A ASP 500 ? OD1 ? A ASP 159 OD1 
130 1 Y 1 A ASP 500 ? OD2 ? A ASP 159 OD2 
131 1 Y 1 A LYS 502 ? CG  ? A LYS 161 CG  
132 1 Y 1 A LYS 502 ? CD  ? A LYS 161 CD  
133 1 Y 1 A LYS 502 ? CE  ? A LYS 161 CE  
134 1 Y 1 A LYS 502 ? NZ  ? A LYS 161 NZ  
135 1 Y 1 A LYS 503 ? CD  ? A LYS 162 CD  
136 1 Y 1 A LYS 503 ? CE  ? A LYS 162 CE  
137 1 Y 1 A LYS 503 ? NZ  ? A LYS 162 NZ  
138 1 Y 1 A ARG 508 ? CG  ? A ARG 167 CG  
139 1 Y 1 A ARG 508 ? CD  ? A ARG 167 CD  
140 1 Y 1 A ARG 508 ? NE  ? A ARG 167 NE  
141 1 Y 1 A ARG 508 ? CZ  ? A ARG 167 CZ  
142 1 Y 1 A ARG 508 ? NH1 ? A ARG 167 NH1 
143 1 Y 1 A ARG 508 ? NH2 ? A ARG 167 NH2 
144 1 Y 1 A SER 509 ? OG  ? A SER 168 OG  
145 1 Y 1 A ARG 516 ? CG  ? A ARG 175 CG  
146 1 Y 1 A ARG 516 ? CD  ? A ARG 175 CD  
147 1 Y 1 A ARG 516 ? NE  ? A ARG 175 NE  
148 1 Y 1 A ARG 516 ? CZ  ? A ARG 175 CZ  
149 1 Y 1 A ARG 516 ? NH1 ? A ARG 175 NH1 
150 1 Y 1 A ARG 516 ? NH2 ? A ARG 175 NH2 
151 1 Y 1 A GLU 520 ? CG  ? A GLU 179 CG  
152 1 Y 1 A GLU 520 ? CD  ? A GLU 179 CD  
153 1 Y 1 A GLU 520 ? OE1 ? A GLU 179 OE1 
154 1 Y 1 A GLU 520 ? OE2 ? A GLU 179 OE2 
155 1 Y 1 A GLN 524 ? CG  ? A GLN 183 CG  
156 1 Y 1 A GLN 524 ? CD  ? A GLN 183 CD  
157 1 Y 1 A GLN 524 ? OE1 ? A GLN 183 OE1 
158 1 Y 1 A GLN 524 ? NE2 ? A GLN 183 NE2 
159 1 Y 1 A LEU 528 ? CG  ? A LEU 187 CG  
160 1 Y 1 A LEU 528 ? CD1 ? A LEU 187 CD1 
161 1 Y 1 A LEU 528 ? CD2 ? A LEU 187 CD2 
162 1 Y 1 A TYR 530 ? CG  ? A TYR 189 CG  
163 1 Y 1 A TYR 530 ? CD1 ? A TYR 189 CD1 
164 1 Y 1 A TYR 530 ? CD2 ? A TYR 189 CD2 
165 1 Y 1 A TYR 530 ? CE1 ? A TYR 189 CE1 
166 1 Y 1 A TYR 530 ? CE2 ? A TYR 189 CE2 
167 1 Y 1 A TYR 530 ? CZ  ? A TYR 189 CZ  
168 1 Y 1 A TYR 530 ? OH  ? A TYR 189 OH  
169 1 Y 1 A ASN 531 ? CG  ? A ASN 190 CG  
170 1 Y 1 A ASN 531 ? OD1 ? A ASN 190 OD1 
171 1 Y 1 A ASN 531 ? ND2 ? A ASN 190 ND2 
172 1 Y 1 A VAL 532 ? CG1 ? A VAL 191 CG1 
173 1 Y 1 A VAL 532 ? CG2 ? A VAL 191 CG2 
174 1 Y 1 A GLU 537 ? CG  ? A GLU 196 CG  
175 1 Y 1 A GLU 537 ? CD  ? A GLU 196 CD  
176 1 Y 1 A GLU 537 ? OE1 ? A GLU 196 OE1 
177 1 Y 1 A GLU 537 ? OE2 ? A GLU 196 OE2 
178 1 Y 1 A GLU 538 ? CD  ? A GLU 197 CD  
179 1 Y 1 A GLU 538 ? OE1 ? A GLU 197 OE1 
180 1 Y 1 A GLU 538 ? OE2 ? A GLU 197 OE2 
181 1 Y 1 A GLN 540 ? CD  ? A GLN 199 CD  
182 1 Y 1 A GLN 540 ? OE1 ? A GLN 199 OE1 
183 1 Y 1 A GLN 540 ? NE2 ? A GLN 199 NE2 
184 1 Y 1 A ASP 541 ? OD1 ? A ASP 200 OD1 
185 1 Y 1 A ASP 541 ? OD2 ? A ASP 200 OD2 
186 1 Y 1 A GLU 542 ? CG  ? A GLU 201 CG  
187 1 Y 1 A GLU 542 ? CD  ? A GLU 201 CD  
188 1 Y 1 A GLU 542 ? OE1 ? A GLU 201 OE1 
189 1 Y 1 A GLU 542 ? OE2 ? A GLU 201 OE2 
190 1 Y 1 A GLU 545 ? CG  ? A GLU 204 CG  
191 1 Y 1 A GLU 545 ? CD  ? A GLU 204 CD  
192 1 Y 1 A GLU 545 ? OE1 ? A GLU 204 OE1 
193 1 Y 1 A GLU 545 ? OE2 ? A GLU 204 OE2 
194 1 Y 1 A LEU 547 ? CG  ? A LEU 206 CG  
195 1 Y 1 A LEU 547 ? CD1 ? A LEU 206 CD1 
196 1 Y 1 A LEU 547 ? CD2 ? A LEU 206 CD2 
# 
loop_
_software.pdbx_ordinal 
_software.name 
_software.version 
_software.date 
_software.type 
_software.contact_author 
_software.contact_author_email 
_software.classification 
_software.location 
_software.language 
_software.citation_id 
1 SCALEPACK   .        ?               program 'Zbyszek Otwinowski' hkl@hkl-xray.com         'data scaling'    
http://www.hkl-xray.com/                     ?          ? 
2 SOLVE       .        ?               program 'Tom Terwilliger'    terwilliger@LANL.gov     phasing           
http://www.solve.lanl.gov/                   ?          ? 
3 DM          .        ?               program 'Kevin Cowtan'       kowtan@ysbl.york.ac.uk   phasing           
http://www.ccp4.ac.uk/dist/html/dm.html      Fortran_77 ? 
4 REFMAC      5.5.0109 ?               program 'Garib N. Murshudov' garib@ysbl.york.ac.uk    refinement        
http://www.ccp4.ac.uk/dist/html/refmac5.html Fortran_77 ? 
5 PDB_EXTRACT 3.10     'June 10, 2010' package PDB                  deposit@deposit.rcsb.org 'data extraction' 
http://sw-tools.pdb.org/apps/PDB_EXTRACT/    C++        ? 
6 CBASS       .        ?               ?       ?                    ?                        'data collection' ? ?          ? 
7 HKL-2000    .        ?               ?       ?                    ?                        'data reduction'  ? ?          ? 
# 
_cell.length_a           83.589 
_cell.length_b           83.589 
_cell.length_c           147.341 
_cell.angle_alpha        90.000 
_cell.angle_beta         90.000 
_cell.angle_gamma        90.000 
_cell.entry_id           3NYL 
_cell.pdbx_unique_axis   ? 
_cell.Z_PDB              16 
_cell.length_a_esd       ? 
_cell.length_b_esd       ? 
_cell.length_c_esd       ? 
_cell.angle_alpha_esd    ? 
_cell.angle_beta_esd     ? 
_cell.angle_gamma_esd    ? 
# 
_symmetry.space_group_name_H-M             'I 4 2 2' 
_symmetry.entry_id                         3NYL 
_symmetry.pdbx_full_space_group_name_H-M   ? 
_symmetry.Int_Tables_number                97 
_symmetry.cell_setting                     ? 
_symmetry.space_group_name_Hall            ? 
# 
_exptl.crystals_number   1 
_exptl.entry_id          3NYL 
_exptl.method            'X-RAY DIFFRACTION' 
# 
_exptl_crystal.id                    1 
_exptl_crystal.density_Matthews      2.60 
_exptl_crystal.density_meas          ? 
_exptl_crystal.density_percent_sol   52.72 
_exptl_crystal.description           ? 
_exptl_crystal.F_000                 ? 
_exptl_crystal.preparation           ? 
# 
_exptl_crystal_grow.crystal_id      1 
_exptl_crystal_grow.method          'VAPOR DIFFUSION' 
_exptl_crystal_grow.pH              4.5 
_exptl_crystal_grow.temp            298 
_exptl_crystal_grow.pdbx_details    '2M NaCl, 0.1M NaOAc, pH 4.5, VAPOR DIFFUSION, temperature 298K' 
_exptl_crystal_grow.temp_details    ? 
_exptl_crystal_grow.pdbx_pH_range   ? 
# 
_diffrn.id                     1 
_diffrn.ambient_temp           100 
_diffrn.ambient_temp_details   ? 
_diffrn.crystal_id             1 
# 
_diffrn_detector.diffrn_id              1 
_diffrn_detector.detector               CCD 
_diffrn_detector.type                   ? 
_diffrn_detector.pdbx_collection_date   ? 
_diffrn_detector.details                ? 
# 
_diffrn_radiation.diffrn_id                        1 
_diffrn_radiation.pdbx_diffrn_protocol             'SINGLE WAVELENGTH' 
_diffrn_radiation.monochromator                    ? 
_diffrn_radiation.wavelength_id                    1 
_diffrn_radiation.pdbx_monochromatic_or_laue_m_l   M 
_diffrn_radiation.pdbx_scattering_type             x-ray 
# 
_diffrn_radiation_wavelength.id           1 
_diffrn_radiation_wavelength.wavelength   1.009 
_diffrn_radiation_wavelength.wt           1.0 
# 
_diffrn_source.diffrn_id                   1 
_diffrn_source.source                      SYNCHROTRON 
_diffrn_source.type                        'NSLS BEAMLINE X25' 
_diffrn_source.pdbx_wavelength_list        1.009 
_diffrn_source.pdbx_wavelength             ? 
_diffrn_source.pdbx_synchrotron_site       NSLS 
_diffrn_source.pdbx_synchrotron_beamline   X25 
# 
_reflns.entry_id                     3NYL 
_reflns.observed_criterion_sigma_F   0 
_reflns.observed_criterion_sigma_I   0 
_reflns.d_resolution_high            2.8 
_reflns.d_resolution_low             40 
_reflns.number_all                   6778 
_reflns.number_obs                   6419 
_reflns.percent_possible_obs         94.7 
_reflns.pdbx_Rmerge_I_obs            0.050 
_reflns.pdbx_Rsym_value              0.050 
_reflns.pdbx_netI_over_sigmaI        24.3 
_reflns.B_iso_Wilson_estimate        77 
_reflns.pdbx_redundancy              8 
_reflns.R_free_details               ? 
_reflns.limit_h_max                  ? 
_reflns.limit_h_min                  ? 
_reflns.limit_k_max                  ? 
_reflns.limit_k_min                  ? 
_reflns.limit_l_max                  ? 
_reflns.limit_l_min                  ? 
_reflns.observed_criterion_F_max     ? 
_reflns.observed_criterion_F_min     ? 
_reflns.pdbx_chi_squared             ? 
_reflns.pdbx_scaling_rejects         ? 
_reflns.pdbx_ordinal                 1 
_reflns.pdbx_diffrn_id               1 
# 
_reflns_shell.d_res_high             2.8 
_reflns_shell.d_res_low              2.9 
_reflns_shell.percent_possible_obs   ? 
_reflns_shell.percent_possible_all   64.8 
_reflns_shell.Rmerge_I_obs           ? 
_reflns_shell.meanI_over_sigI_obs    ? 
_reflns_shell.pdbx_Rsym_value        ? 
_reflns_shell.pdbx_redundancy        ? 
_reflns_shell.number_unique_all      ? 
_reflns_shell.number_measured_all    ? 
_reflns_shell.number_measured_obs    ? 
_reflns_shell.number_unique_obs      ? 
_reflns_shell.pdbx_chi_squared       ? 
_reflns_shell.pdbx_ordinal           1 
_reflns_shell.pdbx_diffrn_id         1 
# 
_refine.entry_id                                 3NYL 
_refine.ls_d_res_high                            2.8000 
_refine.ls_d_res_low                             40 
_refine.pdbx_ls_sigma_F                          0 
_refine.pdbx_data_cutoff_high_absF               ? 
_refine.pdbx_data_cutoff_low_absF                ? 
_refine.ls_percent_reflns_obs                    ? 
_refine.ls_number_reflns_obs                     6419 
_refine.ls_number_reflns_all                     6778 
_refine.pdbx_ls_cross_valid_method               ? 
_refine.pdbx_R_Free_selection_details            ramdon 
_refine.details                                  ? 
_refine.ls_R_factor_all                          0.265 
_refine.ls_R_factor_obs                          0.265 
_refine.ls_R_factor_R_work                       0.2581 
_refine.ls_wR_factor_R_work                      ? 
_refine.ls_R_factor_R_free                       0.3220 
_refine.ls_wR_factor_R_free                      ? 
_refine.ls_percent_reflns_R_free                 ? 
_refine.ls_number_reflns_R_free                  666 
_refine.ls_R_factor_R_free_error                 ? 
_refine.B_iso_mean                               57.7311 
_refine.solvent_model_param_bsol                 ? 
_refine.solvent_model_param_ksol                 ? 
_refine.pdbx_isotropic_thermal_model             ? 
_refine.aniso_B[1][1]                            ? 
_refine.aniso_B[2][2]                            ? 
_refine.aniso_B[3][3]                            ? 
_refine.aniso_B[1][2]                            ? 
_refine.aniso_B[1][3]                            ? 
_refine.aniso_B[2][3]                            ? 
_refine.correlation_coeff_Fo_to_Fc               ? 
_refine.correlation_coeff_Fo_to_Fc_free          ? 
_refine.overall_SU_R_Cruickshank_DPI             ? 
_refine.overall_SU_R_free                        ? 
_refine.pdbx_overall_ESU_R_Free                  ? 
_refine.overall_SU_ML                            ? 
_refine.overall_SU_B                             ? 
_refine.solvent_model_details                    ? 
_refine.pdbx_solvent_vdw_probe_radii             ? 
_refine.pdbx_solvent_ion_probe_radii             ? 
_refine.pdbx_solvent_shrinkage_radii             ? 
_refine.ls_number_parameters                     ? 
_refine.ls_number_restraints                     ? 
_refine.pdbx_starting_model                      ? 
_refine.pdbx_method_to_determine_struct          MAD 
_refine.pdbx_stereochemistry_target_values       'Engh & Huber' 
_refine.pdbx_stereochem_target_val_spec_case     ? 
_refine.overall_FOM_work_R_set                   ? 
_refine.B_iso_max                                191.820 
_refine.B_iso_min                                6.110 
_refine.occupancy_max                            1.000 
_refine.occupancy_min                            1.000 
_refine.pdbx_ls_sigma_I                          0 
_refine.ls_redundancy_reflns_obs                 ? 
_refine.ls_R_factor_R_free_error_details         ? 
_refine.pdbx_data_cutoff_high_rms_absF           ? 
_refine.overall_FOM_free_R_set                   ? 
_refine.pdbx_overall_phase_error                 ? 
_refine.pdbx_refine_id                           'X-RAY DIFFRACTION' 
_refine.pdbx_overall_ESU_R                       ? 
_refine.pdbx_diffrn_id                           1 
_refine.pdbx_TLS_residual_ADP_flag               ? 
_refine.pdbx_overall_SU_R_free_Cruickshank_DPI   ? 
_refine.pdbx_overall_SU_R_Blow_DPI               ? 
_refine.pdbx_overall_SU_R_free_Blow_DPI          ? 
# 
_refine_hist.pdbx_refine_id                   'X-RAY DIFFRACTION' 
_refine_hist.cycle_id                         LAST 
_refine_hist.pdbx_number_atoms_protein        1435 
_refine_hist.pdbx_number_atoms_nucleic_acid   0 
_refine_hist.pdbx_number_atoms_ligand         0 
_refine_hist.number_atoms_solvent             38 
_refine_hist.number_atoms_total               1473 
_refine_hist.d_res_high                       2.8000 
_refine_hist.d_res_low                        40 
# 
_struct.entry_id                  3NYL 
_struct.title                     'The X-ray structure of an antiparallel dimer of the human amyloid precursor protein E2 domain' 
_struct.pdbx_model_details        ? 
_struct.pdbx_CASP_flag            ? 
_struct.pdbx_model_type_details   ? 
# 
_struct_keywords.entry_id        3NYL 
_struct_keywords.text            
;Alzheimer's disease, helical hairpin, CELL ADHESION
;
_struct_keywords.pdbx_keywords   'CELL ADHESION' 
# 
loop_
_struct_asym.id 
_struct_asym.pdbx_blank_PDB_chainid_flag 
_struct_asym.pdbx_modified 
_struct_asym.entity_id 
_struct_asym.details 
A N N 1 ? 
B N N 2 ? 
# 
_struct_ref.id                         1 
_struct_ref.db_name                    UNP 
_struct_ref.db_code                    D3DSD2_HUMAN 
_struct_ref.pdbx_db_accession          D3DSD2 
_struct_ref.entity_id                  1 
_struct_ref.pdbx_seq_one_letter_code   
;PTTAASTPDAVDKYLETPGDENEHAHFQKAKERLEAKHRERMSQVMREWEEAERQAKNLPKADKKAVIQHFQEKVESLEQ
EAANERQQLVETHMARVEAMLNDRRRLALENYITALQAVPPRPRHVFNMLKKYVRAEQKDRQHTLKHFEHVRMVDPKKAA
QIRSQVMTHLRVIYERMNQSLSLLYNVPAVAEEIQDEVDELLQKEQ
;
_struct_ref.pdbx_align_begin           346 
_struct_ref.pdbx_db_isoform            ? 
# 
_struct_ref_seq.align_id                      1 
_struct_ref_seq.ref_id                        1 
_struct_ref_seq.pdbx_PDB_id_code              3NYL 
_struct_ref_seq.pdbx_strand_id                A 
_struct_ref_seq.seq_align_beg                 5 
_struct_ref_seq.pdbx_seq_align_beg_ins_code   ? 
_struct_ref_seq.seq_align_end                 210 
_struct_ref_seq.pdbx_seq_align_end_ins_code   ? 
_struct_ref_seq.pdbx_db_accession             D3DSD2 
_struct_ref_seq.db_align_beg                  346 
_struct_ref_seq.pdbx_db_align_beg_ins_code    ? 
_struct_ref_seq.db_align_end                  551 
_struct_ref_seq.pdbx_db_align_end_ins_code    ? 
_struct_ref_seq.pdbx_auth_seq_align_beg       346 
_struct_ref_seq.pdbx_auth_seq_align_end       551 
# 
loop_
_struct_ref_seq_dif.align_id 
_struct_ref_seq_dif.pdbx_pdb_id_code 
_struct_ref_seq_dif.mon_id 
_struct_ref_seq_dif.pdbx_pdb_strand_id 
_struct_ref_seq_dif.seq_num 
_struct_ref_seq_dif.pdbx_pdb_ins_code 
_struct_ref_seq_dif.pdbx_seq_db_name 
_struct_ref_seq_dif.pdbx_seq_db_accession_code 
_struct_ref_seq_dif.db_mon_id 
_struct_ref_seq_dif.pdbx_seq_db_seq_num 
_struct_ref_seq_dif.details 
_struct_ref_seq_dif.pdbx_auth_seq_num 
_struct_ref_seq_dif.pdbx_ordinal 
1 3NYL GLY A 1 ? UNP D3DSD2 ? ? 'expression tag' 342 1 
1 3NYL SER A 2 ? UNP D3DSD2 ? ? 'expression tag' 343 2 
1 3NYL HIS A 3 ? UNP D3DSD2 ? ? 'expression tag' 344 3 
1 3NYL MET A 4 ? UNP D3DSD2 ? ? 'expression tag' 345 4 
# 
_pdbx_struct_assembly.id                   1 
_pdbx_struct_assembly.details              author_and_software_defined_assembly 
_pdbx_struct_assembly.method_details       PISA 
_pdbx_struct_assembly.oligomeric_details   dimeric 
_pdbx_struct_assembly.oligomeric_count     2 
# 
loop_
_pdbx_struct_assembly_prop.biol_id 
_pdbx_struct_assembly_prop.type 
_pdbx_struct_assembly_prop.value 
_pdbx_struct_assembly_prop.details 
1 'ABSA (A^2)' 3040  ? 
1 MORE         -13   ? 
1 'SSA (A^2)'  20920 ? 
# 
_pdbx_struct_assembly_gen.assembly_id       1 
_pdbx_struct_assembly_gen.oper_expression   1,2 
_pdbx_struct_assembly_gen.asym_id_list      A,B 
# 
loop_
_pdbx_struct_oper_list.id 
_pdbx_struct_oper_list.type 
_pdbx_struct_oper_list.name 
_pdbx_struct_oper_list.symmetry_operation 
_pdbx_struct_oper_list.matrix[1][1] 
_pdbx_struct_oper_list.matrix[1][2] 
_pdbx_struct_oper_list.matrix[1][3] 
_pdbx_struct_oper_list.vector[1] 
_pdbx_struct_oper_list.matrix[2][1] 
_pdbx_struct_oper_list.matrix[2][2] 
_pdbx_struct_oper_list.matrix[2][3] 
_pdbx_struct_oper_list.vector[2] 
_pdbx_struct_oper_list.matrix[3][1] 
_pdbx_struct_oper_list.matrix[3][2] 
_pdbx_struct_oper_list.matrix[3][3] 
_pdbx_struct_oper_list.vector[3] 
1 'identity operation'         1_555 x,y,z       1.0000000000 0.0000000000  0.0000000000  0.0000000000 0.0000000000  1.0000000000  0.0000000000 0.0000000000   0.0000000000  0.0000000000 1.0000000000  0.0000000000  
2 'crystal symmetry operation' 5_656 -x+1,y,-z+1 0.6190107156 -0.1929921891 -0.7613013522 8.3224208808 -0.1929921891 -0.9769946025 0.0907499951 -11.6253223409 -0.7613013522 0.0907499951 -0.6420161131 20.6458125257 
# 
_struct_biol.id        1 
_struct_biol.details   ? 
# 
loop_
_struct_conf.conf_type_id 
_struct_conf.id 
_struct_conf.pdbx_PDB_helix_id 
_struct_conf.beg_label_comp_id 
_struct_conf.beg_label_asym_id 
_struct_conf.beg_label_seq_id 
_struct_conf.pdbx_beg_PDB_ins_code 
_struct_conf.end_label_comp_id 
_struct_conf.end_label_asym_id 
_struct_conf.end_label_seq_id 
_struct_conf.pdbx_end_PDB_ins_code 
_struct_conf.beg_auth_comp_id 
_struct_conf.beg_auth_asym_id 
_struct_conf.beg_auth_seq_id 
_struct_conf.end_auth_comp_id 
_struct_conf.end_auth_asym_id 
_struct_conf.end_auth_seq_id 
_struct_conf.pdbx_PDB_helix_class 
_struct_conf.details 
_struct_conf.pdbx_PDB_helix_length 
HELX_P HELX_P1 1 ASP A 13  ? THR A 21  ? ASP A 354 THR A 362 1 ? 9  
HELX_P HELX_P2 2 GLU A 27  ? LYS A 61  ? GLU A 368 LYS A 402 1 ? 35 
HELX_P HELX_P3 3 PRO A 64  ? ALA A 122 ? PRO A 405 ALA A 463 1 ? 59 
HELX_P HELX_P4 4 ARG A 126 ? HIS A 154 ? ARG A 467 HIS A 495 1 ? 29 
HELX_P HELX_P5 5 LYS A 161 ? SER A 186 ? LYS A 502 SER A 527 1 ? 26 
HELX_P HELX_P6 6 SER A 186 ? VAL A 191 ? SER A 527 VAL A 532 1 ? 6  
HELX_P HELX_P7 7 ALA A 193 ? LEU A 206 ? ALA A 534 LEU A 547 1 ? 14 
# 
_struct_conf_type.id          HELX_P 
_struct_conf_type.criteria    ? 
_struct_conf_type.reference   ? 
# 
loop_
_pdbx_validate_torsion.id 
_pdbx_validate_torsion.PDB_model_num 
_pdbx_validate_torsion.auth_comp_id 
_pdbx_validate_torsion.auth_asym_id 
_pdbx_validate_torsion.auth_seq_id 
_pdbx_validate_torsion.PDB_ins_code 
_pdbx_validate_torsion.label_alt_id 
_pdbx_validate_torsion.phi 
_pdbx_validate_torsion.psi 
1  1 PRO A 353 ? ? -61.67  88.87   
2  1 THR A 362 ? ? -118.32 76.88   
3  1 ASP A 365 ? ? -24.31  146.43  
4  1 GLU A 368 ? ? 11.06   -79.38  
5  1 GLU A 385 ? ? -62.99  -70.17  
6  1 GLN A 400 ? ? -62.08  -72.65  
7  1 ALA A 401 ? ? -57.83  -4.25   
8  1 ASN A 403 ? ? -77.99  33.25   
9  1 PRO A 466 ? ? -55.40  86.18   
10 1 ARG A 467 ? ? -64.07  91.18   
11 1 VAL A 496 ? ? -96.75  57.01   
12 1 MET A 498 ? ? 152.70  -4.10   
13 1 VAL A 499 ? ? -9.87   105.23  
14 1 ASP A 500 ? ? -106.41 -93.51  
15 1 PRO A 501 ? ? -71.25  -132.79 
16 1 TYR A 519 ? ? -61.85  -73.31  
17 1 VAL A 532 ? ? -115.02 70.01   
18 1 PRO A 533 ? ? -66.38  81.08   
19 1 ALA A 534 ? ? -170.59 -70.87  
20 1 GLN A 540 ? ? -32.17  -88.30  
21 1 ASP A 541 ? ? -37.39  -32.98  
# 
_phasing.method   MAD 
# 
loop_
_pdbx_unobs_or_zero_occ_residues.id 
_pdbx_unobs_or_zero_occ_residues.PDB_model_num 
_pdbx_unobs_or_zero_occ_residues.polymer_flag 
_pdbx_unobs_or_zero_occ_residues.occupancy_flag 
_pdbx_unobs_or_zero_occ_residues.auth_asym_id 
_pdbx_unobs_or_zero_occ_residues.auth_comp_id 
_pdbx_unobs_or_zero_occ_residues.auth_seq_id 
_pdbx_unobs_or_zero_occ_residues.PDB_ins_code 
_pdbx_unobs_or_zero_occ_residues.label_asym_id 
_pdbx_unobs_or_zero_occ_residues.label_comp_id 
_pdbx_unobs_or_zero_occ_residues.label_seq_id 
1  1 Y 1 A GLY 342 ? A GLY 1   
2  1 Y 1 A SER 343 ? A SER 2   
3  1 Y 1 A HIS 344 ? A HIS 3   
4  1 Y 1 A MET 345 ? A MET 4   
5  1 Y 1 A PRO 346 ? A PRO 5   
6  1 Y 1 A THR 347 ? A THR 6   
7  1 Y 1 A THR 348 ? A THR 7   
8  1 Y 1 A ALA 349 ? A ALA 8   
9  1 Y 1 A ALA 350 ? A ALA 9   
10 1 Y 1 A SER 351 ? A SER 10  
11 1 Y 1 A GLN 548 ? A GLN 207 
12 1 Y 1 A LYS 549 ? A LYS 208 
13 1 Y 1 A GLU 550 ? A GLU 209 
14 1 Y 1 A GLN 551 ? A GLN 210 
# 
loop_
_chem_comp_atom.comp_id 
_chem_comp_atom.atom_id 
_chem_comp_atom.type_symbol 
_chem_comp_atom.pdbx_aromatic_flag 
_chem_comp_atom.pdbx_stereo_config 
_chem_comp_atom.pdbx_ordinal 
ALA N    N N N 1   
ALA CA   C N S 2   
ALA C    C N N 3   
ALA O    O N N 4   
ALA CB   C N N 5   
ALA OXT  O N N 6   
ALA H    H N N 7   
ALA H2   H N N 8   
ALA HA   H N N 9   
ALA HB1  H N N 10  
ALA HB2  H N N 11  
ALA HB3  H N N 12  
ALA HXT  H N N 13  
ARG N    N N N 14  
ARG CA   C N S 15  
ARG C    C N N 16  
ARG O    O N N 17  
ARG CB   C N N 18  
ARG CG   C N N 19  
ARG CD   C N N 20  
ARG NE   N N N 21  
ARG CZ   C N N 22  
ARG NH1  N N N 23  
ARG NH2  N N N 24  
ARG OXT  O N N 25  
ARG H    H N N 26  
ARG H2   H N N 27  
ARG HA   H N N 28  
ARG HB2  H N N 29  
ARG HB3  H N N 30  
ARG HG2  H N N 31  
ARG HG3  H N N 32  
ARG HD2  H N N 33  
ARG HD3  H N N 34  
ARG HE   H N N 35  
ARG HH11 H N N 36  
ARG HH12 H N N 37  
ARG HH21 H N N 38  
ARG HH22 H N N 39  
ARG HXT  H N N 40  
ASN N    N N N 41  
ASN CA   C N S 42  
ASN C    C N N 43  
ASN O    O N N 44  
ASN CB   C N N 45  
ASN CG   C N N 46  
ASN OD1  O N N 47  
ASN ND2  N N N 48  
ASN OXT  O N N 49  
ASN H    H N N 50  
ASN H2   H N N 51  
ASN HA   H N N 52  
ASN HB2  H N N 53  
ASN HB3  H N N 54  
ASN HD21 H N N 55  
ASN HD22 H N N 56  
ASN HXT  H N N 57  
ASP N    N N N 58  
ASP CA   C N S 59  
ASP C    C N N 60  
ASP O    O N N 61  
ASP CB   C N N 62  
ASP CG   C N N 63  
ASP OD1  O N N 64  
ASP OD2  O N N 65  
ASP OXT  O N N 66  
ASP H    H N N 67  
ASP H2   H N N 68  
ASP HA   H N N 69  
ASP HB2  H N N 70  
ASP HB3  H N N 71  
ASP HD2  H N N 72  
ASP HXT  H N N 73  
GLN N    N N N 74  
GLN CA   C N S 75  
GLN C    C N N 76  
GLN O    O N N 77  
GLN CB   C N N 78  
GLN CG   C N N 79  
GLN CD   C N N 80  
GLN OE1  O N N 81  
GLN NE2  N N N 82  
GLN OXT  O N N 83  
GLN H    H N N 84  
GLN H2   H N N 85  
GLN HA   H N N 86  
GLN HB2  H N N 87  
GLN HB3  H N N 88  
GLN HG2  H N N 89  
GLN HG3  H N N 90  
GLN HE21 H N N 91  
GLN HE22 H N N 92  
GLN HXT  H N N 93  
GLU N    N N N 94  
GLU CA   C N S 95  
GLU C    C N N 96  
GLU O    O N N 97  
GLU CB   C N N 98  
GLU CG   C N N 99  
GLU CD   C N N 100 
GLU OE1  O N N 101 
GLU OE2  O N N 102 
GLU OXT  O N N 103 
GLU H    H N N 104 
GLU H2   H N N 105 
GLU HA   H N N 106 
GLU HB2  H N N 107 
GLU HB3  H N N 108 
GLU HG2  H N N 109 
GLU HG3  H N N 110 
GLU HE2  H N N 111 
GLU HXT  H N N 112 
GLY N    N N N 113 
GLY CA   C N N 114 
GLY C    C N N 115 
GLY O    O N N 116 
GLY OXT  O N N 117 
GLY H    H N N 118 
GLY H2   H N N 119 
GLY HA2  H N N 120 
GLY HA3  H N N 121 
GLY HXT  H N N 122 
HIS N    N N N 123 
HIS CA   C N S 124 
HIS C    C N N 125 
HIS O    O N N 126 
HIS CB   C N N 127 
HIS CG   C Y N 128 
HIS ND1  N Y N 129 
HIS CD2  C Y N 130 
HIS CE1  C Y N 131 
HIS NE2  N Y N 132 
HIS OXT  O N N 133 
HIS H    H N N 134 
HIS H2   H N N 135 
HIS HA   H N N 136 
HIS HB2  H N N 137 
HIS HB3  H N N 138 
HIS HD1  H N N 139 
HIS HD2  H N N 140 
HIS HE1  H N N 141 
HIS HE2  H N N 142 
HIS HXT  H N N 143 
HOH O    O N N 144 
HOH H1   H N N 145 
HOH H2   H N N 146 
ILE N    N N N 147 
ILE CA   C N S 148 
ILE C    C N N 149 
ILE O    O N N 150 
ILE CB   C N S 151 
ILE CG1  C N N 152 
ILE CG2  C N N 153 
ILE CD1  C N N 154 
ILE OXT  O N N 155 
ILE H    H N N 156 
ILE H2   H N N 157 
ILE HA   H N N 158 
ILE HB   H N N 159 
ILE HG12 H N N 160 
ILE HG13 H N N 161 
ILE HG21 H N N 162 
ILE HG22 H N N 163 
ILE HG23 H N N 164 
ILE HD11 H N N 165 
ILE HD12 H N N 166 
ILE HD13 H N N 167 
ILE HXT  H N N 168 
LEU N    N N N 169 
LEU CA   C N S 170 
LEU C    C N N 171 
LEU O    O N N 172 
LEU CB   C N N 173 
LEU CG   C N N 174 
LEU CD1  C N N 175 
LEU CD2  C N N 176 
LEU OXT  O N N 177 
LEU H    H N N 178 
LEU H2   H N N 179 
LEU HA   H N N 180 
LEU HB2  H N N 181 
LEU HB3  H N N 182 
LEU HG   H N N 183 
LEU HD11 H N N 184 
LEU HD12 H N N 185 
LEU HD13 H N N 186 
LEU HD21 H N N 187 
LEU HD22 H N N 188 
LEU HD23 H N N 189 
LEU HXT  H N N 190 
LYS N    N N N 191 
LYS CA   C N S 192 
LYS C    C N N 193 
LYS O    O N N 194 
LYS CB   C N N 195 
LYS CG   C N N 196 
LYS CD   C N N 197 
LYS CE   C N N 198 
LYS NZ   N N N 199 
LYS OXT  O N N 200 
LYS H    H N N 201 
LYS H2   H N N 202 
LYS HA   H N N 203 
LYS HB2  H N N 204 
LYS HB3  H N N 205 
LYS HG2  H N N 206 
LYS HG3  H N N 207 
LYS HD2  H N N 208 
LYS HD3  H N N 209 
LYS HE2  H N N 210 
LYS HE3  H N N 211 
LYS HZ1  H N N 212 
LYS HZ2  H N N 213 
LYS HZ3  H N N 214 
LYS HXT  H N N 215 
MET N    N N N 216 
MET CA   C N S 217 
MET C    C N N 218 
MET O    O N N 219 
MET CB   C N N 220 
MET CG   C N N 221 
MET SD   S N N 222 
MET CE   C N N 223 
MET OXT  O N N 224 
MET H    H N N 225 
MET H2   H N N 226 
MET HA   H N N 227 
MET HB2  H N N 228 
MET HB3  H N N 229 
MET HG2  H N N 230 
MET HG3  H N N 231 
MET HE1  H N N 232 
MET HE2  H N N 233 
MET HE3  H N N 234 
MET HXT  H N N 235 
PHE N    N N N 236 
PHE CA   C N S 237 
PHE C    C N N 238 
PHE O    O N N 239 
PHE CB   C N N 240 
PHE CG   C Y N 241 
PHE CD1  C Y N 242 
PHE CD2  C Y N 243 
PHE CE1  C Y N 244 
PHE CE2  C Y N 245 
PHE CZ   C Y N 246 
PHE OXT  O N N 247 
PHE H    H N N 248 
PHE H2   H N N 249 
PHE HA   H N N 250 
PHE HB2  H N N 251 
PHE HB3  H N N 252 
PHE HD1  H N N 253 
PHE HD2  H N N 254 
PHE HE1  H N N 255 
PHE HE2  H N N 256 
PHE HZ   H N N 257 
PHE HXT  H N N 258 
PRO N    N N N 259 
PRO CA   C N S 260 
PRO C    C N N 261 
PRO O    O N N 262 
PRO CB   C N N 263 
PRO CG   C N N 264 
PRO CD   C N N 265 
PRO OXT  O N N 266 
PRO H    H N N 267 
PRO HA   H N N 268 
PRO HB2  H N N 269 
PRO HB3  H N N 270 
PRO HG2  H N N 271 
PRO HG3  H N N 272 
PRO HD2  H N N 273 
PRO HD3  H N N 274 
PRO HXT  H N N 275 
SER N    N N N 276 
SER CA   C N S 277 
SER C    C N N 278 
SER O    O N N 279 
SER CB   C N N 280 
SER OG   O N N 281 
SER OXT  O N N 282 
SER H    H N N 283 
SER H2   H N N 284 
SER HA   H N N 285 
SER HB2  H N N 286 
SER HB3  H N N 287 
SER HG   H N N 288 
SER HXT  H N N 289 
THR N    N N N 290 
THR CA   C N S 291 
THR C    C N N 292 
THR O    O N N 293 
THR CB   C N R 294 
THR OG1  O N N 295 
THR CG2  C N N 296 
THR OXT  O N N 297 
THR H    H N N 298 
THR H2   H N N 299 
THR HA   H N N 300 
THR HB   H N N 301 
THR HG1  H N N 302 
THR HG21 H N N 303 
THR HG22 H N N 304 
THR HG23 H N N 305 
THR HXT  H N N 306 
TRP N    N N N 307 
TRP CA   C N S 308 
TRP C    C N N 309 
TRP O    O N N 310 
TRP CB   C N N 311 
TRP CG   C Y N 312 
TRP CD1  C Y N 313 
TRP CD2  C Y N 314 
TRP NE1  N Y N 315 
TRP CE2  C Y N 316 
TRP CE3  C Y N 317 
TRP CZ2  C Y N 318 
TRP CZ3  C Y N 319 
TRP CH2  C Y N 320 
TRP OXT  O N N 321 
TRP H    H N N 322 
TRP H2   H N N 323 
TRP HA   H N N 324 
TRP HB2  H N N 325 
TRP HB3  H N N 326 
TRP HD1  H N N 327 
TRP HE1  H N N 328 
TRP HE3  H N N 329 
TRP HZ2  H N N 330 
TRP HZ3  H N N 331 
TRP HH2  H N N 332 
TRP HXT  H N N 333 
TYR N    N N N 334 
TYR CA   C N S 335 
TYR C    C N N 336 
TYR O    O N N 337 
TYR CB   C N N 338 
TYR CG   C Y N 339 
TYR CD1  C Y N 340 
TYR CD2  C Y N 341 
TYR CE1  C Y N 342 
TYR CE2  C Y N 343 
TYR CZ   C Y N 344 
TYR OH   O N N 345 
TYR OXT  O N N 346 
TYR H    H N N 347 
TYR H2   H N N 348 
TYR HA   H N N 349 
TYR HB2  H N N 350 
TYR HB3  H N N 351 
TYR HD1  H N N 352 
TYR HD2  H N N 353 
TYR HE1  H N N 354 
TYR HE2  H N N 355 
TYR HH   H N N 356 
TYR HXT  H N N 357 
VAL N    N N N 358 
VAL CA   C N S 359 
VAL C    C N N 360 
VAL O    O N N 361 
VAL CB   C N N 362 
VAL CG1  C N N 363 
VAL CG2  C N N 364 
VAL OXT  O N N 365 
VAL H    H N N 366 
VAL H2   H N N 367 
VAL HA   H N N 368 
VAL HB   H N N 369 
VAL HG11 H N N 370 
VAL HG12 H N N 371 
VAL HG13 H N N 372 
VAL HG21 H N N 373 
VAL HG22 H N N 374 
VAL HG23 H N N 375 
VAL HXT  H N N 376 
# 
loop_
_chem_comp_bond.comp_id 
_chem_comp_bond.atom_id_1 
_chem_comp_bond.atom_id_2 
_chem_comp_bond.value_order 
_chem_comp_bond.pdbx_aromatic_flag 
_chem_comp_bond.pdbx_stereo_config 
_chem_comp_bond.pdbx_ordinal 
ALA N   CA   sing N N 1   
ALA N   H    sing N N 2   
ALA N   H2   sing N N 3   
ALA CA  C    sing N N 4   
ALA CA  CB   sing N N 5   
ALA CA  HA   sing N N 6   
ALA C   O    doub N N 7   
ALA C   OXT  sing N N 8   
ALA CB  HB1  sing N N 9   
ALA CB  HB2  sing N N 10  
ALA CB  HB3  sing N N 11  
ALA OXT HXT  sing N N 12  
ARG N   CA   sing N N 13  
ARG N   H    sing N N 14  
ARG N   H2   sing N N 15  
ARG CA  C    sing N N 16  
ARG CA  CB   sing N N 17  
ARG CA  HA   sing N N 18  
ARG C   O    doub N N 19  
ARG C   OXT  sing N N 20  
ARG CB  CG   sing N N 21  
ARG CB  HB2  sing N N 22  
ARG CB  HB3  sing N N 23  
ARG CG  CD   sing N N 24  
ARG CG  HG2  sing N N 25  
ARG CG  HG3  sing N N 26  
ARG CD  NE   sing N N 27  
ARG CD  HD2  sing N N 28  
ARG CD  HD3  sing N N 29  
ARG NE  CZ   sing N N 30  
ARG NE  HE   sing N N 31  
ARG CZ  NH1  sing N N 32  
ARG CZ  NH2  doub N N 33  
ARG NH1 HH11 sing N N 34  
ARG NH1 HH12 sing N N 35  
ARG NH2 HH21 sing N N 36  
ARG NH2 HH22 sing N N 37  
ARG OXT HXT  sing N N 38  
ASN N   CA   sing N N 39  
ASN N   H    sing N N 40  
ASN N   H2   sing N N 41  
ASN CA  C    sing N N 42  
ASN CA  CB   sing N N 43  
ASN CA  HA   sing N N 44  
ASN C   O    doub N N 45  
ASN C   OXT  sing N N 46  
ASN CB  CG   sing N N 47  
ASN CB  HB2  sing N N 48  
ASN CB  HB3  sing N N 49  
ASN CG  OD1  doub N N 50  
ASN CG  ND2  sing N N 51  
ASN ND2 HD21 sing N N 52  
ASN ND2 HD22 sing N N 53  
ASN OXT HXT  sing N N 54  
ASP N   CA   sing N N 55  
ASP N   H    sing N N 56  
ASP N   H2   sing N N 57  
ASP CA  C    sing N N 58  
ASP CA  CB   sing N N 59  
ASP CA  HA   sing N N 60  
ASP C   O    doub N N 61  
ASP C   OXT  sing N N 62  
ASP CB  CG   sing N N 63  
ASP CB  HB2  sing N N 64  
ASP CB  HB3  sing N N 65  
ASP CG  OD1  doub N N 66  
ASP CG  OD2  sing N N 67  
ASP OD2 HD2  sing N N 68  
ASP OXT HXT  sing N N 69  
GLN N   CA   sing N N 70  
GLN N   H    sing N N 71  
GLN N   H2   sing N N 72  
GLN CA  C    sing N N 73  
GLN CA  CB   sing N N 74  
GLN CA  HA   sing N N 75  
GLN C   O    doub N N 76  
GLN C   OXT  sing N N 77  
GLN CB  CG   sing N N 78  
GLN CB  HB2  sing N N 79  
GLN CB  HB3  sing N N 80  
GLN CG  CD   sing N N 81  
GLN CG  HG2  sing N N 82  
GLN CG  HG3  sing N N 83  
GLN CD  OE1  doub N N 84  
GLN CD  NE2  sing N N 85  
GLN NE2 HE21 sing N N 86  
GLN NE2 HE22 sing N N 87  
GLN OXT HXT  sing N N 88  
GLU N   CA   sing N N 89  
GLU N   H    sing N N 90  
GLU N   H2   sing N N 91  
GLU CA  C    sing N N 92  
GLU CA  CB   sing N N 93  
GLU CA  HA   sing N N 94  
GLU C   O    doub N N 95  
GLU C   OXT  sing N N 96  
GLU CB  CG   sing N N 97  
GLU CB  HB2  sing N N 98  
GLU CB  HB3  sing N N 99  
GLU CG  CD   sing N N 100 
GLU CG  HG2  sing N N 101 
GLU CG  HG3  sing N N 102 
GLU CD  OE1  doub N N 103 
GLU CD  OE2  sing N N 104 
GLU OE2 HE2  sing N N 105 
GLU OXT HXT  sing N N 106 
GLY N   CA   sing N N 107 
GLY N   H    sing N N 108 
GLY N   H2   sing N N 109 
GLY CA  C    sing N N 110 
GLY CA  HA2  sing N N 111 
GLY CA  HA3  sing N N 112 
GLY C   O    doub N N 113 
GLY C   OXT  sing N N 114 
GLY OXT HXT  sing N N 115 
HIS N   CA   sing N N 116 
HIS N   H    sing N N 117 
HIS N   H2   sing N N 118 
HIS CA  C    sing N N 119 
HIS CA  CB   sing N N 120 
HIS CA  HA   sing N N 121 
HIS C   O    doub N N 122 
HIS C   OXT  sing N N 123 
HIS CB  CG   sing N N 124 
HIS CB  HB2  sing N N 125 
HIS CB  HB3  sing N N 126 
HIS CG  ND1  sing Y N 127 
HIS CG  CD2  doub Y N 128 
HIS ND1 CE1  doub Y N 129 
HIS ND1 HD1  sing N N 130 
HIS CD2 NE2  sing Y N 131 
HIS CD2 HD2  sing N N 132 
HIS CE1 NE2  sing Y N 133 
HIS CE1 HE1  sing N N 134 
HIS NE2 HE2  sing N N 135 
HIS OXT HXT  sing N N 136 
HOH O   H1   sing N N 137 
HOH O   H2   sing N N 138 
ILE N   CA   sing N N 139 
ILE N   H    sing N N 140 
ILE N   H2   sing N N 141 
ILE CA  C    sing N N 142 
ILE CA  CB   sing N N 143 
ILE CA  HA   sing N N 144 
ILE C   O    doub N N 145 
ILE C   OXT  sing N N 146 
ILE CB  CG1  sing N N 147 
ILE CB  CG2  sing N N 148 
ILE CB  HB   sing N N 149 
ILE CG1 CD1  sing N N 150 
ILE CG1 HG12 sing N N 151 
ILE CG1 HG13 sing N N 152 
ILE CG2 HG21 sing N N 153 
ILE CG2 HG22 sing N N 154 
ILE CG2 HG23 sing N N 155 
ILE CD1 HD11 sing N N 156 
ILE CD1 HD12 sing N N 157 
ILE CD1 HD13 sing N N 158 
ILE OXT HXT  sing N N 159 
LEU N   CA   sing N N 160 
LEU N   H    sing N N 161 
LEU N   H2   sing N N 162 
LEU CA  C    sing N N 163 
LEU CA  CB   sing N N 164 
LEU CA  HA   sing N N 165 
LEU C   O    doub N N 166 
LEU C   OXT  sing N N 167 
LEU CB  CG   sing N N 168 
LEU CB  HB2  sing N N 169 
LEU CB  HB3  sing N N 170 
LEU CG  CD1  sing N N 171 
LEU CG  CD2  sing N N 172 
LEU CG  HG   sing N N 173 
LEU CD1 HD11 sing N N 174 
LEU CD1 HD12 sing N N 175 
LEU CD1 HD13 sing N N 176 
LEU CD2 HD21 sing N N 177 
LEU CD2 HD22 sing N N 178 
LEU CD2 HD23 sing N N 179 
LEU OXT HXT  sing N N 180 
LYS N   CA   sing N N 181 
LYS N   H    sing N N 182 
LYS N   H2   sing N N 183 
LYS CA  C    sing N N 184 
LYS CA  CB   sing N N 185 
LYS CA  HA   sing N N 186 
LYS C   O    doub N N 187 
LYS C   OXT  sing N N 188 
LYS CB  CG   sing N N 189 
LYS CB  HB2  sing N N 190 
LYS CB  HB3  sing N N 191 
LYS CG  CD   sing N N 192 
LYS CG  HG2  sing N N 193 
LYS CG  HG3  sing N N 194 
LYS CD  CE   sing N N 195 
LYS CD  HD2  sing N N 196 
LYS CD  HD3  sing N N 197 
LYS CE  NZ   sing N N 198 
LYS CE  HE2  sing N N 199 
LYS CE  HE3  sing N N 200 
LYS NZ  HZ1  sing N N 201 
LYS NZ  HZ2  sing N N 202 
LYS NZ  HZ3  sing N N 203 
LYS OXT HXT  sing N N 204 
MET N   CA   sing N N 205 
MET N   H    sing N N 206 
MET N   H2   sing N N 207 
MET CA  C    sing N N 208 
MET CA  CB   sing N N 209 
MET CA  HA   sing N N 210 
MET C   O    doub N N 211 
MET C   OXT  sing N N 212 
MET CB  CG   sing N N 213 
MET CB  HB2  sing N N 214 
MET CB  HB3  sing N N 215 
MET CG  SD   sing N N 216 
MET CG  HG2  sing N N 217 
MET CG  HG3  sing N N 218 
MET SD  CE   sing N N 219 
MET CE  HE1  sing N N 220 
MET CE  HE2  sing N N 221 
MET CE  HE3  sing N N 222 
MET OXT HXT  sing N N 223 
PHE N   CA   sing N N 224 
PHE N   H    sing N N 225 
PHE N   H2   sing N N 226 
PHE CA  C    sing N N 227 
PHE CA  CB   sing N N 228 
PHE CA  HA   sing N N 229 
PHE C   O    doub N N 230 
PHE C   OXT  sing N N 231 
PHE CB  CG   sing N N 232 
PHE CB  HB2  sing N N 233 
PHE CB  HB3  sing N N 234 
PHE CG  CD1  doub Y N 235 
PHE CG  CD2  sing Y N 236 
PHE CD1 CE1  sing Y N 237 
PHE CD1 HD1  sing N N 238 
PHE CD2 CE2  doub Y N 239 
PHE CD2 HD2  sing N N 240 
PHE CE1 CZ   doub Y N 241 
PHE CE1 HE1  sing N N 242 
PHE CE2 CZ   sing Y N 243 
PHE CE2 HE2  sing N N 244 
PHE CZ  HZ   sing N N 245 
PHE OXT HXT  sing N N 246 
PRO N   CA   sing N N 247 
PRO N   CD   sing N N 248 
PRO N   H    sing N N 249 
PRO CA  C    sing N N 250 
PRO CA  CB   sing N N 251 
PRO CA  HA   sing N N 252 
PRO C   O    doub N N 253 
PRO C   OXT  sing N N 254 
PRO CB  CG   sing N N 255 
PRO CB  HB2  sing N N 256 
PRO CB  HB3  sing N N 257 
PRO CG  CD   sing N N 258 
PRO CG  HG2  sing N N 259 
PRO CG  HG3  sing N N 260 
PRO CD  HD2  sing N N 261 
PRO CD  HD3  sing N N 262 
PRO OXT HXT  sing N N 263 
SER N   CA   sing N N 264 
SER N   H    sing N N 265 
SER N   H2   sing N N 266 
SER CA  C    sing N N 267 
SER CA  CB   sing N N 268 
SER CA  HA   sing N N 269 
SER C   O    doub N N 270 
SER C   OXT  sing N N 271 
SER CB  OG   sing N N 272 
SER CB  HB2  sing N N 273 
SER CB  HB3  sing N N 274 
SER OG  HG   sing N N 275 
SER OXT HXT  sing N N 276 
THR N   CA   sing N N 277 
THR N   H    sing N N 278 
THR N   H2   sing N N 279 
THR CA  C    sing N N 280 
THR CA  CB   sing N N 281 
THR CA  HA   sing N N 282 
THR C   O    doub N N 283 
THR C   OXT  sing N N 284 
THR CB  OG1  sing N N 285 
THR CB  CG2  sing N N 286 
THR CB  HB   sing N N 287 
THR OG1 HG1  sing N N 288 
THR CG2 HG21 sing N N 289 
THR CG2 HG22 sing N N 290 
THR CG2 HG23 sing N N 291 
THR OXT HXT  sing N N 292 
TRP N   CA   sing N N 293 
TRP N   H    sing N N 294 
TRP N   H2   sing N N 295 
TRP CA  C    sing N N 296 
TRP CA  CB   sing N N 297 
TRP CA  HA   sing N N 298 
TRP C   O    doub N N 299 
TRP C   OXT  sing N N 300 
TRP CB  CG   sing N N 301 
TRP CB  HB2  sing N N 302 
TRP CB  HB3  sing N N 303 
TRP CG  CD1  doub Y N 304 
TRP CG  CD2  sing Y N 305 
TRP CD1 NE1  sing Y N 306 
TRP CD1 HD1  sing N N 307 
TRP CD2 CE2  doub Y N 308 
TRP CD2 CE3  sing Y N 309 
TRP NE1 CE2  sing Y N 310 
TRP NE1 HE1  sing N N 311 
TRP CE2 CZ2  sing Y N 312 
TRP CE3 CZ3  doub Y N 313 
TRP CE3 HE3  sing N N 314 
TRP CZ2 CH2  doub Y N 315 
TRP CZ2 HZ2  sing N N 316 
TRP CZ3 CH2  sing Y N 317 
TRP CZ3 HZ3  sing N N 318 
TRP CH2 HH2  sing N N 319 
TRP OXT HXT  sing N N 320 
TYR N   CA   sing N N 321 
TYR N   H    sing N N 322 
TYR N   H2   sing N N 323 
TYR CA  C    sing N N 324 
TYR CA  CB   sing N N 325 
TYR CA  HA   sing N N 326 
TYR C   O    doub N N 327 
TYR C   OXT  sing N N 328 
TYR CB  CG   sing N N 329 
TYR CB  HB2  sing N N 330 
TYR CB  HB3  sing N N 331 
TYR CG  CD1  doub Y N 332 
TYR CG  CD2  sing Y N 333 
TYR CD1 CE1  sing Y N 334 
TYR CD1 HD1  sing N N 335 
TYR CD2 CE2  doub Y N 336 
TYR CD2 HD2  sing N N 337 
TYR CE1 CZ   doub Y N 338 
TYR CE1 HE1  sing N N 339 
TYR CE2 CZ   sing Y N 340 
TYR CE2 HE2  sing N N 341 
TYR CZ  OH   sing N N 342 
TYR OH  HH   sing N N 343 
TYR OXT HXT  sing N N 344 
VAL N   CA   sing N N 345 
VAL N   H    sing N N 346 
VAL N   H2   sing N N 347 
VAL CA  C    sing N N 348 
VAL CA  CB   sing N N 349 
VAL CA  HA   sing N N 350 
VAL C   O    doub N N 351 
VAL C   OXT  sing N N 352 
VAL CB  CG1  sing N N 353 
VAL CB  CG2  sing N N 354 
VAL CB  HB   sing N N 355 
VAL CG1 HG11 sing N N 356 
VAL CG1 HG12 sing N N 357 
VAL CG1 HG13 sing N N 358 
VAL CG2 HG21 sing N N 359 
VAL CG2 HG22 sing N N 360 
VAL CG2 HG23 sing N N 361 
VAL OXT HXT  sing N N 362 
# 
_atom_sites.entry_id                    3NYL 
_atom_sites.fract_transf_matrix[1][1]   -0.00362399 
_atom_sites.fract_transf_matrix[1][2]   -0.01018390 
_atom_sites.fract_transf_matrix[1][3]   -0.00512526 
_atom_sites.fract_transf_matrix[2][1]   -0.01076341 
_atom_sites.fract_transf_matrix[2][2]   0.00128304 
_atom_sites.fract_transf_matrix[2][3]   0.00506124 
_atom_sites.fract_transf_matrix[3][1]   -0.00213252 
_atom_sites.fract_transf_matrix[3][2]   0.00348600 
_atom_sites.fract_transf_matrix[3][3]   -0.00541881 
_atom_sites.fract_transf_vector[1]      0.508780 
_atom_sites.fract_transf_vector[2]      0.167940 
_atom_sites.fract_transf_vector[3]      0.585076 
# 
loop_
_atom_type.symbol 
C 
N 
O 
S 
# 
loop_
_atom_site.group_PDB 
_atom_site.id 
_atom_site.type_symbol 
_atom_site.label_atom_id 
_atom_site.label_alt_id 
_atom_site.label_comp_id 
_atom_site.label_asym_id 
_atom_site.label_entity_id 
_atom_site.label_seq_id 
_atom_site.pdbx_PDB_ins_code 
_atom_site.Cartn_x 
_atom_site.Cartn_y 
_atom_site.Cartn_z 
_atom_site.occupancy 
_atom_site.B_iso_or_equiv 
_atom_site.pdbx_formal_charge 
_atom_site.auth_seq_id 
_atom_site.auth_comp_id 
_atom_site.auth_asym_id 
_atom_site.auth_atom_id 
_atom_site.pdbx_PDB_model_num 
ATOM   1    N N   . THR A 1 11  ? 12.164  20.129  11.981  1.00 158.69 ? 352 THR A N   1 
ATOM   2    C CA  . THR A 1 11  ? 10.994  20.479  11.129  1.00 154.54 ? 352 THR A CA  1 
ATOM   3    C C   . THR A 1 11  ? 10.685  19.370  10.123  1.00 138.82 ? 352 THR A C   1 
ATOM   4    O O   . THR A 1 11  ? 9.704   18.643  10.290  1.00 150.94 ? 352 THR A O   1 
ATOM   5    C CB  . THR A 1 11  ? 11.251  21.808  10.414  1.00 161.86 ? 352 THR A CB  1 
ATOM   6    N N   . PRO A 1 12  ? 11.519  19.215  9.074   1.00 108.31 ? 353 PRO A N   1 
ATOM   7    C CA  . PRO A 1 12  ? 11.206  18.152  8.124   1.00 81.94  ? 353 PRO A CA  1 
ATOM   8    C C   . PRO A 1 12  ? 11.236  16.787  8.798   1.00 98.70  ? 353 PRO A C   1 
ATOM   9    O O   . PRO A 1 12  ? 12.270  16.107  8.855   1.00 110.77 ? 353 PRO A O   1 
ATOM   10   C CB  . PRO A 1 12  ? 12.271  18.323  7.043   1.00 53.05  ? 353 PRO A CB  1 
ATOM   11   C CG  . PRO A 1 12  ? 13.453  18.799  7.807   1.00 79.09  ? 353 PRO A CG  1 
ATOM   12   C CD  . PRO A 1 12  ? 12.844  19.797  8.783   1.00 124.18 ? 353 PRO A CD  1 
ATOM   13   N N   . ASP A 1 13  ? 10.074  16.420  9.327   1.00 90.71  ? 354 ASP A N   1 
ATOM   14   C CA  . ASP A 1 13  ? 9.866   15.148  10.002  1.00 60.81  ? 354 ASP A CA  1 
ATOM   15   C C   . ASP A 1 13  ? 9.972   14.020  8.977   1.00 73.56  ? 354 ASP A C   1 
ATOM   16   O O   . ASP A 1 13  ? 9.684   14.213  7.783   1.00 52.74  ? 354 ASP A O   1 
ATOM   17   C CB  . ASP A 1 13  ? 8.476   15.139  10.652  1.00 75.33  ? 354 ASP A CB  1 
ATOM   18   C CG  . ASP A 1 13  ? 8.077   13.769  11.159  1.00 110.65 ? 354 ASP A CG  1 
ATOM   19   O OD1 . ASP A 1 13  ? 8.845   13.178  11.944  1.00 154.40 ? 354 ASP A OD1 1 
ATOM   20   O OD2 . ASP A 1 13  ? 6.998   13.280  10.767  1.00 75.35  ? 354 ASP A OD2 1 
ATOM   21   N N   . ALA A 1 14  ? 10.387  12.841  9.434   1.00 53.20  ? 355 ALA A N   1 
ATOM   22   C CA  . ALA A 1 14  ? 10.510  11.684  8.540   1.00 46.68  ? 355 ALA A CA  1 
ATOM   23   C C   . ALA A 1 14  ? 9.256   11.546  7.658   1.00 51.70  ? 355 ALA A C   1 
ATOM   24   O O   . ALA A 1 14  ? 9.343   11.508  6.426   1.00 58.68  ? 355 ALA A O   1 
ATOM   25   C CB  . ALA A 1 14  ? 10.732  10.404  9.369   1.00 45.85  ? 355 ALA A CB  1 
ATOM   26   N N   . VAL A 1 15  ? 8.095   11.492  8.310   1.00 61.39  ? 356 VAL A N   1 
ATOM   27   C CA  . VAL A 1 15  ? 6.798   11.372  7.641   1.00 42.26  ? 356 VAL A CA  1 
ATOM   28   C C   . VAL A 1 15  ? 6.507   12.617  6.790   1.00 37.12  ? 356 VAL A C   1 
ATOM   29   O O   . VAL A 1 15  ? 6.060   12.509  5.646   1.00 50.76  ? 356 VAL A O   1 
ATOM   30   C CB  . VAL A 1 15  ? 5.682   11.205  8.688   1.00 51.71  ? 356 VAL A CB  1 
ATOM   31   C CG1 . VAL A 1 15  ? 4.399   10.720  8.035   1.00 85.54  ? 356 VAL A CG1 1 
ATOM   32   C CG2 . VAL A 1 15  ? 6.151   10.269  9.787   1.00 91.88  ? 356 VAL A CG2 1 
ATOM   33   N N   . ASP A 1 16  ? 6.771   13.793  7.359   1.00 31.24  ? 357 ASP A N   1 
ATOM   34   C CA  . ASP A 1 16  ? 6.560   15.072  6.681   1.00 28.93  ? 357 ASP A CA  1 
ATOM   35   C C   . ASP A 1 16  ? 7.296   15.079  5.357   1.00 62.33  ? 357 ASP A C   1 
ATOM   36   O O   . ASP A 1 16  ? 6.718   15.380  4.310   1.00 62.29  ? 357 ASP A O   1 
ATOM   37   C CB  . ASP A 1 16  ? 7.075   16.228  7.549   1.00 26.57  ? 357 ASP A CB  1 
ATOM   38   C CG  . ASP A 1 16  ? 6.000   16.816  8.449   1.00 66.23  ? 357 ASP A CG  1 
ATOM   39   O OD1 . ASP A 1 16  ? 4.931   17.180  7.925   1.00 94.92  ? 357 ASP A OD1 1 
ATOM   40   O OD2 . ASP A 1 16  ? 6.215   16.928  9.681   1.00 117.00 ? 357 ASP A OD2 1 
ATOM   41   N N   . LYS A 1 17  ? 8.581   14.740  5.401   1.00 51.50  ? 358 LYS A N   1 
ATOM   42   C CA  . LYS A 1 17  ? 9.391   14.702  4.193   1.00 61.87  ? 358 LYS A CA  1 
ATOM   43   C C   . LYS A 1 17  ? 8.770   13.749  3.161   1.00 42.31  ? 358 LYS A C   1 
ATOM   44   O O   . LYS A 1 17  ? 8.397   14.183  2.075   1.00 46.85  ? 358 LYS A O   1 
ATOM   45   C CB  . LYS A 1 17  ? 10.822  14.273  4.544   1.00 40.18  ? 358 LYS A CB  1 
ATOM   46   N N   . TYR A 1 18  ? 8.641   12.466  3.511   1.00 29.71  ? 359 TYR A N   1 
ATOM   47   C CA  . TYR A 1 18  ? 8.058   11.464  2.605   1.00 30.80  ? 359 TYR A CA  1 
ATOM   48   C C   . TYR A 1 18  ? 6.797   12.002  1.938   1.00 22.94  ? 359 TYR A C   1 
ATOM   49   O O   . TYR A 1 18  ? 6.715   12.088  0.716   1.00 31.19  ? 359 TYR A O   1 
ATOM   50   C CB  . TYR A 1 18  ? 7.700   10.172  3.358   1.00 17.44  ? 359 TYR A CB  1 
ATOM   51   C CG  . TYR A 1 18  ? 7.229   9.056   2.447   1.00 17.33  ? 359 TYR A CG  1 
ATOM   52   C CD1 . TYR A 1 18  ? 8.119   8.416   1.587   1.00 51.89  ? 359 TYR A CD1 1 
ATOM   53   C CD2 . TYR A 1 18  ? 5.886   8.668   2.408   1.00 37.03  ? 359 TYR A CD2 1 
ATOM   54   C CE1 . TYR A 1 18  ? 7.695   7.421   0.696   1.00 65.12  ? 359 TYR A CE1 1 
ATOM   55   C CE2 . TYR A 1 18  ? 5.440   7.669   1.518   1.00 28.33  ? 359 TYR A CE2 1 
ATOM   56   C CZ  . TYR A 1 18  ? 6.358   7.050   0.665   1.00 73.02  ? 359 TYR A CZ  1 
ATOM   57   O OH  . TYR A 1 18  ? 5.942   6.073   -0.221  1.00 60.61  ? 359 TYR A OH  1 
ATOM   58   N N   . LEU A 1 19  ? 5.819   12.371  2.758   1.00 35.96  ? 360 LEU A N   1 
ATOM   59   C CA  . LEU A 1 19  ? 4.553   12.894  2.269   1.00 28.73  ? 360 LEU A CA  1 
ATOM   60   C C   . LEU A 1 19  ? 4.702   14.112  1.355   1.00 46.58  ? 360 LEU A C   1 
ATOM   61   O O   . LEU A 1 19  ? 3.814   14.405  0.544   1.00 70.79  ? 360 LEU A O   1 
ATOM   62   C CB  . LEU A 1 19  ? 3.641   13.249  3.455   1.00 32.87  ? 360 LEU A CB  1 
ATOM   63   C CG  . LEU A 1 19  ? 3.133   12.078  4.310   1.00 51.45  ? 360 LEU A CG  1 
ATOM   64   C CD1 . LEU A 1 19  ? 2.573   12.559  5.637   1.00 18.07  ? 360 LEU A CD1 1 
ATOM   65   C CD2 . LEU A 1 19  ? 2.076   11.320  3.532   1.00 72.16  ? 360 LEU A CD2 1 
ATOM   66   N N   . GLU A 1 20  ? 5.820   14.820  1.476   1.00 39.55  ? 361 GLU A N   1 
ATOM   67   C CA  . GLU A 1 20  ? 6.023   16.017  0.666   1.00 50.67  ? 361 GLU A CA  1 
ATOM   68   C C   . GLU A 1 20  ? 6.815   15.820  -0.624  1.00 46.27  ? 361 GLU A C   1 
ATOM   69   O O   . GLU A 1 20  ? 6.789   16.688  -1.497  1.00 45.19  ? 361 GLU A O   1 
ATOM   70   C CB  . GLU A 1 20  ? 6.645   17.134  1.516   1.00 38.33  ? 361 GLU A CB  1 
ATOM   71   C CG  . GLU A 1 20  ? 5.647   18.255  1.845   1.00 63.13  ? 361 GLU A CG  1 
ATOM   72   C CD  . GLU A 1 20  ? 5.872   18.876  3.215   1.00 59.49  ? 361 GLU A CD  1 
ATOM   73   O OE1 . GLU A 1 20  ? 6.544   18.245  4.059   1.00 96.92  ? 361 GLU A OE1 1 
ATOM   74   O OE2 . GLU A 1 20  ? 5.357   19.987  3.455   1.00 89.05  ? 361 GLU A OE2 1 
ATOM   75   N N   . THR A 1 21  ? 7.501   14.683  -0.754  1.00 46.02  ? 362 THR A N   1 
ATOM   76   C CA  . THR A 1 21  ? 8.277   14.379  -1.965  1.00 37.05  ? 362 THR A CA  1 
ATOM   77   C C   . THR A 1 21  ? 7.718   13.117  -2.631  1.00 72.22  ? 362 THR A C   1 
ATOM   78   O O   . THR A 1 21  ? 8.315   12.040  -2.532  1.00 82.03  ? 362 THR A O   1 
ATOM   79   C CB  . THR A 1 21  ? 9.737   14.133  -1.637  1.00 45.11  ? 362 THR A CB  1 
ATOM   80   O OG1 . THR A 1 21  ? 10.182  15.100  -0.676  1.00 57.34  ? 362 THR A OG1 1 
ATOM   81   C CG2 . THR A 1 21  ? 10.586  14.247  -2.917  1.00 42.89  ? 362 THR A CG2 1 
ATOM   82   N N   . PRO A 1 22  ? 6.569   13.246  -3.339  1.00 70.17  ? 363 PRO A N   1 
ATOM   83   C CA  . PRO A 1 22  ? 5.870   12.155  -4.036  1.00 74.65  ? 363 PRO A CA  1 
ATOM   84   C C   . PRO A 1 22  ? 6.241   11.917  -5.485  1.00 95.88  ? 363 PRO A C   1 
ATOM   85   O O   . PRO A 1 22  ? 7.229   12.447  -5.984  1.00 111.40 ? 363 PRO A O   1 
ATOM   86   C CB  . PRO A 1 22  ? 4.390   12.557  -3.953  1.00 60.34  ? 363 PRO A CB  1 
ATOM   87   C CG  . PRO A 1 22  ? 4.358   13.856  -3.177  1.00 117.71 ? 363 PRO A CG  1 
ATOM   88   C CD  . PRO A 1 22  ? 5.725   14.451  -3.358  1.00 56.85  ? 363 PRO A CD  1 
ATOM   89   N N   . GLY A 1 23  ? 5.386   11.122  -6.136  1.00 119.59 ? 364 GLY A N   1 
ATOM   90   C CA  . GLY A 1 23  ? 5.520   10.752  -7.536  1.00 132.59 ? 364 GLY A CA  1 
ATOM   91   C C   . GLY A 1 23  ? 6.862   10.150  -7.886  1.00 131.48 ? 364 GLY A C   1 
ATOM   92   O O   . GLY A 1 23  ? 7.014   9.457   -8.899  1.00 134.86 ? 364 GLY A O   1 
ATOM   93   N N   . ASP A 1 24  ? 7.839   10.435  -7.031  1.00 125.56 ? 365 ASP A N   1 
ATOM   94   C CA  . ASP A 1 24  ? 9.209   9.984   -7.188  1.00 117.36 ? 365 ASP A CA  1 
ATOM   95   C C   . ASP A 1 24  ? 9.332   8.733   -8.030  1.00 105.58 ? 365 ASP A C   1 
ATOM   96   O O   . ASP A 1 24  ? 8.477   7.850   -8.029  1.00 91.10  ? 365 ASP A O   1 
ATOM   97   C CB  . ASP A 1 24  ? 9.849   9.756   -5.823  1.00 131.47 ? 365 ASP A CB  1 
ATOM   98   N N   . GLU A 1 25  ? 10.432  8.684   -8.753  1.00 93.24  ? 366 GLU A N   1 
ATOM   99   C CA  . GLU A 1 25  ? 10.728  7.564   -9.603  1.00 80.95  ? 366 GLU A CA  1 
ATOM   100  C C   . GLU A 1 25  ? 11.520  6.612   -8.725  1.00 72.47  ? 366 GLU A C   1 
ATOM   101  O O   . GLU A 1 25  ? 11.368  5.398   -8.818  1.00 62.00  ? 366 GLU A O   1 
ATOM   102  C CB  . GLU A 1 25  ? 11.547  8.036   -10.803 1.00 51.37  ? 366 GLU A CB  1 
ATOM   103  C CG  . GLU A 1 25  ? 10.844  9.148   -11.573 1.00 70.54  ? 366 GLU A CG  1 
ATOM   104  C CD  . GLU A 1 25  ? 11.707  10.392  -11.763 1.00 112.90 ? 366 GLU A CD  1 
ATOM   105  O OE1 . GLU A 1 25  ? 12.940  10.327  -11.555 1.00 80.56  ? 366 GLU A OE1 1 
ATOM   106  O OE2 . GLU A 1 25  ? 11.145  11.437  -12.140 1.00 115.32 ? 366 GLU A OE2 1 
ATOM   107  N N   . ASN A 1 26  ? 12.341  7.183   -7.848  1.00 60.68  ? 367 ASN A N   1 
ATOM   108  C CA  . ASN A 1 26  ? 13.158  6.410   -6.923  1.00 86.57  ? 367 ASN A CA  1 
ATOM   109  C C   . ASN A 1 26  ? 12.305  5.842   -5.777  1.00 83.83  ? 367 ASN A C   1 
ATOM   110  O O   . ASN A 1 26  ? 12.717  4.905   -5.081  1.00 77.88  ? 367 ASN A O   1 
ATOM   111  C CB  . ASN A 1 26  ? 14.275  7.289   -6.368  1.00 97.85  ? 367 ASN A CB  1 
ATOM   112  N N   . GLU A 1 27  ? 11.121  6.424   -5.595  1.00 81.40  ? 368 GLU A N   1 
ATOM   113  C CA  . GLU A 1 27  ? 10.159  6.016   -4.566  1.00 77.21  ? 368 GLU A CA  1 
ATOM   114  C C   . GLU A 1 27  ? 10.642  5.036   -3.494  1.00 73.66  ? 368 GLU A C   1 
ATOM   115  O O   . GLU A 1 27  ? 10.946  5.448   -2.378  1.00 91.39  ? 368 GLU A O   1 
ATOM   116  C CB  . GLU A 1 27  ? 8.906   5.451   -5.237  1.00 60.39  ? 368 GLU A CB  1 
ATOM   117  C CG  . GLU A 1 27  ? 7.884   4.829   -4.284  1.00 44.10  ? 368 GLU A CG  1 
ATOM   118  C CD  . GLU A 1 27  ? 7.278   5.823   -3.294  1.00 80.49  ? 368 GLU A CD  1 
ATOM   119  O OE1 . GLU A 1 27  ? 7.334   7.052   -3.545  1.00 48.03  ? 368 GLU A OE1 1 
ATOM   120  O OE2 . GLU A 1 27  ? 6.727   5.364   -2.267  1.00 49.11  ? 368 GLU A OE2 1 
ATOM   121  N N   . HIS A 1 28  ? 10.697  3.748   -3.832  1.00 39.87  ? 369 HIS A N   1 
ATOM   122  C CA  . HIS A 1 28  ? 11.126  2.692   -2.892  1.00 67.26  ? 369 HIS A CA  1 
ATOM   123  C C   . HIS A 1 28  ? 12.236  3.161   -1.950  1.00 36.62  ? 369 HIS A C   1 
ATOM   124  O O   . HIS A 1 28  ? 12.254  2.823   -0.770  1.00 39.70  ? 369 HIS A O   1 
ATOM   125  C CB  . HIS A 1 28  ? 11.609  1.450   -3.657  1.00 59.87  ? 369 HIS A CB  1 
ATOM   126  C CG  . HIS A 1 28  ? 11.900  0.261   -2.785  1.00 71.68  ? 369 HIS A CG  1 
ATOM   127  N ND1 . HIS A 1 28  ? 10.922  -0.608  -2.356  1.00 85.99  ? 369 HIS A ND1 1 
ATOM   128  C CD2 . HIS A 1 28  ? 13.070  -0.228  -2.306  1.00 93.35  ? 369 HIS A CD2 1 
ATOM   129  C CE1 . HIS A 1 28  ? 11.473  -1.586  -1.654  1.00 122.20 ? 369 HIS A CE1 1 
ATOM   130  N NE2 . HIS A 1 28  ? 12.780  -1.377  -1.611  1.00 73.70  ? 369 HIS A NE2 1 
ATOM   131  N N   . ALA A 1 29  ? 13.177  3.926   -2.483  1.00 52.94  ? 370 ALA A N   1 
ATOM   132  C CA  . ALA A 1 29  ? 14.254  4.445   -1.661  1.00 54.43  ? 370 ALA A CA  1 
ATOM   133  C C   . ALA A 1 29  ? 13.627  5.323   -0.586  1.00 45.92  ? 370 ALA A C   1 
ATOM   134  O O   . ALA A 1 29  ? 13.836  5.101   0.605   1.00 58.96  ? 370 ALA A O   1 
ATOM   135  C CB  . ALA A 1 29  ? 15.209  5.262   -2.508  1.00 43.30  ? 370 ALA A CB  1 
ATOM   136  N N   . HIS A 1 30  ? 12.858  6.322   -1.019  1.00 46.24  ? 371 HIS A N   1 
ATOM   137  C CA  . HIS A 1 30  ? 12.179  7.245   -0.103  1.00 47.47  ? 371 HIS A CA  1 
ATOM   138  C C   . HIS A 1 30  ? 11.470  6.462   1.001   1.00 66.90  ? 371 HIS A C   1 
ATOM   139  O O   . HIS A 1 30  ? 11.641  6.737   2.191   1.00 48.26  ? 371 HIS A O   1 
ATOM   140  C CB  . HIS A 1 30  ? 11.134  8.075   -0.855  1.00 31.23  ? 371 HIS A CB  1 
ATOM   141  C CG  . HIS A 1 30  ? 11.689  8.878   -1.994  1.00 66.62  ? 371 HIS A CG  1 
ATOM   142  N ND1 . HIS A 1 30  ? 12.478  9.989   -1.812  1.00 119.17 ? 371 HIS A ND1 1 
ATOM   143  C CD2 . HIS A 1 30  ? 11.544  8.739   -3.336  1.00 114.56 ? 371 HIS A CD2 1 
ATOM   144  C CE1 . HIS A 1 30  ? 12.798  10.508  -2.987  1.00 113.15 ? 371 HIS A CE1 1 
ATOM   145  N NE2 . HIS A 1 30  ? 12.239  9.761   -3.930  1.00 91.89  ? 371 HIS A NE2 1 
ATOM   146  N N   . PHE A 1 31  ? 10.680  5.474   0.583   1.00 41.51  ? 372 PHE A N   1 
ATOM   147  C CA  . PHE A 1 31  ? 9.923   4.646   1.504   1.00 42.52  ? 372 PHE A CA  1 
ATOM   148  C C   . PHE A 1 31  ? 10.825  3.973   2.522   1.00 42.47  ? 372 PHE A C   1 
ATOM   149  O O   . PHE A 1 31  ? 10.533  4.008   3.712   1.00 66.88  ? 372 PHE A O   1 
ATOM   150  C CB  . PHE A 1 31  ? 9.101   3.590   0.747   1.00 46.90  ? 372 PHE A CB  1 
ATOM   151  C CG  . PHE A 1 31  ? 8.188   2.786   1.637   1.00 19.66  ? 372 PHE A CG  1 
ATOM   152  C CD1 . PHE A 1 31  ? 7.263   3.424   2.455   1.00 49.89  ? 372 PHE A CD1 1 
ATOM   153  C CD2 . PHE A 1 31  ? 8.266   1.404   1.678   1.00 50.42  ? 372 PHE A CD2 1 
ATOM   154  C CE1 . PHE A 1 31  ? 6.429   2.696   3.305   1.00 65.35  ? 372 PHE A CE1 1 
ATOM   155  C CE2 . PHE A 1 31  ? 7.433   0.662   2.528   1.00 54.11  ? 372 PHE A CE2 1 
ATOM   156  C CZ  . PHE A 1 31  ? 6.513   1.312   3.344   1.00 35.04  ? 372 PHE A CZ  1 
ATOM   157  N N   . GLN A 1 32  ? 11.917  3.359   2.073   1.00 43.99  ? 373 GLN A N   1 
ATOM   158  C CA  . GLN A 1 32  ? 12.820  2.698   3.015   1.00 52.57  ? 373 GLN A CA  1 
ATOM   159  C C   . GLN A 1 32  ? 13.525  3.739   3.856   1.00 40.94  ? 373 GLN A C   1 
ATOM   160  O O   . GLN A 1 32  ? 13.586  3.621   5.077   1.00 45.92  ? 373 GLN A O   1 
ATOM   161  C CB  . GLN A 1 32  ? 13.844  1.820   2.291   1.00 54.42  ? 373 GLN A CB  1 
ATOM   162  C CG  . GLN A 1 32  ? 13.312  0.450   1.877   1.00 93.70  ? 373 GLN A CG  1 
ATOM   163  C CD  . GLN A 1 32  ? 12.842  -0.399  3.049   1.00 123.68 ? 373 GLN A CD  1 
ATOM   164  O OE1 . GLN A 1 32  ? 11.810  -0.123  3.652   1.00 120.76 ? 373 GLN A OE1 1 
ATOM   165  N NE2 . GLN A 1 32  ? 13.599  -1.445  3.368   1.00 149.76 ? 373 GLN A NE2 1 
ATOM   166  N N   . LYS A 1 33  ? 14.045  4.769   3.201   1.00 41.53  ? 374 LYS A N   1 
ATOM   167  C CA  . LYS A 1 33  ? 14.730  5.835   3.910   1.00 43.63  ? 374 LYS A CA  1 
ATOM   168  C C   . LYS A 1 33  ? 13.772  6.360   4.977   1.00 46.93  ? 374 LYS A C   1 
ATOM   169  O O   . LYS A 1 33  ? 14.175  6.689   6.094   1.00 51.96  ? 374 LYS A O   1 
ATOM   170  C CB  . LYS A 1 33  ? 15.106  6.958   2.934   1.00 69.49  ? 374 LYS A CB  1 
ATOM   171  C CG  . LYS A 1 33  ? 15.776  8.018   3.598   1.00 89.05  ? 374 LYS A CG  1 
ATOM   172  N N   . ALA A 1 34  ? 12.493  6.402   4.619   1.00 68.32  ? 375 ALA A N   1 
ATOM   173  C CA  . ALA A 1 34  ? 11.446  6.896   5.498   1.00 33.61  ? 375 ALA A CA  1 
ATOM   174  C C   . ALA A 1 34  ? 11.208  6.022   6.715   1.00 53.55  ? 375 ALA A C   1 
ATOM   175  O O   . ALA A 1 34  ? 11.197  6.510   7.843   1.00 71.77  ? 375 ALA A O   1 
ATOM   176  C CB  . ALA A 1 34  ? 10.161  7.040   4.721   1.00 20.12  ? 375 ALA A CB  1 
ATOM   177  N N   . LYS A 1 35  ? 10.996  4.731   6.481   1.00 31.05  ? 376 LYS A N   1 
ATOM   178  C CA  . LYS A 1 35  ? 10.732  3.791   7.567   1.00 35.66  ? 376 LYS A CA  1 
ATOM   179  C C   . LYS A 1 35  ? 11.951  3.643   8.464   1.00 36.78  ? 376 LYS A C   1 
ATOM   180  O O   . LYS A 1 35  ? 11.816  3.594   9.685   1.00 36.37  ? 376 LYS A O   1 
ATOM   181  C CB  . LYS A 1 35  ? 10.315  2.433   7.000   1.00 22.15  ? 376 LYS A CB  1 
ATOM   182  C CG  . LYS A 1 35  ? 9.056   2.494   6.172   1.00 22.75  ? 376 LYS A CG  1 
ATOM   183  C CD  . LYS A 1 35  ? 8.975   1.322   5.211   1.00 39.68  ? 376 LYS A CD  1 
ATOM   184  C CE  . LYS A 1 35  ? 8.654   0.009   5.905   1.00 34.85  ? 376 LYS A CE  1 
ATOM   185  N NZ  . LYS A 1 35  ? 8.522   -1.098  4.903   1.00 57.91  ? 376 LYS A NZ  1 
ATOM   186  N N   . GLU A 1 36  ? 13.131  3.598   7.839   1.00 61.52  ? 377 GLU A N   1 
ATOM   187  C CA  . GLU A 1 36  ? 14.434  3.458   8.510   1.00 59.55  ? 377 GLU A CA  1 
ATOM   188  C C   . GLU A 1 36  ? 14.765  4.668   9.396   1.00 55.71  ? 377 GLU A C   1 
ATOM   189  O O   . GLU A 1 36  ? 15.311  4.522   10.492  1.00 68.57  ? 377 GLU A O   1 
ATOM   190  C CB  . GLU A 1 36  ? 15.537  3.268   7.454   1.00 74.07  ? 377 GLU A CB  1 
ATOM   191  C CG  . GLU A 1 36  ? 16.837  3.314   8.022   1.00 106.03 ? 377 GLU A CG  1 
ATOM   192  N N   . ARG A 1 37  ? 14.421  5.854   8.910   1.00 24.16  ? 378 ARG A N   1 
ATOM   193  C CA  . ARG A 1 37  ? 14.656  7.108   9.631   1.00 40.01  ? 378 ARG A CA  1 
ATOM   194  C C   . ARG A 1 37  ? 13.649  7.385   10.762  1.00 26.25  ? 378 ARG A C   1 
ATOM   195  O O   . ARG A 1 37  ? 14.005  7.977   11.797  1.00 38.65  ? 378 ARG A O   1 
ATOM   196  C CB  . ARG A 1 37  ? 14.642  8.281   8.636   1.00 65.66  ? 378 ARG A CB  1 
ATOM   197  C CG  . ARG A 1 37  ? 14.635  9.531   9.304   1.00 58.04  ? 378 ARG A CG  1 
ATOM   198  N N   . LEU A 1 38  ? 12.388  6.997   10.542  1.00 31.95  ? 379 LEU A N   1 
ATOM   199  C CA  . LEU A 1 38  ? 11.334  7.178   11.543  1.00 19.52  ? 379 LEU A CA  1 
ATOM   200  C C   . LEU A 1 38  ? 11.606  6.219   12.702  1.00 41.70  ? 379 LEU A C   1 
ATOM   201  O O   . LEU A 1 38  ? 11.582  6.606   13.882  1.00 37.22  ? 379 LEU A O   1 
ATOM   202  C CB  . LEU A 1 38  ? 9.947   6.867   10.950  1.00 36.12  ? 379 LEU A CB  1 
ATOM   203  C CG  . LEU A 1 38  ? 8.718   6.964   11.881  1.00 57.85  ? 379 LEU A CG  1 
ATOM   204  C CD1 . LEU A 1 38  ? 8.211   8.402   11.926  1.00 43.28  ? 379 LEU A CD1 1 
ATOM   205  C CD2 . LEU A 1 38  ? 7.604   6.052   11.385  1.00 38.45  ? 379 LEU A CD2 1 
ATOM   206  N N   . GLU A 1 39  ? 11.869  4.963   12.348  1.00 44.80  ? 380 GLU A N   1 
ATOM   207  C CA  . GLU A 1 39  ? 12.145  3.918   13.330  1.00 32.19  ? 380 GLU A CA  1 
ATOM   208  C C   . GLU A 1 39  ? 13.345  4.270   14.203  1.00 33.77  ? 380 GLU A C   1 
ATOM   209  O O   . GLU A 1 39  ? 13.352  4.022   15.414  1.00 53.08  ? 380 GLU A O   1 
ATOM   210  C CB  . GLU A 1 39  ? 12.387  2.595   12.611  1.00 26.32  ? 380 GLU A CB  1 
ATOM   211  C CG  . GLU A 1 39  ? 13.174  1.576   13.401  1.00 55.32  ? 380 GLU A CG  1 
ATOM   212  C CD  . GLU A 1 39  ? 12.351  0.868   14.448  1.00 44.03  ? 380 GLU A CD  1 
ATOM   213  O OE1 . GLU A 1 39  ? 11.347  0.231   14.074  1.00 79.39  ? 380 GLU A OE1 1 
ATOM   214  O OE2 . GLU A 1 39  ? 12.713  0.938   15.643  1.00 75.74  ? 380 GLU A OE2 1 
ATOM   215  N N   . ALA A 1 40  ? 14.369  4.842   13.581  1.00 40.25  ? 381 ALA A N   1 
ATOM   216  C CA  . ALA A 1 40  ? 15.570  5.231   14.303  1.00 34.47  ? 381 ALA A CA  1 
ATOM   217  C C   . ALA A 1 40  ? 15.171  6.183   15.409  1.00 38.59  ? 381 ALA A C   1 
ATOM   218  O O   . ALA A 1 40  ? 15.354  5.906   16.596  1.00 48.05  ? 381 ALA A O   1 
ATOM   219  C CB  . ALA A 1 40  ? 16.520  5.916   13.366  1.00 31.27  ? 381 ALA A CB  1 
ATOM   220  N N   . LYS A 1 41  ? 14.607  7.309   14.996  1.00 45.00  ? 382 LYS A N   1 
ATOM   221  C CA  . LYS A 1 41  ? 14.178  8.335   15.927  1.00 66.33  ? 382 LYS A CA  1 
ATOM   222  C C   . LYS A 1 41  ? 13.278  7.793   17.036  1.00 61.49  ? 382 LYS A C   1 
ATOM   223  O O   . LYS A 1 41  ? 13.329  8.250   18.184  1.00 48.54  ? 382 LYS A O   1 
ATOM   224  C CB  . LYS A 1 41  ? 13.450  9.447   15.177  1.00 44.43  ? 382 LYS A CB  1 
ATOM   225  C CG  . LYS A 1 41  ? 13.136  10.492  16.084  1.00 35.86  ? 382 LYS A CG  1 
ATOM   226  N N   . HIS A 1 42  ? 12.448  6.821   16.679  1.00 43.87  ? 383 HIS A N   1 
ATOM   227  C CA  . HIS A 1 42  ? 11.544  6.221   17.637  1.00 40.81  ? 383 HIS A CA  1 
ATOM   228  C C   . HIS A 1 42  ? 12.360  5.580   18.755  1.00 43.48  ? 383 HIS A C   1 
ATOM   229  O O   . HIS A 1 42  ? 12.105  5.816   19.937  1.00 32.83  ? 383 HIS A O   1 
ATOM   230  C CB  . HIS A 1 42  ? 10.655  5.172   16.951  1.00 40.53  ? 383 HIS A CB  1 
ATOM   231  C CG  . HIS A 1 42  ? 9.747   4.458   17.899  1.00 39.72  ? 383 HIS A CG  1 
ATOM   232  N ND1 . HIS A 1 42  ? 8.976   5.127   18.825  1.00 42.83  ? 383 HIS A ND1 1 
ATOM   233  C CD2 . HIS A 1 42  ? 9.532   3.141   18.106  1.00 27.90  ? 383 HIS A CD2 1 
ATOM   234  C CE1 . HIS A 1 42  ? 8.325   4.248   19.568  1.00 51.32  ? 383 HIS A CE1 1 
ATOM   235  N NE2 . HIS A 1 42  ? 8.646   3.036   19.155  1.00 30.60  ? 383 HIS A NE2 1 
ATOM   236  N N   . ARG A 1 43  ? 13.347  4.777   18.367  1.00 51.34  ? 384 ARG A N   1 
ATOM   237  C CA  . ARG A 1 43  ? 14.220  4.102   19.324  1.00 46.76  ? 384 ARG A CA  1 
ATOM   238  C C   . ARG A 1 43  ? 14.851  5.087   20.282  1.00 46.71  ? 384 ARG A C   1 
ATOM   239  O O   . ARG A 1 43  ? 15.093  4.771   21.452  1.00 47.48  ? 384 ARG A O   1 
ATOM   240  C CB  . ARG A 1 43  ? 15.291  3.323   18.580  1.00 45.38  ? 384 ARG A CB  1 
ATOM   241  C CG  . ARG A 1 43  ? 14.750  2.035   18.033  1.00 54.09  ? 384 ARG A CG  1 
ATOM   242  C CD  . ARG A 1 43  ? 14.154  1.244   19.165  1.00 46.35  ? 384 ARG A CD  1 
ATOM   243  N NE  . ARG A 1 43  ? 12.955  0.562   18.717  1.00 52.95  ? 384 ARG A NE  1 
ATOM   244  C CZ  . ARG A 1 43  ? 12.005  0.106   19.523  1.00 35.11  ? 384 ARG A CZ  1 
ATOM   245  N NH1 . ARG A 1 43  ? 12.112  0.256   20.837  1.00 33.43  ? 384 ARG A NH1 1 
ATOM   246  N NH2 . ARG A 1 43  ? 10.937  -0.486  19.009  1.00 40.27  ? 384 ARG A NH2 1 
ATOM   247  N N   . GLU A 1 44  ? 15.106  6.285   19.768  1.00 36.63  ? 385 GLU A N   1 
ATOM   248  C CA  . GLU A 1 44  ? 15.673  7.357   20.564  1.00 38.24  ? 385 GLU A CA  1 
ATOM   249  C C   . GLU A 1 44  ? 14.680  7.700   21.668  1.00 50.81  ? 385 GLU A C   1 
ATOM   250  O O   . GLU A 1 44  ? 14.928  7.384   22.835  1.00 34.25  ? 385 GLU A O   1 
ATOM   251  C CB  . GLU A 1 44  ? 15.945  8.596   19.695  1.00 69.18  ? 385 GLU A CB  1 
ATOM   252  C CG  . GLU A 1 44  ? 17.329  8.632   19.054  1.00 62.48  ? 385 GLU A CG  1 
ATOM   253  C CD  . GLU A 1 44  ? 18.433  8.931   20.055  1.00 98.16  ? 385 GLU A CD  1 
ATOM   254  O OE1 . GLU A 1 44  ? 18.403  8.347   21.157  1.00 95.26  ? 385 GLU A OE1 1 
ATOM   255  O OE2 . GLU A 1 44  ? 19.339  9.734   19.737  1.00 137.67 ? 385 GLU A OE2 1 
ATOM   256  N N   . ARG A 1 45  ? 13.547  8.307   21.301  1.00 36.00  ? 386 ARG A N   1 
ATOM   257  C CA  . ARG A 1 45  ? 12.562  8.705   22.302  1.00 34.55  ? 386 ARG A CA  1 
ATOM   258  C C   . ARG A 1 45  ? 12.197  7.567   23.239  1.00 30.74  ? 386 ARG A C   1 
ATOM   259  O O   . ARG A 1 45  ? 12.042  7.777   24.451  1.00 32.55  ? 386 ARG A O   1 
ATOM   260  C CB  . ARG A 1 45  ? 11.301  9.266   21.646  1.00 17.04  ? 386 ARG A CB  1 
ATOM   261  C CG  . ARG A 1 45  ? 10.373  10.033  22.599  1.00 53.30  ? 386 ARG A CG  1 
ATOM   262  C CD  . ARG A 1 45  ? 10.964  11.366  23.083  1.00 94.87  ? 386 ARG A CD  1 
ATOM   263  N NE  . ARG A 1 45  ? 9.919   12.328  23.449  1.00 84.62  ? 386 ARG A NE  1 
ATOM   264  C CZ  . ARG A 1 45  ? 10.072  13.656  23.472  1.00 135.54 ? 386 ARG A CZ  1 
ATOM   265  N NH1 . ARG A 1 45  ? 11.244  14.215  23.161  1.00 74.34  ? 386 ARG A NH1 1 
ATOM   266  N NH2 . ARG A 1 45  ? 9.033   14.434  23.770  1.00 77.89  ? 386 ARG A NH2 1 
ATOM   267  N N   . MET A 1 46  ? 12.068  6.358   22.695  1.00 34.97  ? 387 MET A N   1 
ATOM   268  C CA  . MET A 1 46  ? 11.728  5.217   23.537  1.00 23.71  ? 387 MET A CA  1 
ATOM   269  C C   . MET A 1 46  ? 12.772  5.025   24.638  1.00 48.04  ? 387 MET A C   1 
ATOM   270  O O   . MET A 1 46  ? 12.417  4.915   25.809  1.00 25.36  ? 387 MET A O   1 
ATOM   271  C CB  . MET A 1 46  ? 11.550  3.944   22.694  1.00 47.68  ? 387 MET A CB  1 
ATOM   272  C CG  . MET A 1 46  ? 10.222  3.913   21.927  1.00 54.27  ? 387 MET A CG  1 
ATOM   273  S SD  . MET A 1 46  ? 8.720   3.976   22.987  1.00 49.33  ? 387 MET A SD  1 
ATOM   274  C CE  . MET A 1 46  ? 8.561   5.698   23.176  1.00 34.46  ? 387 MET A CE  1 
ATOM   275  N N   . SER A 1 47  ? 14.057  5.007   24.293  1.00 42.49  ? 388 SER A N   1 
ATOM   276  C CA  . SER A 1 47  ? 15.084  4.852   25.324  1.00 30.12  ? 388 SER A CA  1 
ATOM   277  C C   . SER A 1 47  ? 15.109  6.051   26.286  1.00 54.54  ? 388 SER A C   1 
ATOM   278  O O   . SER A 1 47  ? 15.335  5.886   27.486  1.00 47.86  ? 388 SER A O   1 
ATOM   279  C CB  . SER A 1 47  ? 16.454  4.662   24.686  1.00 35.17  ? 388 SER A CB  1 
ATOM   280  O OG  . SER A 1 47  ? 16.528  3.391   24.073  1.00 67.57  ? 388 SER A OG  1 
ATOM   281  N N   . GLN A 1 48  ? 14.879  7.253   25.754  1.00 46.82  ? 389 GLN A N   1 
ATOM   282  C CA  . GLN A 1 48  ? 14.844  8.471   26.563  1.00 23.91  ? 389 GLN A CA  1 
ATOM   283  C C   . GLN A 1 48  ? 13.786  8.320   27.668  1.00 44.56  ? 389 GLN A C   1 
ATOM   284  O O   . GLN A 1 48  ? 14.019  8.691   28.828  1.00 31.34  ? 389 GLN A O   1 
ATOM   285  C CB  . GLN A 1 48  ? 14.514  9.697   25.686  1.00 70.06  ? 389 GLN A CB  1 
ATOM   286  C CG  . GLN A 1 48  ? 15.552  9.995   24.762  1.00 57.39  ? 389 GLN A CG  1 
ATOM   287  N N   . VAL A 1 49  ? 12.622  7.773   27.305  1.00 33.04  ? 390 VAL A N   1 
ATOM   288  C CA  . VAL A 1 49  ? 11.525  7.551   28.260  1.00 47.45  ? 390 VAL A CA  1 
ATOM   289  C C   . VAL A 1 49  ? 11.841  6.424   29.254  1.00 33.91  ? 390 VAL A C   1 
ATOM   290  O O   . VAL A 1 49  ? 11.514  6.539   30.425  1.00 27.40  ? 390 VAL A O   1 
ATOM   291  C CB  . VAL A 1 49  ? 10.210  7.243   27.508  1.00 25.16  ? 390 VAL A CB  1 
ATOM   292  N N   . MET A 1 50  ? 12.487  5.354   28.786  1.00 32.48  ? 391 MET A N   1 
ATOM   293  C CA  . MET A 1 50  ? 12.855  4.194   29.630  1.00 22.35  ? 391 MET A CA  1 
ATOM   294  C C   . MET A 1 50  ? 13.946  4.494   30.673  1.00 15.46  ? 391 MET A C   1 
ATOM   295  O O   . MET A 1 50  ? 13.892  4.003   31.806  1.00 24.76  ? 391 MET A O   1 
ATOM   296  C CB  . MET A 1 50  ? 13.319  3.016   28.758  1.00 45.81  ? 391 MET A CB  1 
ATOM   297  C CG  . MET A 1 50  ? 12.315  2.555   27.701  1.00 55.58  ? 391 MET A CG  1 
ATOM   298  S SD  . MET A 1 50  ? 10.716  2.007   28.371  1.00 55.47  ? 391 MET A SD  1 
ATOM   299  C CE  . MET A 1 50  ? 11.018  0.228   28.686  1.00 67.30  ? 391 MET A CE  1 
ATOM   300  N N   . ARG A 1 51  ? 14.956  5.269   30.272  1.00 58.10  ? 392 ARG A N   1 
ATOM   301  C CA  . ARG A 1 51  ? 16.014  5.662   31.193  1.00 35.33  ? 392 ARG A CA  1 
ATOM   302  C C   . ARG A 1 51  ? 15.286  6.550   32.192  1.00 32.39  ? 392 ARG A C   1 
ATOM   303  O O   . ARG A 1 51  ? 15.340  6.335   33.401  1.00 35.43  ? 392 ARG A O   1 
ATOM   304  C CB  . ARG A 1 51  ? 17.107  6.482   30.483  1.00 28.75  ? 392 ARG A CB  1 
ATOM   305  C CG  . ARG A 1 51  ? 18.199  5.673   29.783  1.00 71.77  ? 392 ARG A CG  1 
ATOM   306  C CD  . ARG A 1 51  ? 19.188  6.584   29.049  1.00 75.71  ? 392 ARG A CD  1 
ATOM   307  N NE  . ARG A 1 51  ? 18.589  7.227   27.879  1.00 103.91 ? 392 ARG A NE  1 
ATOM   308  C CZ  . ARG A 1 51  ? 19.208  8.131   27.124  1.00 62.23  ? 392 ARG A CZ  1 
ATOM   309  N NH1 . ARG A 1 51  ? 20.447  8.498   27.425  1.00 154.97 ? 392 ARG A NH1 1 
ATOM   310  N NH2 . ARG A 1 51  ? 18.600  8.667   26.068  1.00 109.63 ? 392 ARG A NH2 1 
ATOM   311  N N   . GLU A 1 52  ? 14.574  7.532   31.654  1.00 30.07  ? 393 GLU A N   1 
ATOM   312  C CA  . GLU A 1 52  ? 13.815  8.485   32.453  1.00 29.53  ? 393 GLU A CA  1 
ATOM   313  C C   . GLU A 1 52  ? 12.986  7.786   33.533  1.00 28.35  ? 393 GLU A C   1 
ATOM   314  O O   . GLU A 1 52  ? 13.008  8.182   34.698  1.00 43.58  ? 393 GLU A O   1 
ATOM   315  C CB  . GLU A 1 52  ? 12.887  9.294   31.543  1.00 22.24  ? 393 GLU A CB  1 
ATOM   316  C CG  . GLU A 1 52  ? 12.302  10.543  32.175  1.00 63.37  ? 393 GLU A CG  1 
ATOM   317  C CD  . GLU A 1 52  ? 11.276  11.208  31.283  1.00 142.14 ? 393 GLU A CD  1 
ATOM   318  O OE1 . GLU A 1 52  ? 11.199  10.858  30.084  1.00 106.68 ? 393 GLU A OE1 1 
ATOM   319  O OE2 . GLU A 1 52  ? 10.552  12.090  31.779  1.00 140.39 ? 393 GLU A OE2 1 
ATOM   320  N N   . TRP A 1 53  ? 12.258  6.746   33.131  1.00 41.67  ? 394 TRP A N   1 
ATOM   321  C CA  . TRP A 1 53  ? 11.378  5.983   34.014  1.00 32.59  ? 394 TRP A CA  1 
ATOM   322  C C   . TRP A 1 53  ? 12.129  5.460   35.235  1.00 43.04  ? 394 TRP A C   1 
ATOM   323  O O   . TRP A 1 53  ? 11.618  5.497   36.354  1.00 58.26  ? 394 TRP A O   1 
ATOM   324  C CB  . TRP A 1 53  ? 10.756  4.830   33.215  1.00 27.66  ? 394 TRP A CB  1 
ATOM   325  C CG  . TRP A 1 53  ? 9.727   3.996   33.929  1.00 63.75  ? 394 TRP A CG  1 
ATOM   326  C CD1 . TRP A 1 53  ? 9.463   3.982   35.273  1.00 52.04  ? 394 TRP A CD1 1 
ATOM   327  C CD2 . TRP A 1 53  ? 8.854   3.022   33.342  1.00 20.98  ? 394 TRP A CD2 1 
ATOM   328  N NE1 . TRP A 1 53  ? 8.486   3.068   35.558  1.00 47.41  ? 394 TRP A NE1 1 
ATOM   329  C CE2 . TRP A 1 53  ? 8.087   2.465   34.393  1.00 43.84  ? 394 TRP A CE2 1 
ATOM   330  C CE3 . TRP A 1 53  ? 8.638   2.566   32.036  1.00 39.56  ? 394 TRP A CE3 1 
ATOM   331  C CZ2 . TRP A 1 53  ? 7.127   1.472   34.181  1.00 28.24  ? 394 TRP A CZ2 1 
ATOM   332  C CZ3 . TRP A 1 53  ? 7.680   1.572   31.826  1.00 37.63  ? 394 TRP A CZ3 1 
ATOM   333  C CH2 . TRP A 1 53  ? 6.936   1.044   32.895  1.00 18.98  ? 394 TRP A CH2 1 
ATOM   334  N N   . GLU A 1 54  ? 13.353  4.991   35.026  1.00 38.73  ? 395 GLU A N   1 
ATOM   335  C CA  . GLU A 1 54  ? 14.158  4.468   36.122  1.00 31.05  ? 395 GLU A CA  1 
ATOM   336  C C   . GLU A 1 54  ? 14.493  5.562   37.116  1.00 38.61  ? 395 GLU A C   1 
ATOM   337  O O   . GLU A 1 54  ? 14.200  5.436   38.308  1.00 29.44  ? 395 GLU A O   1 
ATOM   338  C CB  . GLU A 1 54  ? 15.452  3.872   35.590  1.00 45.51  ? 395 GLU A CB  1 
ATOM   339  C CG  . GLU A 1 54  ? 16.246  3.170   36.648  1.00 31.99  ? 395 GLU A CG  1 
ATOM   340  C CD  . GLU A 1 54  ? 15.496  2.007   37.235  1.00 44.93  ? 395 GLU A CD  1 
ATOM   341  O OE1 . GLU A 1 54  ? 14.646  2.211   38.129  1.00 70.71  ? 395 GLU A OE1 1 
ATOM   342  O OE2 . GLU A 1 54  ? 15.754  0.879   36.782  1.00 91.81  ? 395 GLU A OE2 1 
ATOM   343  N N   . GLU A 1 55  ? 15.122  6.625   36.617  1.00 36.70  ? 396 GLU A N   1 
ATOM   344  C CA  . GLU A 1 55  ? 15.491  7.746   37.464  1.00 57.77  ? 396 GLU A CA  1 
ATOM   345  C C   . GLU A 1 55  ? 14.307  8.062   38.371  1.00 40.93  ? 396 GLU A C   1 
ATOM   346  O O   . GLU A 1 55  ? 14.463  8.273   39.569  1.00 58.91  ? 396 GLU A O   1 
ATOM   347  C CB  . GLU A 1 55  ? 15.857  8.956   36.613  1.00 45.62  ? 396 GLU A CB  1 
ATOM   348  N N   . ALA A 1 56  ? 13.114  8.053   37.789  1.00 33.84  ? 397 ALA A N   1 
ATOM   349  C CA  . ALA A 1 56  ? 11.891  8.330   38.527  1.00 46.49  ? 397 ALA A CA  1 
ATOM   350  C C   . ALA A 1 56  ? 11.609  7.286   39.591  1.00 43.72  ? 397 ALA A C   1 
ATOM   351  O O   . ALA A 1 56  ? 11.105  7.615   40.664  1.00 52.82  ? 397 ALA A O   1 
ATOM   352  C CB  . ALA A 1 56  ? 10.696  8.422   37.570  1.00 35.16  ? 397 ALA A CB  1 
ATOM   353  N N   . GLU A 1 57  ? 11.917  6.025   39.305  1.00 46.53  ? 398 GLU A N   1 
ATOM   354  C CA  . GLU A 1 57  ? 11.664  4.964   40.276  1.00 55.94  ? 398 GLU A CA  1 
ATOM   355  C C   . GLU A 1 57  ? 12.668  5.014   41.424  1.00 53.34  ? 398 GLU A C   1 
ATOM   356  O O   . GLU A 1 57  ? 12.283  5.115   42.594  1.00 56.27  ? 398 GLU A O   1 
ATOM   357  C CB  . GLU A 1 57  ? 11.705  3.596   39.590  1.00 34.57  ? 398 GLU A CB  1 
ATOM   358  N N   . ARG A 1 58  ? 13.954  4.953   41.099  1.00 60.37  ? 399 ARG A N   1 
ATOM   359  C CA  . ARG A 1 58  ? 14.977  5.004   42.137  1.00 63.24  ? 399 ARG A CA  1 
ATOM   360  C C   . ARG A 1 58  ? 14.710  6.180   43.073  1.00 56.62  ? 399 ARG A C   1 
ATOM   361  O O   . ARG A 1 58  ? 14.833  6.052   44.286  1.00 62.16  ? 399 ARG A O   1 
ATOM   362  C CB  . ARG A 1 58  ? 16.373  5.142   41.523  1.00 65.39  ? 399 ARG A CB  1 
ATOM   363  C CG  . ARG A 1 58  ? 17.092  3.834   41.288  1.00 29.21  ? 399 ARG A CG  1 
ATOM   364  C CD  . ARG A 1 58  ? 18.564  4.058   41.488  1.00 66.50  ? 399 ARG A CD  1 
ATOM   365  N NE  . ARG A 1 58  ? 19.037  5.168   40.668  1.00 68.37  ? 399 ARG A NE  1 
ATOM   366  C CZ  . ARG A 1 58  ? 19.794  6.169   41.114  1.00 86.18  ? 399 ARG A CZ  1 
ATOM   367  N NH1 . ARG A 1 58  ? 20.174  6.217   42.394  1.00 60.50  ? 399 ARG A NH1 1 
ATOM   368  N NH2 . ARG A 1 58  ? 20.182  7.123   40.275  1.00 39.06  ? 399 ARG A NH2 1 
ATOM   369  N N   . GLN A 1 59  ? 14.354  7.329   42.503  1.00 59.25  ? 400 GLN A N   1 
ATOM   370  C CA  . GLN A 1 59  ? 14.070  8.513   43.301  1.00 58.81  ? 400 GLN A CA  1 
ATOM   371  C C   . GLN A 1 59  ? 12.894  8.288   44.225  1.00 51.43  ? 400 GLN A C   1 
ATOM   372  O O   . GLN A 1 59  ? 13.044  8.169   45.440  1.00 82.35  ? 400 GLN A O   1 
ATOM   373  C CB  . GLN A 1 59  ? 13.758  9.717   42.410  1.00 45.95  ? 400 GLN A CB  1 
ATOM   374  C CG  . GLN A 1 59  ? 14.973  10.499  41.931  1.00 62.85  ? 400 GLN A CG  1 
ATOM   375  C CD  . GLN A 1 59  ? 16.045  10.660  42.993  1.00 102.38 ? 400 GLN A CD  1 
ATOM   376  O OE1 . GLN A 1 59  ? 16.806  9.725   43.261  1.00 75.43  ? 400 GLN A OE1 1 
ATOM   377  N NE2 . GLN A 1 59  ? 16.118  11.849  43.601  1.00 132.60 ? 400 GLN A NE2 1 
ATOM   378  N N   . ALA A 1 60  ? 11.709  8.247   43.642  1.00 66.54  ? 401 ALA A N   1 
ATOM   379  C CA  . ALA A 1 60  ? 10.479  8.051   44.403  1.00 65.75  ? 401 ALA A CA  1 
ATOM   380  C C   . ALA A 1 60  ? 10.433  6.763   45.236  1.00 71.64  ? 401 ALA A C   1 
ATOM   381  O O   . ALA A 1 60  ? 9.465   6.554   45.954  1.00 63.92  ? 401 ALA A O   1 
ATOM   382  C CB  . ALA A 1 60  ? 9.285   8.087   43.449  1.00 56.39  ? 401 ALA A CB  1 
ATOM   383  N N   . LYS A 1 61  ? 11.457  5.911   45.128  1.00 57.19  ? 402 LYS A N   1 
ATOM   384  C CA  . LYS A 1 61  ? 11.520  4.627   45.862  1.00 68.24  ? 402 LYS A CA  1 
ATOM   385  C C   . LYS A 1 61  ? 11.273  4.742   47.372  1.00 74.92  ? 402 LYS A C   1 
ATOM   386  O O   . LYS A 1 61  ? 10.478  3.993   47.949  1.00 58.04  ? 402 LYS A O   1 
ATOM   387  C CB  . LYS A 1 61  ? 12.877  3.946   45.624  1.00 78.62  ? 402 LYS A CB  1 
ATOM   388  N N   . ASN A 1 62  ? 11.992  5.660   48.015  1.00 79.06  ? 403 ASN A N   1 
ATOM   389  C CA  . ASN A 1 62  ? 11.835  5.860   49.452  1.00 76.45  ? 403 ASN A CA  1 
ATOM   390  C C   . ASN A 1 62  ? 10.570  6.673   49.756  1.00 64.41  ? 403 ASN A C   1 
ATOM   391  O O   . ASN A 1 62  ? 10.540  7.450   50.711  1.00 73.02  ? 403 ASN A O   1 
ATOM   392  C CB  . ASN A 1 62  ? 13.075  6.540   50.035  1.00 73.71  ? 403 ASN A CB  1 
ATOM   393  N N   . LEU A 1 63  ? 9.537   6.479   48.926  1.00 85.46  ? 404 LEU A N   1 
ATOM   394  C CA  . LEU A 1 63  ? 8.234   7.166   49.057  1.00 63.92  ? 404 LEU A CA  1 
ATOM   395  C C   . LEU A 1 63  ? 7.083   6.140   49.249  1.00 60.46  ? 404 LEU A C   1 
ATOM   396  O O   . LEU A 1 63  ? 7.330   4.935   49.182  1.00 98.92  ? 404 LEU A O   1 
ATOM   397  C CB  . LEU A 1 63  ? 7.977   8.032   47.820  1.00 60.64  ? 404 LEU A CB  1 
ATOM   398  C CG  . LEU A 1 63  ? 9.012   9.045   47.330  1.00 45.65  ? 404 LEU A CG  1 
ATOM   399  C CD1 . LEU A 1 63  ? 8.264   10.049  46.419  1.00 61.37  ? 404 LEU A CD1 1 
ATOM   400  C CD2 . LEU A 1 63  ? 9.723   9.737   48.552  1.00 58.17  ? 404 LEU A CD2 1 
ATOM   401  N N   . PRO A 1 64  ? 5.820   6.593   49.493  1.00 54.90  ? 405 PRO A N   1 
ATOM   402  C CA  . PRO A 1 64  ? 4.660   5.692   49.695  1.00 55.71  ? 405 PRO A CA  1 
ATOM   403  C C   . PRO A 1 64  ? 4.308   4.837   48.486  1.00 36.04  ? 405 PRO A C   1 
ATOM   404  O O   . PRO A 1 64  ? 4.808   5.083   47.396  1.00 79.24  ? 405 PRO A O   1 
ATOM   405  C CB  . PRO A 1 64  ? 3.498   6.648   49.981  1.00 47.16  ? 405 PRO A CB  1 
ATOM   406  C CG  . PRO A 1 64  ? 4.147   7.846   50.547  1.00 55.98  ? 405 PRO A CG  1 
ATOM   407  C CD  . PRO A 1 64  ? 5.408   7.992   49.706  1.00 67.42  ? 405 PRO A CD  1 
ATOM   408  N N   . LYS A 1 65  ? 3.439   3.843   48.667  1.00 47.64  ? 406 LYS A N   1 
ATOM   409  C CA  . LYS A 1 65  ? 3.031   3.024   47.535  1.00 48.63  ? 406 LYS A CA  1 
ATOM   410  C C   . LYS A 1 65  ? 2.236   3.947   46.602  1.00 34.88  ? 406 LYS A C   1 
ATOM   411  O O   . LYS A 1 65  ? 2.335   3.850   45.380  1.00 48.12  ? 406 LYS A O   1 
ATOM   412  C CB  . LYS A 1 65  ? 2.176   1.836   47.995  1.00 44.18  ? 406 LYS A CB  1 
ATOM   413  N N   . ALA A 1 66  ? 1.472   4.862   47.194  1.00 47.32  ? 407 ALA A N   1 
ATOM   414  C CA  . ALA A 1 66  ? 0.660   5.815   46.446  1.00 40.72  ? 407 ALA A CA  1 
ATOM   415  C C   . ALA A 1 66  ? 1.469   6.587   45.415  1.00 55.86  ? 407 ALA A C   1 
ATOM   416  O O   . ALA A 1 66  ? 1.039   6.729   44.272  1.00 83.26  ? 407 ALA A O   1 
ATOM   417  C CB  . ALA A 1 66  ? -0.020  6.799   47.407  1.00 52.63  ? 407 ALA A CB  1 
ATOM   418  N N   . ASP A 1 67  ? 2.626   7.101   45.817  1.00 47.89  ? 408 ASP A N   1 
ATOM   419  C CA  . ASP A 1 67  ? 3.465   7.864   44.897  1.00 61.22  ? 408 ASP A CA  1 
ATOM   420  C C   . ASP A 1 67  ? 4.227   6.945   43.926  1.00 67.44  ? 408 ASP A C   1 
ATOM   421  O O   . ASP A 1 67  ? 4.161   7.126   42.702  1.00 57.56  ? 408 ASP A O   1 
ATOM   422  C CB  . ASP A 1 67  ? 4.440   8.760   45.684  1.00 60.76  ? 408 ASP A CB  1 
ATOM   423  N N   . LYS A 1 68  ? 4.936   5.954   44.463  1.00 60.48  ? 409 LYS A N   1 
ATOM   424  C CA  . LYS A 1 68  ? 5.680   5.019   43.616  1.00 56.70  ? 409 LYS A CA  1 
ATOM   425  C C   . LYS A 1 68  ? 4.763   4.512   42.496  1.00 54.69  ? 409 LYS A C   1 
ATOM   426  O O   . LYS A 1 68  ? 5.054   4.649   41.305  1.00 49.33  ? 409 LYS A O   1 
ATOM   427  C CB  . LYS A 1 68  ? 6.181   3.827   44.443  1.00 58.23  ? 409 LYS A CB  1 
ATOM   428  C CG  . LYS A 1 68  ? 6.786   2.697   43.606  1.00 123.07 ? 409 LYS A CG  1 
ATOM   429  C CD  . LYS A 1 68  ? 7.059   1.440   44.430  1.00 125.76 ? 409 LYS A CD  1 
ATOM   430  C CE  . LYS A 1 68  ? 7.526   0.282   43.548  1.00 89.58  ? 409 LYS A CE  1 
ATOM   431  N NZ  . LYS A 1 68  ? 7.688   -0.982  44.329  1.00 106.31 ? 409 LYS A NZ  1 
ATOM   432  N N   . LYS A 1 69  ? 3.651   3.926   42.915  1.00 36.52  ? 410 LYS A N   1 
ATOM   433  C CA  . LYS A 1 69  ? 2.650   3.382   42.023  1.00 18.08  ? 410 LYS A CA  1 
ATOM   434  C C   . LYS A 1 69  ? 2.183   4.416   41.006  1.00 32.01  ? 410 LYS A C   1 
ATOM   435  O O   . LYS A 1 69  ? 2.132   4.137   39.801  1.00 31.81  ? 410 LYS A O   1 
ATOM   436  C CB  . LYS A 1 69  ? 1.463   2.897   42.855  1.00 20.59  ? 410 LYS A CB  1 
ATOM   437  C CG  . LYS A 1 69  ? 0.452   2.341   42.046  1.00 50.97  ? 410 LYS A CG  1 
ATOM   438  N N   . ALA A 1 70  ? 1.843   5.608   41.492  1.00 38.73  ? 411 ALA A N   1 
ATOM   439  C CA  . ALA A 1 70  ? 1.363   6.692   40.629  1.00 33.15  ? 411 ALA A CA  1 
ATOM   440  C C   . ALA A 1 70  ? 2.411   7.065   39.592  1.00 50.33  ? 411 ALA A C   1 
ATOM   441  O O   . ALA A 1 70  ? 2.089   7.386   38.434  1.00 21.42  ? 411 ALA A O   1 
ATOM   442  C CB  . ALA A 1 70  ? 1.004   7.911   41.466  1.00 6.11   ? 411 ALA A CB  1 
ATOM   443  N N   . VAL A 1 71  ? 3.670   7.031   40.016  1.00 27.13  ? 412 VAL A N   1 
ATOM   444  C CA  . VAL A 1 71  ? 4.755   7.336   39.101  1.00 34.97  ? 412 VAL A CA  1 
ATOM   445  C C   . VAL A 1 71  ? 4.664   6.299   37.985  1.00 23.76  ? 412 VAL A C   1 
ATOM   446  O O   . VAL A 1 71  ? 4.556   6.651   36.815  1.00 40.11  ? 412 VAL A O   1 
ATOM   447  C CB  . VAL A 1 71  ? 6.126   7.241   39.795  1.00 49.20  ? 412 VAL A CB  1 
ATOM   448  C CG1 . VAL A 1 71  ? 7.238   7.341   38.763  1.00 43.41  ? 412 VAL A CG1 1 
ATOM   449  C CG2 . VAL A 1 71  ? 6.255   8.346   40.831  1.00 36.81  ? 412 VAL A CG2 1 
ATOM   450  N N   . ILE A 1 72  ? 4.670   5.023   38.356  1.00 35.68  ? 413 ILE A N   1 
ATOM   451  C CA  . ILE A 1 72  ? 4.571   3.954   37.379  1.00 29.89  ? 413 ILE A CA  1 
ATOM   452  C C   . ILE A 1 72  ? 3.383   4.183   36.433  1.00 42.26  ? 413 ILE A C   1 
ATOM   453  O O   . ILE A 1 72  ? 3.483   3.912   35.237  1.00 44.03  ? 413 ILE A O   1 
ATOM   454  C CB  . ILE A 1 72  ? 4.429   2.582   38.076  1.00 30.38  ? 413 ILE A CB  1 
ATOM   455  C CG1 . ILE A 1 72  ? 5.439   2.481   39.220  1.00 54.89  ? 413 ILE A CG1 1 
ATOM   456  C CG2 . ILE A 1 72  ? 4.693   1.457   37.079  1.00 30.35  ? 413 ILE A CG2 1 
ATOM   457  C CD1 . ILE A 1 72  ? 5.293   1.223   40.053  1.00 101.29 ? 413 ILE A CD1 1 
ATOM   458  N N   . GLN A 1 73  ? 2.266   4.689   36.955  1.00 17.81  ? 414 GLN A N   1 
ATOM   459  C CA  . GLN A 1 73  ? 1.098   4.951   36.112  1.00 38.12  ? 414 GLN A CA  1 
ATOM   460  C C   . GLN A 1 73  ? 1.352   6.144   35.161  1.00 50.11  ? 414 GLN A C   1 
ATOM   461  O O   . GLN A 1 73  ? 0.569   6.394   34.243  1.00 42.15  ? 414 GLN A O   1 
ATOM   462  C CB  . GLN A 1 73  ? -0.159  5.206   36.979  1.00 27.02  ? 414 GLN A CB  1 
ATOM   463  N N   . HIS A 1 74  ? 2.441   6.878   35.385  1.00 26.76  ? 415 HIS A N   1 
ATOM   464  C CA  . HIS A 1 74  ? 2.776   8.003   34.520  1.00 33.26  ? 415 HIS A CA  1 
ATOM   465  C C   . HIS A 1 74  ? 3.512   7.479   33.288  1.00 18.10  ? 415 HIS A C   1 
ATOM   466  O O   . HIS A 1 74  ? 3.109   7.721   32.154  1.00 44.24  ? 415 HIS A O   1 
ATOM   467  C CB  . HIS A 1 74  ? 3.686   9.025   35.245  1.00 21.23  ? 415 HIS A CB  1 
ATOM   468  C CG  . HIS A 1 74  ? 4.026   10.234  34.416  1.00 20.95  ? 415 HIS A CG  1 
ATOM   469  N ND1 . HIS A 1 74  ? 3.206   11.335  34.330  1.00 49.15  ? 415 HIS A ND1 1 
ATOM   470  C CD2 . HIS A 1 74  ? 5.035   10.454  33.532  1.00 42.21  ? 415 HIS A CD2 1 
ATOM   471  C CE1 . HIS A 1 74  ? 3.676   12.176  33.421  1.00 28.76  ? 415 HIS A CE1 1 
ATOM   472  N NE2 . HIS A 1 74  ? 4.787   11.658  32.923  1.00 61.78  ? 415 HIS A NE2 1 
ATOM   473  N N   . PHE A 1 75  ? 4.596   6.750   33.515  1.00 29.72  ? 416 PHE A N   1 
ATOM   474  C CA  . PHE A 1 75  ? 5.392   6.227   32.408  1.00 44.65  ? 416 PHE A CA  1 
ATOM   475  C C   . PHE A 1 75  ? 4.673   5.144   31.647  1.00 33.79  ? 416 PHE A C   1 
ATOM   476  O O   . PHE A 1 75  ? 4.747   5.077   30.430  1.00 30.32  ? 416 PHE A O   1 
ATOM   477  C CB  . PHE A 1 75  ? 6.749   5.744   32.927  1.00 54.17  ? 416 PHE A CB  1 
ATOM   478  C CG  . PHE A 1 75  ? 7.577   6.870   33.434  1.00 59.70  ? 416 PHE A CG  1 
ATOM   479  C CD1 . PHE A 1 75  ? 7.319   7.414   34.681  1.00 47.12  ? 416 PHE A CD1 1 
ATOM   480  C CD2 . PHE A 1 75  ? 8.524   7.475   32.623  1.00 45.53  ? 416 PHE A CD2 1 
ATOM   481  C CE1 . PHE A 1 75  ? 7.978   8.557   35.115  1.00 67.56  ? 416 PHE A CE1 1 
ATOM   482  C CE2 . PHE A 1 75  ? 9.190   8.617   33.039  1.00 25.26  ? 416 PHE A CE2 1 
ATOM   483  C CZ  . PHE A 1 75  ? 8.919   9.160   34.294  1.00 39.89  ? 416 PHE A CZ  1 
ATOM   484  N N   . GLN A 1 76  ? 3.965   4.296   32.372  1.00 23.95  ? 417 GLN A N   1 
ATOM   485  C CA  . GLN A 1 76  ? 3.232   3.214   31.740  1.00 52.13  ? 417 GLN A CA  1 
ATOM   486  C C   . GLN A 1 76  ? 2.383   3.833   30.639  1.00 57.54  ? 417 GLN A C   1 
ATOM   487  O O   . GLN A 1 76  ? 2.290   3.310   29.527  1.00 50.65  ? 417 GLN A O   1 
ATOM   488  C CB  . GLN A 1 76  ? 2.348   2.528   32.779  1.00 42.02  ? 417 GLN A CB  1 
ATOM   489  C CG  . GLN A 1 76  ? 1.903   1.121   32.435  1.00 71.19  ? 417 GLN A CG  1 
ATOM   490  C CD  . GLN A 1 76  ? 1.535   0.331   33.693  1.00 125.09 ? 417 GLN A CD  1 
ATOM   491  O OE1 . GLN A 1 76  ? 1.245   0.917   34.734  1.00 110.86 ? 417 GLN A OE1 1 
ATOM   492  N NE2 . GLN A 1 76  ? 1.545   -0.999  33.599  1.00 131.96 ? 417 GLN A NE2 1 
ATOM   493  N N   . GLU A 1 77  ? 1.792   4.977   30.968  1.00 30.45  ? 418 GLU A N   1 
ATOM   494  C CA  . GLU A 1 77  ? 0.909   5.711   30.081  1.00 27.21  ? 418 GLU A CA  1 
ATOM   495  C C   . GLU A 1 77  ? 1.675   6.559   29.068  1.00 37.98  ? 418 GLU A C   1 
ATOM   496  O O   . GLU A 1 77  ? 1.221   6.736   27.935  1.00 39.82  ? 418 GLU A O   1 
ATOM   497  C CB  . GLU A 1 77  ? -0.015  6.582   30.929  1.00 22.55  ? 418 GLU A CB  1 
ATOM   498  C CG  . GLU A 1 77  ? -1.412  6.775   30.401  1.00 60.18  ? 418 GLU A CG  1 
ATOM   499  C CD  . GLU A 1 77  ? -2.343  7.355   31.474  1.00 81.85  ? 418 GLU A CD  1 
ATOM   500  O OE1 . GLU A 1 77  ? -1.906  8.259   32.209  1.00 66.79  ? 418 GLU A OE1 1 
ATOM   501  O OE2 . GLU A 1 77  ? -3.511  6.921   31.593  1.00 113.14 ? 418 GLU A OE2 1 
ATOM   502  N N   . LYS A 1 78  ? 2.839   7.087   29.430  1.00 42.21  ? 419 LYS A N   1 
ATOM   503  C CA  . LYS A 1 78  ? 3.556   7.897   28.439  1.00 35.03  ? 419 LYS A CA  1 
ATOM   504  C C   . LYS A 1 78  ? 4.103   7.011   27.321  1.00 38.98  ? 419 LYS A C   1 
ATOM   505  O O   . LYS A 1 78  ? 4.193   7.419   26.162  1.00 51.94  ? 419 LYS A O   1 
ATOM   506  C CB  . LYS A 1 78  ? 4.676   8.707   29.081  1.00 19.09  ? 419 LYS A CB  1 
ATOM   507  C CG  . LYS A 1 78  ? 5.203   9.741   28.116  1.00 44.48  ? 419 LYS A CG  1 
ATOM   508  C CD  . LYS A 1 78  ? 5.978   10.837  28.809  1.00 67.76  ? 419 LYS A CD  1 
ATOM   509  C CE  . LYS A 1 78  ? 7.281   10.318  29.411  1.00 115.81 ? 419 LYS A CE  1 
ATOM   510  N NZ  . LYS A 1 78  ? 8.211   11.423  29.805  1.00 98.47  ? 419 LYS A NZ  1 
ATOM   511  N N   . VAL A 1 79  ? 4.458   5.788   27.702  1.00 32.49  ? 420 VAL A N   1 
ATOM   512  C CA  . VAL A 1 79  ? 4.973   4.746   26.813  1.00 10.09  ? 420 VAL A CA  1 
ATOM   513  C C   . VAL A 1 79  ? 3.877   4.295   25.853  1.00 27.52  ? 420 VAL A C   1 
ATOM   514  O O   . VAL A 1 79  ? 4.096   4.225   24.642  1.00 28.04  ? 420 VAL A O   1 
ATOM   515  C CB  . VAL A 1 79  ? 5.406   3.512   27.626  1.00 27.45  ? 420 VAL A CB  1 
ATOM   516  C CG1 . VAL A 1 79  ? 5.677   2.329   26.702  1.00 24.36  ? 420 VAL A CG1 1 
ATOM   517  C CG2 . VAL A 1 79  ? 6.617   3.858   28.469  1.00 27.88  ? 420 VAL A CG2 1 
ATOM   518  N N   . GLU A 1 80  ? 2.706   3.964   26.407  1.00 32.36  ? 421 GLU A N   1 
ATOM   519  C CA  . GLU A 1 80  ? 1.562   3.523   25.601  1.00 28.80  ? 421 GLU A CA  1 
ATOM   520  C C   . GLU A 1 80  ? 1.214   4.636   24.627  1.00 28.15  ? 421 GLU A C   1 
ATOM   521  O O   . GLU A 1 80  ? 0.824   4.394   23.489  1.00 36.17  ? 421 GLU A O   1 
ATOM   522  C CB  . GLU A 1 80  ? 0.351   3.241   26.487  1.00 38.91  ? 421 GLU A CB  1 
ATOM   523  C CG  . GLU A 1 80  ? 0.549   2.150   27.526  1.00 38.45  ? 421 GLU A CG  1 
ATOM   524  C CD  . GLU A 1 80  ? -0.631  2.067   28.492  1.00 69.46  ? 421 GLU A CD  1 
ATOM   525  O OE1 . GLU A 1 80  ? -1.498  2.970   28.415  1.00 49.73  ? 421 GLU A OE1 1 
ATOM   526  O OE2 . GLU A 1 80  ? -0.691  1.125   29.329  1.00 35.83  ? 421 GLU A OE2 1 
ATOM   527  N N   . SER A 1 81  ? 1.377   5.865   25.103  1.00 30.60  ? 422 SER A N   1 
ATOM   528  C CA  . SER A 1 81  ? 1.121   7.075   24.320  1.00 24.79  ? 422 SER A CA  1 
ATOM   529  C C   . SER A 1 81  ? 2.055   7.207   23.093  1.00 39.06  ? 422 SER A C   1 
ATOM   530  O O   . SER A 1 81  ? 1.592   7.414   21.960  1.00 30.05  ? 422 SER A O   1 
ATOM   531  C CB  . SER A 1 81  ? 1.261   8.301   25.240  1.00 47.58  ? 422 SER A CB  1 
ATOM   532  O OG  . SER A 1 81  ? 1.384   9.506   24.504  1.00 49.58  ? 422 SER A OG  1 
ATOM   533  N N   . LEU A 1 82  ? 3.364   7.072   23.310  1.00 21.28  ? 423 LEU A N   1 
ATOM   534  C CA  . LEU A 1 82  ? 4.311   7.188   22.209  1.00 21.52  ? 423 LEU A CA  1 
ATOM   535  C C   . LEU A 1 82  ? 4.270   5.984   21.258  1.00 42.33  ? 423 LEU A C   1 
ATOM   536  O O   . LEU A 1 82  ? 4.269   6.146   20.025  1.00 34.92  ? 423 LEU A O   1 
ATOM   537  C CB  . LEU A 1 82  ? 5.736   7.375   22.747  1.00 43.97  ? 423 LEU A CB  1 
ATOM   538  C CG  . LEU A 1 82  ? 6.070   8.644   23.547  1.00 33.64  ? 423 LEU A CG  1 
ATOM   539  C CD1 . LEU A 1 82  ? 7.468   8.523   24.123  1.00 22.72  ? 423 LEU A CD1 1 
ATOM   540  C CD2 . LEU A 1 82  ? 5.929   9.891   22.668  1.00 66.00  ? 423 LEU A CD2 1 
ATOM   541  N N   . GLU A 1 83  ? 4.254   4.781   21.828  1.00 41.90  ? 424 GLU A N   1 
ATOM   542  C CA  . GLU A 1 83  ? 4.216   3.550   21.034  1.00 28.67  ? 424 GLU A CA  1 
ATOM   543  C C   . GLU A 1 83  ? 3.024   3.597   20.085  1.00 44.67  ? 424 GLU A C   1 
ATOM   544  O O   . GLU A 1 83  ? 3.036   3.004   19.010  1.00 38.43  ? 424 GLU A O   1 
ATOM   545  C CB  . GLU A 1 83  ? 4.090   2.322   21.954  1.00 16.55  ? 424 GLU A CB  1 
ATOM   546  C CG  . GLU A 1 83  ? 5.296   2.064   22.862  1.00 25.98  ? 424 GLU A CG  1 
ATOM   547  C CD  . GLU A 1 83  ? 6.483   1.456   22.108  1.00 27.50  ? 424 GLU A CD  1 
ATOM   548  O OE1 . GLU A 1 83  ? 7.036   2.115   21.198  1.00 23.69  ? 424 GLU A OE1 1 
ATOM   549  O OE2 . GLU A 1 83  ? 6.854   0.301   22.428  1.00 40.76  ? 424 GLU A OE2 1 
ATOM   550  N N   . GLN A 1 84  ? 1.974   4.296   20.493  1.00 28.82  ? 425 GLN A N   1 
ATOM   551  C CA  . GLN A 1 84  ? 0.814   4.388   19.636  1.00 28.86  ? 425 GLN A CA  1 
ATOM   552  C C   . GLN A 1 84  ? 1.111   5.375   18.521  1.00 33.35  ? 425 GLN A C   1 
ATOM   553  O O   . GLN A 1 84  ? 1.111   5.004   17.358  1.00 28.49  ? 425 GLN A O   1 
ATOM   554  C CB  . GLN A 1 84  ? -0.410  4.840   20.432  1.00 38.88  ? 425 GLN A CB  1 
ATOM   555  C CG  . GLN A 1 84  ? -1.596  4.705   19.659  1.00 47.17  ? 425 GLN A CG  1 
ATOM   556  N N   . GLU A 1 85  ? 1.372   6.633   18.870  1.00 30.98  ? 426 GLU A N   1 
ATOM   557  C CA  . GLU A 1 85  ? 1.672   7.639   17.860  1.00 13.59  ? 426 GLU A CA  1 
ATOM   558  C C   . GLU A 1 85  ? 2.656   7.054   16.874  1.00 29.56  ? 426 GLU A C   1 
ATOM   559  O O   . GLU A 1 85  ? 2.522   7.250   15.664  1.00 24.66  ? 426 GLU A O   1 
ATOM   560  C CB  . GLU A 1 85  ? 2.252   8.902   18.493  1.00 12.90  ? 426 GLU A CB  1 
ATOM   561  C CG  . GLU A 1 85  ? 2.780   9.878   17.467  1.00 20.78  ? 426 GLU A CG  1 
ATOM   562  C CD  . GLU A 1 85  ? 1.687   10.527  16.592  1.00 47.41  ? 426 GLU A CD  1 
ATOM   563  O OE1 . GLU A 1 85  ? 0.630   9.901   16.336  1.00 51.56  ? 426 GLU A OE1 1 
ATOM   564  O OE2 . GLU A 1 85  ? 1.895   11.671  16.127  1.00 62.32  ? 426 GLU A OE2 1 
ATOM   565  N N   . ALA A 1 86  ? 3.637   6.321   17.394  1.00 19.27  ? 427 ALA A N   1 
ATOM   566  C CA  . ALA A 1 86  ? 4.639   5.677   16.551  1.00 28.14  ? 427 ALA A CA  1 
ATOM   567  C C   . ALA A 1 86  ? 3.955   4.703   15.592  1.00 30.56  ? 427 ALA A C   1 
ATOM   568  O O   . ALA A 1 86  ? 4.202   4.739   14.396  1.00 33.56  ? 427 ALA A O   1 
ATOM   569  C CB  . ALA A 1 86  ? 5.661   4.950   17.414  1.00 73.43  ? 427 ALA A CB  1 
ATOM   570  N N   . ALA A 1 87  ? 3.078   3.848   16.108  1.00 23.78  ? 428 ALA A N   1 
ATOM   571  C CA  . ALA A 1 87  ? 2.351   2.883   15.270  1.00 25.48  ? 428 ALA A CA  1 
ATOM   572  C C   . ALA A 1 87  ? 1.564   3.556   14.148  1.00 35.94  ? 428 ALA A C   1 
ATOM   573  O O   . ALA A 1 87  ? 1.355   2.976   13.075  1.00 50.76  ? 428 ALA A O   1 
ATOM   574  C CB  . ALA A 1 87  ? 1.400   2.077   16.121  1.00 8.80   ? 428 ALA A CB  1 
ATOM   575  N N   . ASN A 1 88  ? 1.121   4.784   14.417  1.00 28.26  ? 429 ASN A N   1 
ATOM   576  C CA  . ASN A 1 88  ? 0.347   5.578   13.470  1.00 15.47  ? 429 ASN A CA  1 
ATOM   577  C C   . ASN A 1 88  ? 1.205   6.242   12.448  1.00 17.24  ? 429 ASN A C   1 
ATOM   578  O O   . ASN A 1 88  ? 0.806   6.369   11.302  1.00 23.37  ? 429 ASN A O   1 
ATOM   579  C CB  . ASN A 1 88  ? -0.427  6.681   14.172  1.00 35.23  ? 429 ASN A CB  1 
ATOM   580  C CG  . ASN A 1 88  ? -1.464  6.147   15.100  1.00 55.36  ? 429 ASN A CG  1 
ATOM   581  O OD1 . ASN A 1 88  ? -2.191  5.211   14.767  1.00 63.71  ? 429 ASN A OD1 1 
ATOM   582  N ND2 . ASN A 1 88  ? -1.558  6.749   16.278  1.00 120.20 ? 429 ASN A ND2 1 
ATOM   583  N N   . GLU A 1 89  ? 2.374   6.715   12.853  1.00 26.35  ? 430 GLU A N   1 
ATOM   584  C CA  . GLU A 1 89  ? 3.215   7.360   11.874  1.00 18.64  ? 430 GLU A CA  1 
ATOM   585  C C   . GLU A 1 89  ? 3.615   6.307   10.848  1.00 31.34  ? 430 GLU A C   1 
ATOM   586  O O   . GLU A 1 89  ? 3.560   6.549   9.636   1.00 25.73  ? 430 GLU A O   1 
ATOM   587  C CB  . GLU A 1 89  ? 4.423   8.012   12.532  1.00 29.50  ? 430 GLU A CB  1 
ATOM   588  C CG  . GLU A 1 89  ? 4.465   9.498   12.236  1.00 52.45  ? 430 GLU A CG  1 
ATOM   589  C CD  . GLU A 1 89  ? 4.318   10.395  13.463  1.00 97.78  ? 430 GLU A CD  1 
ATOM   590  O OE1 . GLU A 1 89  ? 3.421   10.140  14.302  1.00 68.83  ? 430 GLU A OE1 1 
ATOM   591  O OE2 . GLU A 1 89  ? 5.095   11.378  13.578  1.00 73.48  ? 430 GLU A OE2 1 
ATOM   592  N N   . ARG A 1 90  ? 3.975   5.118   11.320  1.00 29.36  ? 431 ARG A N   1 
ATOM   593  C CA  . ARG A 1 90  ? 4.354   4.066   10.392  1.00 34.08  ? 431 ARG A CA  1 
ATOM   594  C C   . ARG A 1 90  ? 3.211   3.805   9.415   1.00 44.28  ? 431 ARG A C   1 
ATOM   595  O O   . ARG A 1 90  ? 3.370   3.989   8.204   1.00 36.84  ? 431 ARG A O   1 
ATOM   596  C CB  . ARG A 1 90  ? 4.696   2.782   11.131  1.00 39.47  ? 431 ARG A CB  1 
ATOM   597  C CG  . ARG A 1 90  ? 5.270   1.755   10.207  1.00 50.95  ? 431 ARG A CG  1 
ATOM   598  C CD  . ARG A 1 90  ? 5.893   0.626   10.971  1.00 41.96  ? 431 ARG A CD  1 
ATOM   599  N NE  . ARG A 1 90  ? 7.044   0.116   10.239  1.00 73.04  ? 431 ARG A NE  1 
ATOM   600  C CZ  . ARG A 1 90  ? 6.979   -0.654  9.155   1.00 95.86  ? 431 ARG A CZ  1 
ATOM   601  N NH1 . ARG A 1 90  ? 5.797   -1.032  8.657   1.00 52.43  ? 431 ARG A NH1 1 
ATOM   602  N NH2 . ARG A 1 90  ? 8.114   -1.036  8.558   1.00 54.40  ? 431 ARG A NH2 1 
ATOM   603  N N   . GLN A 1 91  ? 2.067   3.373   9.950   1.00 31.98  ? 432 GLN A N   1 
ATOM   604  C CA  . GLN A 1 91  ? 0.881   3.098   9.147   1.00 25.01  ? 432 GLN A CA  1 
ATOM   605  C C   . GLN A 1 91  ? 0.610   4.283   8.211   1.00 31.34  ? 432 GLN A C   1 
ATOM   606  O O   . GLN A 1 91  ? 0.011   4.121   7.147   1.00 37.05  ? 432 GLN A O   1 
ATOM   607  C CB  . GLN A 1 91  ? -0.337  2.845   10.057  1.00 52.26  ? 432 GLN A CB  1 
ATOM   608  C CG  . GLN A 1 91  ? -1.389  2.174   9.378   1.00 56.73  ? 432 GLN A CG  1 
ATOM   609  N N   . GLN A 1 92  ? 1.042   5.481   8.591   1.00 26.57  ? 433 GLN A N   1 
ATOM   610  C CA  . GLN A 1 92  ? 0.834   6.625   7.707   1.00 29.80  ? 433 GLN A CA  1 
ATOM   611  C C   . GLN A 1 92  ? 1.711   6.421   6.468   1.00 39.63  ? 433 GLN A C   1 
ATOM   612  O O   . GLN A 1 92  ? 1.225   6.542   5.342   1.00 39.95  ? 433 GLN A O   1 
ATOM   613  C CB  . GLN A 1 92  ? 1.193   7.948   8.405   1.00 34.52  ? 433 GLN A CB  1 
ATOM   614  C CG  . GLN A 1 92  ? 0.006   8.723   8.972   1.00 43.54  ? 433 GLN A CG  1 
ATOM   615  C CD  . GLN A 1 92  ? 0.420   9.623   10.133  1.00 58.00  ? 433 GLN A CD  1 
ATOM   616  O OE1 . GLN A 1 92  ? 1.306   10.460  9.993   1.00 49.31  ? 433 GLN A OE1 1 
ATOM   617  N NE2 . GLN A 1 92  ? -0.211  9.443   11.282  1.00 35.55  ? 433 GLN A NE2 1 
ATOM   618  N N   . LEU A 1 93  ? 2.988   6.095   6.692   1.00 31.69  ? 434 LEU A N   1 
ATOM   619  C CA  . LEU A 1 93  ? 3.940   5.859   5.612   1.00 39.10  ? 434 LEU A CA  1 
ATOM   620  C C   . LEU A 1 93  ? 3.446   4.739   4.693   1.00 40.16  ? 434 LEU A C   1 
ATOM   621  O O   . LEU A 1 93  ? 3.268   4.940   3.490   1.00 36.95  ? 434 LEU A O   1 
ATOM   622  C CB  . LEU A 1 93  ? 5.322   5.489   6.178   1.00 24.90  ? 434 LEU A CB  1 
ATOM   623  C CG  . LEU A 1 93  ? 6.038   6.566   7.011   1.00 27.14  ? 434 LEU A CG  1 
ATOM   624  C CD1 . LEU A 1 93  ? 7.274   6.004   7.694   1.00 33.93  ? 434 LEU A CD1 1 
ATOM   625  C CD2 . LEU A 1 93  ? 6.414   7.717   6.115   1.00 47.95  ? 434 LEU A CD2 1 
ATOM   626  N N   . VAL A 1 94  ? 3.219   3.562   5.262   1.00 29.72  ? 435 VAL A N   1 
ATOM   627  C CA  . VAL A 1 94  ? 2.753   2.425   4.476   1.00 25.85  ? 435 VAL A CA  1 
ATOM   628  C C   . VAL A 1 94  ? 1.560   2.802   3.612   1.00 27.47  ? 435 VAL A C   1 
ATOM   629  O O   . VAL A 1 94  ? 1.612   2.684   2.388   1.00 30.54  ? 435 VAL A O   1 
ATOM   630  C CB  . VAL A 1 94  ? 2.355   1.236   5.383   1.00 30.53  ? 435 VAL A CB  1 
ATOM   631  C CG1 . VAL A 1 94  ? 2.062   0.001   4.529   1.00 32.14  ? 435 VAL A CG1 1 
ATOM   632  C CG2 . VAL A 1 94  ? 3.470   0.953   6.383   1.00 23.95  ? 435 VAL A CG2 1 
ATOM   633  N N   . GLU A 1 95  ? 0.491   3.279   4.231   1.00 34.23  ? 436 GLU A N   1 
ATOM   634  C CA  . GLU A 1 95  ? -0.687  3.633   3.457   1.00 32.61  ? 436 GLU A CA  1 
ATOM   635  C C   . GLU A 1 95  ? -0.441  4.626   2.310   1.00 28.87  ? 436 GLU A C   1 
ATOM   636  O O   . GLU A 1 95  ? -1.014  4.461   1.232   1.00 41.46  ? 436 GLU A O   1 
ATOM   637  C CB  . GLU A 1 95  ? -1.811  4.092   4.397   1.00 37.71  ? 436 GLU A CB  1 
ATOM   638  C CG  . GLU A 1 95  ? -2.351  2.963   5.298   1.00 58.70  ? 436 GLU A CG  1 
ATOM   639  C CD  . GLU A 1 95  ? -2.921  1.783   4.506   1.00 48.12  ? 436 GLU A CD  1 
ATOM   640  O OE1 . GLU A 1 95  ? -3.897  2.000   3.752   1.00 41.49  ? 436 GLU A OE1 1 
ATOM   641  O OE2 . GLU A 1 95  ? -2.393  0.647   4.631   1.00 59.50  ? 436 GLU A OE2 1 
ATOM   642  N N   . THR A 1 96  ? 0.415   5.630   2.516   1.00 39.72  ? 437 THR A N   1 
ATOM   643  C CA  . THR A 1 96  ? 0.739   6.600   1.457   1.00 31.26  ? 437 THR A CA  1 
ATOM   644  C C   . THR A 1 96  ? 1.476   5.881   0.332   1.00 51.65  ? 437 THR A C   1 
ATOM   645  O O   . THR A 1 96  ? 1.071   5.928   -0.827  1.00 39.11  ? 437 THR A O   1 
ATOM   646  C CB  . THR A 1 96  ? 1.661   7.710   1.970   1.00 37.68  ? 437 THR A CB  1 
ATOM   647  O OG1 . THR A 1 96  ? 1.056   8.327   3.106   1.00 65.27  ? 437 THR A OG1 1 
ATOM   648  C CG2 . THR A 1 96  ? 1.902   8.750   0.891   1.00 39.82  ? 437 THR A CG2 1 
ATOM   649  N N   . HIS A 1 97  ? 2.569   5.220   0.695   1.00 33.00  ? 438 HIS A N   1 
ATOM   650  C CA  . HIS A 1 97  ? 3.360   4.463   -0.248  1.00 27.65  ? 438 HIS A CA  1 
ATOM   651  C C   . HIS A 1 97  ? 2.405   3.569   -1.011  1.00 31.89  ? 438 HIS A C   1 
ATOM   652  O O   . HIS A 1 97  ? 2.265   3.702   -2.217  1.00 66.70  ? 438 HIS A O   1 
ATOM   653  C CB  . HIS A 1 97  ? 4.376   3.611   0.502   1.00 39.85  ? 438 HIS A CB  1 
ATOM   654  C CG  . HIS A 1 97  ? 5.015   2.547   -0.339  1.00 40.57  ? 438 HIS A CG  1 
ATOM   655  N ND1 . HIS A 1 97  ? 5.979   2.820   -1.281  1.00 43.64  ? 438 HIS A ND1 1 
ATOM   656  C CD2 . HIS A 1 97  ? 4.809   1.208   -0.388  1.00 63.32  ? 438 HIS A CD2 1 
ATOM   657  C CE1 . HIS A 1 97  ? 6.343   1.696   -1.877  1.00 105.44 ? 438 HIS A CE1 1 
ATOM   658  N NE2 . HIS A 1 97  ? 5.643   0.704   -1.350  1.00 60.37  ? 438 HIS A NE2 1 
ATOM   659  N N   . MET A 1 98  ? 1.730   2.676   -0.295  1.00 30.22  ? 439 MET A N   1 
ATOM   660  C CA  . MET A 1 98  ? 0.777   1.733   -0.895  1.00 42.21  ? 439 MET A CA  1 
ATOM   661  C C   . MET A 1 98  ? -0.139  2.377   -1.940  1.00 36.70  ? 439 MET A C   1 
ATOM   662  O O   . MET A 1 98  ? -0.571  1.725   -2.903  1.00 39.59  ? 439 MET A O   1 
ATOM   663  C CB  . MET A 1 98  ? -0.064  1.082   0.211   1.00 29.78  ? 439 MET A CB  1 
ATOM   664  C CG  . MET A 1 98  ? 0.667   -0.010  0.980   1.00 47.57  ? 439 MET A CG  1 
ATOM   665  S SD  . MET A 1 98  ? 0.835   -1.489  -0.028  1.00 51.93  ? 439 MET A SD  1 
ATOM   666  C CE  . MET A 1 98  ? 2.234   -2.363  0.701   1.00 85.06  ? 439 MET A CE  1 
ATOM   667  N N   . ALA A 1 99  ? -0.428  3.660   -1.744  1.00 30.99  ? 440 ALA A N   1 
ATOM   668  C CA  . ALA A 1 99  ? -1.297  4.402   -2.652  1.00 33.45  ? 440 ALA A CA  1 
ATOM   669  C C   . ALA A 1 99  ? -0.533  4.839   -3.886  1.00 26.88  ? 440 ALA A C   1 
ATOM   670  O O   . ALA A 1 99  ? -1.022  4.740   -5.012  1.00 48.90  ? 440 ALA A O   1 
ATOM   671  C CB  . ALA A 1 99  ? -1.871  5.614   -1.941  1.00 31.97  ? 440 ALA A CB  1 
ATOM   672  N N   . ARG A 1 100 ? 0.673   5.330   -3.657  1.00 31.78  ? 441 ARG A N   1 
ATOM   673  C CA  . ARG A 1 100 ? 1.534   5.773   -4.735  1.00 33.38  ? 441 ARG A CA  1 
ATOM   674  C C   . ARG A 1 100 ? 1.939   4.643   -5.661  1.00 18.13  ? 441 ARG A C   1 
ATOM   675  O O   . ARG A 1 100 ? 2.171   4.865   -6.843  1.00 35.74  ? 441 ARG A O   1 
ATOM   676  C CB  . ARG A 1 100 ? 2.784   6.441   -4.185  1.00 17.00  ? 441 ARG A CB  1 
ATOM   677  C CG  . ARG A 1 100 ? 2.533   7.831   -3.652  1.00 48.24  ? 441 ARG A CG  1 
ATOM   678  C CD  . ARG A 1 100 ? 3.715   8.263   -2.836  1.00 36.29  ? 441 ARG A CD  1 
ATOM   679  N NE  . ARG A 1 100 ? 3.606   9.619   -2.311  1.00 31.15  ? 441 ARG A NE  1 
ATOM   680  C CZ  . ARG A 1 100 ? 4.557   10.184  -1.574  1.00 49.89  ? 441 ARG A CZ  1 
ATOM   681  N NH1 . ARG A 1 100 ? 5.667   9.497   -1.293  1.00 26.61  ? 441 ARG A NH1 1 
ATOM   682  N NH2 . ARG A 1 100 ? 4.399   11.427  -1.120  1.00 39.80  ? 441 ARG A NH2 1 
ATOM   683  N N   . VAL A 1 101 ? 2.047   3.433   -5.142  1.00 25.40  ? 442 VAL A N   1 
ATOM   684  C CA  . VAL A 1 101 ? 2.402   2.341   -6.025  1.00 36.37  ? 442 VAL A CA  1 
ATOM   685  C C   . VAL A 1 101 ? 1.155   2.133   -6.877  1.00 48.53  ? 442 VAL A C   1 
ATOM   686  O O   . VAL A 1 101 ? 1.231   2.115   -8.113  1.00 47.03  ? 442 VAL A O   1 
ATOM   687  C CB  . VAL A 1 101 ? 2.753   1.037   -5.232  1.00 69.02  ? 442 VAL A CB  1 
ATOM   688  C CG1 . VAL A 1 101 ? 3.170   -0.078  -6.180  1.00 23.74  ? 442 VAL A CG1 1 
ATOM   689  C CG2 . VAL A 1 101 ? 3.865   1.325   -4.228  1.00 55.04  ? 442 VAL A CG2 1 
ATOM   690  N N   . GLU A 1 102 ? 0.003   2.017   -6.208  1.00 46.46  ? 443 GLU A N   1 
ATOM   691  C CA  . GLU A 1 102 ? -1.269  1.811   -6.887  1.00 38.80  ? 443 GLU A CA  1 
ATOM   692  C C   . GLU A 1 102 ? -1.406  2.761   -8.053  1.00 38.48  ? 443 GLU A C   1 
ATOM   693  O O   . GLU A 1 102 ? -1.831  2.374   -9.137  1.00 36.36  ? 443 GLU A O   1 
ATOM   694  C CB  . GLU A 1 102 ? -2.441  2.048   -5.950  1.00 22.58  ? 443 GLU A CB  1 
ATOM   695  C CG  . GLU A 1 102 ? -3.749  2.105   -6.714  1.00 37.90  ? 443 GLU A CG  1 
ATOM   696  C CD  . GLU A 1 102 ? -4.045  0.816   -7.459  1.00 35.31  ? 443 GLU A CD  1 
ATOM   697  O OE1 . GLU A 1 102 ? -4.784  0.876   -8.462  1.00 54.69  ? 443 GLU A OE1 1 
ATOM   698  O OE2 . GLU A 1 102 ? -3.551  -0.254  -7.037  1.00 36.28  ? 443 GLU A OE2 1 
ATOM   699  N N   . ALA A 1 103 ? -1.053  4.018   -7.819  1.00 27.61  ? 444 ALA A N   1 
ATOM   700  C CA  . ALA A 1 103 ? -1.141  5.018   -8.869  1.00 38.43  ? 444 ALA A CA  1 
ATOM   701  C C   . ALA A 1 103 ? -0.307  4.541   -10.060 1.00 43.42  ? 444 ALA A C   1 
ATOM   702  O O   . ALA A 1 103 ? -0.799  4.475   -11.191 1.00 30.74  ? 444 ALA A O   1 
ATOM   703  C CB  . ALA A 1 103 ? -0.638  6.368   -8.356  1.00 17.27  ? 444 ALA A CB  1 
ATOM   704  N N   . MET A 1 104 ? 0.952   4.200   -9.789  1.00 23.00  ? 445 MET A N   1 
ATOM   705  C CA  . MET A 1 104 ? 1.874   3.706   -10.801 1.00 25.98  ? 445 MET A CA  1 
ATOM   706  C C   . MET A 1 104 ? 1.215   2.548   -11.520 1.00 48.74  ? 445 MET A C   1 
ATOM   707  O O   . MET A 1 104 ? 0.836   2.660   -12.682 1.00 33.76  ? 445 MET A O   1 
ATOM   708  C CB  . MET A 1 104 ? 3.179   3.235   -10.149 1.00 36.94  ? 445 MET A CB  1 
ATOM   709  N N   . LEU A 1 105 ? 1.050   1.439   -10.820 1.00 41.11  ? 446 LEU A N   1 
ATOM   710  C CA  . LEU A 1 105 ? 0.437   0.277   -11.436 1.00 61.11  ? 446 LEU A CA  1 
ATOM   711  C C   . LEU A 1 105 ? -0.804  0.612   -12.249 1.00 39.60  ? 446 LEU A C   1 
ATOM   712  O O   . LEU A 1 105 ? -1.083  -0.043  -13.249 1.00 57.49  ? 446 LEU A O   1 
ATOM   713  C CB  . LEU A 1 105 ? 0.092   -0.762  -10.375 1.00 34.05  ? 446 LEU A CB  1 
ATOM   714  C CG  . LEU A 1 105 ? 1.296   -1.454  -9.727  1.00 66.54  ? 446 LEU A CG  1 
ATOM   715  C CD1 . LEU A 1 105 ? 0.770   -2.448  -8.697  1.00 62.21  ? 446 LEU A CD1 1 
ATOM   716  C CD2 . LEU A 1 105 ? 2.174   -2.172  -10.773 1.00 58.28  ? 446 LEU A CD2 1 
ATOM   717  N N   . ASN A 1 106 ? -1.538  1.641   -11.835 1.00 42.06  ? 447 ASN A N   1 
ATOM   718  C CA  . ASN A 1 106 ? -2.755  2.036   -12.540 1.00 34.01  ? 447 ASN A CA  1 
ATOM   719  C C   . ASN A 1 106 ? -2.477  2.669   -13.910 1.00 41.92  ? 447 ASN A C   1 
ATOM   720  O O   . ASN A 1 106 ? -3.222  2.435   -14.859 1.00 41.53  ? 447 ASN A O   1 
ATOM   721  C CB  . ASN A 1 106 ? -3.582  3.001   -11.687 1.00 39.22  ? 447 ASN A CB  1 
ATOM   722  C CG  . ASN A 1 106 ? -5.077  2.773   -11.847 1.00 85.59  ? 447 ASN A CG  1 
ATOM   723  O OD1 . ASN A 1 106 ? -5.623  1.775   -11.359 1.00 70.24  ? 447 ASN A OD1 1 
ATOM   724  N ND2 . ASN A 1 106 ? -5.745  3.693   -12.543 1.00 52.23  ? 447 ASN A ND2 1 
ATOM   725  N N   . ASP A 1 107 ? -1.426  3.481   -14.010 1.00 50.13  ? 448 ASP A N   1 
ATOM   726  C CA  . ASP A 1 107 ? -1.068  4.099   -15.287 1.00 56.39  ? 448 ASP A CA  1 
ATOM   727  C C   . ASP A 1 107 ? -0.681  2.983   -16.237 1.00 48.73  ? 448 ASP A C   1 
ATOM   728  O O   . ASP A 1 107 ? -1.043  3.004   -17.417 1.00 44.63  ? 448 ASP A O   1 
ATOM   729  C CB  . ASP A 1 107 ? 0.115   5.051   -15.132 1.00 35.11  ? 448 ASP A CB  1 
ATOM   730  C CG  . ASP A 1 107 ? -0.216  6.233   -14.262 1.00 70.39  ? 448 ASP A CG  1 
ATOM   731  O OD1 . ASP A 1 107 ? -1.037  6.069   -13.334 1.00 60.46  ? 448 ASP A OD1 1 
ATOM   732  O OD2 . ASP A 1 107 ? 0.343   7.321   -14.490 1.00 56.07  ? 448 ASP A OD2 1 
ATOM   733  N N   . ARG A 1 108 ? 0.053   2.003   -15.704 1.00 44.25  ? 449 ARG A N   1 
ATOM   734  C CA  . ARG A 1 108 ? 0.497   0.846   -16.477 1.00 34.63  ? 449 ARG A CA  1 
ATOM   735  C C   . ARG A 1 108 ? -0.731  0.101   -16.971 1.00 37.93  ? 449 ARG A C   1 
ATOM   736  O O   . ARG A 1 108 ? -0.762  -0.395  -18.091 1.00 64.18  ? 449 ARG A O   1 
ATOM   737  C CB  . ARG A 1 108 ? 1.351   -0.119  -15.620 1.00 39.90  ? 449 ARG A CB  1 
ATOM   738  C CG  . ARG A 1 108 ? 2.524   0.485   -15.093 1.00 39.46  ? 449 ARG A CG  1 
ATOM   739  N N   . ARG A 1 109 ? -1.744  0.019   -16.124 1.00 29.41  ? 450 ARG A N   1 
ATOM   740  C CA  . ARG A 1 109 ? -2.967  -0.678  -16.483 1.00 50.11  ? 450 ARG A CA  1 
ATOM   741  C C   . ARG A 1 109 ? -3.623  0.093   -17.625 1.00 35.41  ? 450 ARG A C   1 
ATOM   742  O O   . ARG A 1 109 ? -4.178  -0.485  -18.556 1.00 57.54  ? 450 ARG A O   1 
ATOM   743  C CB  . ARG A 1 109 ? -3.885  -0.743  -15.257 1.00 40.28  ? 450 ARG A CB  1 
ATOM   744  C CG  . ARG A 1 109 ? -5.138  -1.546  -15.449 1.00 22.09  ? 450 ARG A CG  1 
ATOM   745  C CD  . ARG A 1 109 ? -6.230  -0.675  -15.994 1.00 37.57  ? 450 ARG A CD  1 
ATOM   746  N NE  . ARG A 1 109 ? -7.470  -1.406  -16.237 1.00 69.05  ? 450 ARG A NE  1 
ATOM   747  C CZ  . ARG A 1 109 ? -8.626  -0.812  -16.536 1.00 102.84 ? 450 ARG A CZ  1 
ATOM   748  N NH1 . ARG A 1 109 ? -8.669  0.512   -16.620 1.00 82.91  ? 450 ARG A NH1 1 
ATOM   749  N NH2 . ARG A 1 109 ? -9.729  -1.526  -16.751 1.00 58.46  ? 450 ARG A NH2 1 
ATOM   750  N N   . ARG A 1 110 ? -3.519  1.411   -17.535 1.00 42.91  ? 451 ARG A N   1 
ATOM   751  C CA  . ARG A 1 110 ? -4.083  2.319   -18.516 1.00 52.51  ? 451 ARG A CA  1 
ATOM   752  C C   . ARG A 1 110 ? -3.343  2.257   -19.854 1.00 67.10  ? 451 ARG A C   1 
ATOM   753  O O   . ARG A 1 110 ? -3.954  2.028   -20.897 1.00 69.70  ? 451 ARG A O   1 
ATOM   754  C CB  . ARG A 1 110 ? -4.033  3.744   -17.969 1.00 65.52  ? 451 ARG A CB  1 
ATOM   755  C CG  . ARG A 1 110 ? -4.323  4.806   -18.996 1.00 95.34  ? 451 ARG A CG  1 
ATOM   756  C CD  . ARG A 1 110 ? -3.661  6.098   -18.614 1.00 62.32  ? 451 ARG A CD  1 
ATOM   757  N NE  . ARG A 1 110 ? -4.191  6.579   -17.346 1.00 84.19  ? 451 ARG A NE  1 
ATOM   758  C CZ  . ARG A 1 110 ? -3.438  6.886   -16.298 1.00 82.17  ? 451 ARG A CZ  1 
ATOM   759  N NH1 . ARG A 1 110 ? -2.117  6.759   -16.372 1.00 78.68  ? 451 ARG A NH1 1 
ATOM   760  N NH2 . ARG A 1 110 ? -4.003  7.325   -15.180 1.00 103.34 ? 451 ARG A NH2 1 
ATOM   761  N N   . LEU A 1 111 ? -2.031  2.468   -19.820 1.00 46.28  ? 452 LEU A N   1 
ATOM   762  C CA  . LEU A 1 111 ? -1.215  2.446   -21.026 1.00 60.08  ? 452 LEU A CA  1 
ATOM   763  C C   . LEU A 1 111 ? -1.333  1.131   -21.811 1.00 54.33  ? 452 LEU A C   1 
ATOM   764  O O   . LEU A 1 111 ? -1.284  1.133   -23.035 1.00 73.56  ? 452 LEU A O   1 
ATOM   765  C CB  . LEU A 1 111 ? 0.257   2.720   -20.657 1.00 38.47  ? 452 LEU A CB  1 
ATOM   766  N N   . ALA A 1 112 ? -1.499  0.011   -21.120 1.00 47.26  ? 453 ALA A N   1 
ATOM   767  C CA  . ALA A 1 112 ? -1.598  -1.276  -21.807 1.00 79.71  ? 453 ALA A CA  1 
ATOM   768  C C   . ALA A 1 112 ? -2.944  -1.455  -22.491 1.00 75.25  ? 453 ALA A C   1 
ATOM   769  O O   . ALA A 1 112 ? -3.065  -2.148  -23.504 1.00 73.98  ? 453 ALA A O   1 
ATOM   770  C CB  . ALA A 1 112 ? -1.362  -2.418  -20.815 1.00 69.49  ? 453 ALA A CB  1 
ATOM   771  N N   . LEU A 1 113 ? -3.951  -0.820  -21.920 1.00 37.56  ? 454 LEU A N   1 
ATOM   772  C CA  . LEU A 1 113 ? -5.298  -0.904  -22.431 1.00 58.02  ? 454 LEU A CA  1 
ATOM   773  C C   . LEU A 1 113 ? -5.507  0.018   -23.627 1.00 36.63  ? 454 LEU A C   1 
ATOM   774  O O   . LEU A 1 113 ? -6.293  -0.273  -24.527 1.00 49.25  ? 454 LEU A O   1 
ATOM   775  C CB  . LEU A 1 113 ? -6.260  -0.539  -21.317 1.00 33.15  ? 454 LEU A CB  1 
ATOM   776  C CG  . LEU A 1 113 ? -7.637  -0.195  -21.843 1.00 26.39  ? 454 LEU A CG  1 
ATOM   777  C CD1 . LEU A 1 113 ? -8.371  -1.472  -22.256 1.00 36.33  ? 454 LEU A CD1 1 
ATOM   778  C CD2 . LEU A 1 113 ? -8.387  0.575   -20.776 1.00 54.26  ? 454 LEU A CD2 1 
ATOM   779  N N   . GLU A 1 114 ? -4.807  1.143   -23.620 1.00 55.65  ? 455 GLU A N   1 
ATOM   780  C CA  . GLU A 1 114 ? -4.909  2.108   -24.703 1.00 67.96  ? 455 GLU A CA  1 
ATOM   781  C C   . GLU A 1 114 ? -4.262  1.508   -25.929 1.00 39.58  ? 455 GLU A C   1 
ATOM   782  O O   . GLU A 1 114 ? -4.506  1.928   -27.053 1.00 52.15  ? 455 GLU A O   1 
ATOM   783  C CB  . GLU A 1 114 ? -4.219  3.411   -24.318 1.00 43.89  ? 455 GLU A CB  1 
ATOM   784  C CG  . GLU A 1 114 ? -5.007  4.201   -23.292 1.00 37.40  ? 455 GLU A CG  1 
ATOM   785  C CD  . GLU A 1 114 ? -4.271  5.427   -22.818 1.00 85.22  ? 455 GLU A CD  1 
ATOM   786  O OE1 . GLU A 1 114 ? -3.433  5.947   -23.578 1.00 119.87 ? 455 GLU A OE1 1 
ATOM   787  O OE2 . GLU A 1 114 ? -4.537  5.886   -21.691 1.00 80.39  ? 455 GLU A OE2 1 
ATOM   788  N N   . ASN A 1 115 ? -3.428  0.514   -25.684 1.00 41.99  ? 456 ASN A N   1 
ATOM   789  C CA  . ASN A 1 115 ? -2.745  -0.191  -26.745 1.00 59.53  ? 456 ASN A CA  1 
ATOM   790  C C   . ASN A 1 115 ? -3.617  -1.320  -27.231 1.00 56.47  ? 456 ASN A C   1 
ATOM   791  O O   . ASN A 1 115 ? -3.804  -1.484  -28.432 1.00 81.92  ? 456 ASN A O   1 
ATOM   792  C CB  . ASN A 1 115 ? -1.442  -0.784  -26.237 1.00 56.73  ? 456 ASN A CB  1 
ATOM   793  C CG  . ASN A 1 115 ? -0.386  0.257   -26.006 1.00 33.02  ? 456 ASN A CG  1 
ATOM   794  O OD1 . ASN A 1 115 ? -0.678  1.447   -25.970 1.00 56.21  ? 456 ASN A OD1 1 
ATOM   795  N ND2 . ASN A 1 115 ? 0.856   -0.188  -25.836 1.00 40.32  ? 456 ASN A ND2 1 
ATOM   796  N N   . TYR A 1 116 ? -4.121  -2.108  -26.281 1.00 61.68  ? 457 TYR A N   1 
ATOM   797  C CA  . TYR A 1 116 ? -4.983  -3.255  -26.571 1.00 48.23  ? 457 TYR A CA  1 
ATOM   798  C C   . TYR A 1 116 ? -6.186  -2.786  -27.341 1.00 52.41  ? 457 TYR A C   1 
ATOM   799  O O   . TYR A 1 116 ? -6.757  -3.531  -28.133 1.00 61.34  ? 457 TYR A O   1 
ATOM   800  C CB  . TYR A 1 116 ? -5.432  -3.924  -25.270 1.00 63.80  ? 457 TYR A CB  1 
ATOM   801  C CG  . TYR A 1 116 ? -6.733  -4.709  -25.360 1.00 47.30  ? 457 TYR A CG  1 
ATOM   802  C CD1 . TYR A 1 116 ? -6.800  -5.944  -26.019 1.00 31.73  ? 457 TYR A CD1 1 
ATOM   803  C CD2 . TYR A 1 116 ? -7.895  -4.222  -24.753 1.00 27.00  ? 457 TYR A CD2 1 
ATOM   804  C CE1 . TYR A 1 116 ? -7.999  -6.676  -26.064 1.00 38.40  ? 457 TYR A CE1 1 
ATOM   805  C CE2 . TYR A 1 116 ? -9.093  -4.936  -24.791 1.00 49.93  ? 457 TYR A CE2 1 
ATOM   806  C CZ  . TYR A 1 116 ? -9.145  -6.163  -25.445 1.00 101.96 ? 457 TYR A CZ  1 
ATOM   807  O OH  . TYR A 1 116 ? -10.339 -6.871  -25.471 1.00 49.49  ? 457 TYR A OH  1 
ATOM   808  N N   . ILE A 1 117 ? -6.575  -1.543  -27.102 1.00 34.24  ? 458 ILE A N   1 
ATOM   809  C CA  . ILE A 1 117 ? -7.707  -0.986  -27.805 1.00 49.59  ? 458 ILE A CA  1 
ATOM   810  C C   . ILE A 1 117 ? -7.198  -0.528  -29.169 1.00 52.53  ? 458 ILE A C   1 
ATOM   811  O O   . ILE A 1 117 ? -7.889  -0.682  -30.178 1.00 71.62  ? 458 ILE A O   1 
ATOM   812  C CB  . ILE A 1 117 ? -8.313  0.168   -26.993 1.00 57.51  ? 458 ILE A CB  1 
ATOM   813  C CG1 . ILE A 1 117 ? -9.525  -0.351  -26.223 1.00 48.42  ? 458 ILE A CG1 1 
ATOM   814  C CG2 . ILE A 1 117 ? -8.685  1.339   -27.896 1.00 50.87  ? 458 ILE A CG2 1 
ATOM   815  C CD1 . ILE A 1 117 ? -10.037 0.623   -25.225 1.00 55.32  ? 458 ILE A CD1 1 
ATOM   816  N N   . THR A 1 118 ? -5.974  0.009   -29.190 1.00 86.72  ? 459 THR A N   1 
ATOM   817  C CA  . THR A 1 118 ? -5.322  0.471   -30.421 1.00 71.40  ? 459 THR A CA  1 
ATOM   818  C C   . THR A 1 118 ? -5.231  -0.686  -31.419 1.00 77.24  ? 459 THR A C   1 
ATOM   819  O O   . THR A 1 118 ? -5.654  -0.565  -32.574 1.00 38.26  ? 459 THR A O   1 
ATOM   820  C CB  . THR A 1 118 ? -3.895  1.008   -30.130 1.00 59.85  ? 459 THR A CB  1 
ATOM   821  O OG1 . THR A 1 118 ? -3.965  2.399   -29.776 1.00 51.88  ? 459 THR A OG1 1 
ATOM   822  C CG2 . THR A 1 118 ? -2.990  0.830   -31.344 1.00 43.28  ? 459 THR A CG2 1 
ATOM   823  N N   . ALA A 1 119 ? -4.666  -1.804  -30.973 1.00 61.85  ? 460 ALA A N   1 
ATOM   824  C CA  . ALA A 1 119 ? -4.539  -2.982  -31.815 1.00 73.24  ? 460 ALA A CA  1 
ATOM   825  C C   . ALA A 1 119 ? -5.929  -3.461  -32.213 1.00 67.86  ? 460 ALA A C   1 
ATOM   826  O O   . ALA A 1 119 ? -6.204  -3.668  -33.388 1.00 94.07  ? 460 ALA A O   1 
ATOM   827  C CB  . ALA A 1 119 ? -3.798  -4.084  -31.063 1.00 81.89  ? 460 ALA A CB  1 
ATOM   828  N N   . LEU A 1 120 ? -6.807  -3.623  -31.229 1.00 38.72  ? 461 LEU A N   1 
ATOM   829  C CA  . LEU A 1 120 ? -8.172  -4.092  -31.472 1.00 46.78  ? 461 LEU A CA  1 
ATOM   830  C C   . LEU A 1 120 ? -8.881  -3.333  -32.602 1.00 37.60  ? 461 LEU A C   1 
ATOM   831  O O   . LEU A 1 120 ? -9.732  -3.891  -33.306 1.00 50.36  ? 461 LEU A O   1 
ATOM   832  C CB  . LEU A 1 120 ? -9.015  -3.964  -30.189 1.00 34.37  ? 461 LEU A CB  1 
ATOM   833  C CG  . LEU A 1 120 ? -10.172 -4.958  -30.030 1.00 64.89  ? 461 LEU A CG  1 
ATOM   834  C CD1 . LEU A 1 120 ? -9.612  -6.286  -29.572 1.00 61.94  ? 461 LEU A CD1 1 
ATOM   835  C CD2 . LEU A 1 120 ? -11.196 -4.462  -29.023 1.00 95.62  ? 461 LEU A CD2 1 
ATOM   836  N N   . GLN A 1 121 ? -8.527  -2.063  -32.778 1.00 54.00  ? 462 GLN A N   1 
ATOM   837  C CA  . GLN A 1 121 ? -9.175  -1.232  -33.789 1.00 73.40  ? 462 GLN A CA  1 
ATOM   838  C C   . GLN A 1 121 ? -8.584  -1.220  -35.201 1.00 51.25  ? 462 GLN A C   1 
ATOM   839  O O   . GLN A 1 121 ? -9.237  -0.752  -36.136 1.00 49.06  ? 462 GLN A O   1 
ATOM   840  C CB  . GLN A 1 121 ? -9.303  0.214   -33.273 1.00 53.07  ? 462 GLN A CB  1 
ATOM   841  C CG  . GLN A 1 121 ? -10.706 0.587   -32.736 1.00 79.65  ? 462 GLN A CG  1 
ATOM   842  C CD  . GLN A 1 121 ? -11.019 -0.017  -31.376 1.00 85.14  ? 462 GLN A CD  1 
ATOM   843  O OE1 . GLN A 1 121 ? -10.213 0.071   -30.457 1.00 167.82 ? 462 GLN A OE1 1 
ATOM   844  N NE2 . GLN A 1 121 ? -12.198 -0.616  -31.239 1.00 129.30 ? 462 GLN A NE2 1 
ATOM   845  N N   . ALA A 1 122 ? -7.368  -1.727  -35.371 1.00 47.10  ? 463 ALA A N   1 
ATOM   846  C CA  . ALA A 1 122 ? -6.759  -1.739  -36.698 1.00 69.48  ? 463 ALA A CA  1 
ATOM   847  C C   . ALA A 1 122 ? -7.692  -2.409  -37.712 1.00 68.75  ? 463 ALA A C   1 
ATOM   848  O O   . ALA A 1 122 ? -8.228  -3.488  -37.452 1.00 65.50  ? 463 ALA A O   1 
ATOM   849  C CB  . ALA A 1 122 ? -5.409  -2.458  -36.651 1.00 78.76  ? 463 ALA A CB  1 
ATOM   850  N N   . VAL A 1 123 ? -7.888  -1.752  -38.858 1.00 45.16  ? 464 VAL A N   1 
ATOM   851  C CA  . VAL A 1 123 ? -8.758  -2.261  -39.927 1.00 83.97  ? 464 VAL A CA  1 
ATOM   852  C C   . VAL A 1 123 ? -8.376  -3.691  -40.303 1.00 111.31 ? 464 VAL A C   1 
ATOM   853  O O   . VAL A 1 123 ? -9.241  -4.560  -40.418 1.00 141.07 ? 464 VAL A O   1 
ATOM   854  C CB  . VAL A 1 123 ? -8.701  -1.344  -41.164 1.00 27.07  ? 464 VAL A CB  1 
ATOM   855  N N   . PRO A 1 124 ? -7.078  -3.946  -40.565 1.00 118.55 ? 465 PRO A N   1 
ATOM   856  C CA  . PRO A 1 124 ? -6.691  -5.326  -40.905 1.00 113.83 ? 465 PRO A CA  1 
ATOM   857  C C   . PRO A 1 124 ? -6.284  -5.864  -39.532 1.00 109.22 ? 465 PRO A C   1 
ATOM   858  O O   . PRO A 1 124 ? -5.102  -5.876  -39.183 1.00 110.53 ? 465 PRO A O   1 
ATOM   859  C CB  . PRO A 1 124 ? -5.477  -5.146  -41.819 1.00 108.95 ? 465 PRO A CB  1 
ATOM   860  C CG  . PRO A 1 124 ? -5.492  -3.700  -42.223 1.00 126.39 ? 465 PRO A CG  1 
ATOM   861  C CD  . PRO A 1 124 ? -6.041  -3.001  -41.013 1.00 95.55  ? 465 PRO A CD  1 
ATOM   862  N N   . PRO A 1 125 ? -7.271  -6.324  -38.743 1.00 111.40 ? 466 PRO A N   1 
ATOM   863  C CA  . PRO A 1 125 ? -7.053  -6.844  -37.394 1.00 112.30 ? 466 PRO A CA  1 
ATOM   864  C C   . PRO A 1 125 ? -6.056  -7.967  -37.297 1.00 113.95 ? 466 PRO A C   1 
ATOM   865  O O   . PRO A 1 125 ? -6.441  -9.133  -37.308 1.00 136.32 ? 466 PRO A O   1 
ATOM   866  C CB  . PRO A 1 125 ? -8.453  -7.290  -36.946 1.00 117.96 ? 466 PRO A CB  1 
ATOM   867  C CG  . PRO A 1 125 ? -9.413  -6.708  -37.966 1.00 106.83 ? 466 PRO A CG  1 
ATOM   868  C CD  . PRO A 1 125 ? -8.602  -6.740  -39.225 1.00 104.22 ? 466 PRO A CD  1 
ATOM   869  N N   . ARG A 1 126 ? -4.782  -7.601  -37.175 1.00 105.65 ? 467 ARG A N   1 
ATOM   870  C CA  . ARG A 1 126 ? -3.695  -8.568  -37.043 1.00 117.94 ? 467 ARG A CA  1 
ATOM   871  C C   . ARG A 1 126 ? -3.879  -9.338  -35.740 1.00 105.27 ? 467 ARG A C   1 
ATOM   872  O O   . ARG A 1 126 ? -3.369  -8.924  -34.700 1.00 101.40 ? 467 ARG A O   1 
ATOM   873  C CB  . ARG A 1 126 ? -2.336  -7.859  -36.995 1.00 103.19 ? 467 ARG A CB  1 
ATOM   874  C CG  . ARG A 1 126 ? -2.141  -6.991  -38.099 1.00 103.07 ? 467 ARG A CG  1 
ATOM   875  N N   . PRO A 1 127 ? -4.589  -10.482 -35.781 1.00 94.24  ? 468 PRO A N   1 
ATOM   876  C CA  . PRO A 1 127 ? -4.802  -11.264 -34.556 1.00 79.19  ? 468 PRO A CA  1 
ATOM   877  C C   . PRO A 1 127 ? -3.579  -11.357 -33.649 1.00 82.94  ? 468 PRO A C   1 
ATOM   878  O O   . PRO A 1 127 ? -3.678  -11.190 -32.429 1.00 81.16  ? 468 PRO A O   1 
ATOM   879  C CB  . PRO A 1 127 ? -5.219  -12.630 -35.088 1.00 83.53  ? 468 PRO A CB  1 
ATOM   880  C CG  . PRO A 1 127 ? -5.952  -12.294 -36.348 1.00 102.82 ? 468 PRO A CG  1 
ATOM   881  C CD  . PRO A 1 127 ? -5.068  -11.224 -36.964 1.00 74.50  ? 468 PRO A CD  1 
ATOM   882  N N   . ARG A 1 128 ? -2.433  -11.626 -34.265 1.00 71.20  ? 469 ARG A N   1 
ATOM   883  C CA  . ARG A 1 128 ? -1.170  -11.770 -33.565 1.00 61.53  ? 469 ARG A CA  1 
ATOM   884  C C   . ARG A 1 128 ? -0.827  -10.571 -32.669 1.00 66.41  ? 469 ARG A C   1 
ATOM   885  O O   . ARG A 1 128 ? -0.222  -10.737 -31.602 1.00 50.38  ? 469 ARG A O   1 
ATOM   886  C CB  . ARG A 1 128 ? -0.060  -11.997 -34.595 1.00 80.39  ? 469 ARG A CB  1 
ATOM   887  C CG  . ARG A 1 128 ? 0.848   -12.976 -34.132 1.00 81.78  ? 469 ARG A CG  1 
ATOM   888  N N   . HIS A 1 129 ? -1.212  -9.373  -33.111 1.00 42.54  ? 470 HIS A N   1 
ATOM   889  C CA  . HIS A 1 129 ? -0.952  -8.127  -32.384 1.00 40.67  ? 470 HIS A CA  1 
ATOM   890  C C   . HIS A 1 129 ? -1.890  -7.950  -31.194 1.00 65.38  ? 470 HIS A C   1 
ATOM   891  O O   . HIS A 1 129 ? -1.451  -7.623  -30.085 1.00 84.73  ? 470 HIS A O   1 
ATOM   892  C CB  . HIS A 1 129 ? -1.095  -6.943  -33.332 1.00 24.41  ? 470 HIS A CB  1 
ATOM   893  N N   . VAL A 1 130 ? -3.184  -8.154  -31.434 1.00 55.13  ? 471 VAL A N   1 
ATOM   894  C CA  . VAL A 1 130 ? -4.180  -8.021  -30.378 1.00 70.39  ? 471 VAL A CA  1 
ATOM   895  C C   . VAL A 1 130 ? -3.633  -8.684  -29.115 1.00 71.65  ? 471 VAL A C   1 
ATOM   896  O O   . VAL A 1 130 ? -3.556  -8.060  -28.054 1.00 95.74  ? 471 VAL A O   1 
ATOM   897  C CB  . VAL A 1 130 ? -5.526  -8.695  -30.773 1.00 38.02  ? 471 VAL A CB  1 
ATOM   898  C CG1 . VAL A 1 130 ? -6.518  -8.616  -29.615 1.00 72.51  ? 471 VAL A CG1 1 
ATOM   899  C CG2 . VAL A 1 130 ? -6.120  -8.013  -31.992 1.00 63.81  ? 471 VAL A CG2 1 
ATOM   900  N N   . PHE A 1 131 ? -3.256  -9.953  -29.248 1.00 65.38  ? 472 PHE A N   1 
ATOM   901  C CA  . PHE A 1 131 ? -2.693  -10.728 -28.145 1.00 46.18  ? 472 PHE A CA  1 
ATOM   902  C C   . PHE A 1 131 ? -1.472  -10.002 -27.565 1.00 50.02  ? 472 PHE A C   1 
ATOM   903  O O   . PHE A 1 131 ? -1.385  -9.767  -26.360 1.00 29.25  ? 472 PHE A O   1 
ATOM   904  C CB  . PHE A 1 131 ? -2.268  -12.121 -28.647 1.00 46.48  ? 472 PHE A CB  1 
ATOM   905  C CG  . PHE A 1 131 ? -2.037  -13.130 -27.541 1.00 67.97  ? 472 PHE A CG  1 
ATOM   906  C CD1 . PHE A 1 131 ? -3.074  -13.960 -27.112 1.00 67.55  ? 472 PHE A CD1 1 
ATOM   907  C CD2 . PHE A 1 131 ? -0.803  -13.214 -26.902 1.00 51.54  ? 472 PHE A CD2 1 
ATOM   908  C CE1 . PHE A 1 131 ? -2.886  -14.854 -26.066 1.00 67.89  ? 472 PHE A CE1 1 
ATOM   909  C CE2 . PHE A 1 131 ? -0.603  -14.100 -25.857 1.00 58.03  ? 472 PHE A CE2 1 
ATOM   910  C CZ  . PHE A 1 131 ? -1.646  -14.923 -25.435 1.00 107.99 ? 472 PHE A CZ  1 
ATOM   911  N N   . ASN A 1 132 ? -0.528  -9.648  -28.431 1.00 81.17  ? 473 ASN A N   1 
ATOM   912  C CA  . ASN A 1 132 ? 0.675   -8.970  -27.980 1.00 84.38  ? 473 ASN A CA  1 
ATOM   913  C C   . ASN A 1 132 ? 0.323   -7.837  -27.019 1.00 87.30  ? 473 ASN A C   1 
ATOM   914  O O   . ASN A 1 132 ? 0.835   -7.787  -25.905 1.00 91.79  ? 473 ASN A O   1 
ATOM   915  C CB  . ASN A 1 132 ? 1.480   -8.439  -29.184 1.00 74.32  ? 473 ASN A CB  1 
ATOM   916  N N   . MET A 1 133 ? -0.573  -6.950  -27.439 1.00 79.40  ? 474 MET A N   1 
ATOM   917  C CA  . MET A 1 133 ? -0.974  -5.821  -26.604 1.00 88.82  ? 474 MET A CA  1 
ATOM   918  C C   . MET A 1 133 ? -1.895  -6.211  -25.422 1.00 82.85  ? 474 MET A C   1 
ATOM   919  O O   . MET A 1 133 ? -1.908  -5.529  -24.397 1.00 67.89  ? 474 MET A O   1 
ATOM   920  C CB  . MET A 1 133 ? -1.634  -4.726  -27.492 1.00 22.02  ? 474 MET A CB  1 
ATOM   921  N N   . LEU A 1 134 ? -2.642  -7.308  -25.563 1.00 61.06  ? 475 LEU A N   1 
ATOM   922  C CA  . LEU A 1 134 ? -3.563  -7.796  -24.529 1.00 35.68  ? 475 LEU A CA  1 
ATOM   923  C C   . LEU A 1 134 ? -2.826  -8.480  -23.366 1.00 39.20  ? 475 LEU A C   1 
ATOM   924  O O   . LEU A 1 134 ? -3.178  -8.269  -22.206 1.00 54.26  ? 475 LEU A O   1 
ATOM   925  C CB  . LEU A 1 134 ? -4.602  -8.748  -25.157 1.00 23.05  ? 475 LEU A CB  1 
ATOM   926  C CG  . LEU A 1 134 ? -5.734  -9.365  -24.316 1.00 43.41  ? 475 LEU A CG  1 
ATOM   927  C CD1 . LEU A 1 134 ? -6.872  -9.861  -25.195 1.00 53.58  ? 475 LEU A CD1 1 
ATOM   928  C CD2 . LEU A 1 134 ? -5.186  -10.515 -23.500 1.00 66.79  ? 475 LEU A CD2 1 
ATOM   929  N N   . LYS A 1 135 ? -1.820  -9.302  -23.654 1.00 66.57  ? 476 LYS A N   1 
ATOM   930  C CA  . LYS A 1 135 ? -1.079  -9.940  -22.570 1.00 65.05  ? 476 LYS A CA  1 
ATOM   931  C C   . LYS A 1 135 ? -0.549  -8.845  -21.655 1.00 63.08  ? 476 LYS A C   1 
ATOM   932  O O   . LYS A 1 135 ? -0.554  -8.981  -20.436 1.00 79.20  ? 476 LYS A O   1 
ATOM   933  C CB  . LYS A 1 135 ? 0.095   -10.759 -23.109 1.00 77.65  ? 476 LYS A CB  1 
ATOM   934  C CG  . LYS A 1 135 ? 1.286   -10.821 -22.161 1.00 69.83  ? 476 LYS A CG  1 
ATOM   935  C CD  . LYS A 1 135 ? 2.380   -9.863  -22.602 1.00 98.82  ? 476 LYS A CD  1 
ATOM   936  C CE  . LYS A 1 135 ? 3.471   -9.773  -21.550 1.00 98.15  ? 476 LYS A CE  1 
ATOM   937  N NZ  . LYS A 1 135 ? 4.656   -8.995  -22.011 1.00 111.76 ? 476 LYS A NZ  1 
ATOM   938  N N   . LYS A 1 136 ? -0.097  -7.752  -22.255 1.00 57.15  ? 477 LYS A N   1 
ATOM   939  C CA  . LYS A 1 136 ? 0.438   -6.641  -21.493 1.00 62.80  ? 477 LYS A CA  1 
ATOM   940  C C   . LYS A 1 136 ? -0.635  -6.015  -20.605 1.00 72.55  ? 477 LYS A C   1 
ATOM   941  O O   . LYS A 1 136 ? -0.328  -5.532  -19.511 1.00 89.60  ? 477 LYS A O   1 
ATOM   942  C CB  . LYS A 1 136 ? 1.031   -5.599  -22.445 1.00 72.39  ? 477 LYS A CB  1 
ATOM   943  C CG  . LYS A 1 136 ? 2.448   -5.528  -22.319 1.00 51.18  ? 477 LYS A CG  1 
ATOM   944  N N   . TYR A 1 137 ? -1.885  -6.018  -21.072 1.00 72.50  ? 478 TYR A N   1 
ATOM   945  C CA  . TYR A 1 137 ? -2.995  -5.467  -20.279 1.00 70.22  ? 478 TYR A CA  1 
ATOM   946  C C   . TYR A 1 137 ? -3.261  -6.408  -19.108 1.00 55.50  ? 478 TYR A C   1 
ATOM   947  O O   . TYR A 1 137 ? -3.088  -6.036  -17.944 1.00 65.79  ? 478 TYR A O   1 
ATOM   948  C CB  . TYR A 1 137 ? -4.276  -5.321  -21.124 1.00 38.68  ? 478 TYR A CB  1 
ATOM   949  C CG  . TYR A 1 137 ? -5.543  -5.032  -20.327 1.00 56.77  ? 478 TYR A CG  1 
ATOM   950  C CD1 . TYR A 1 137 ? -5.706  -3.835  -19.607 1.00 63.70  ? 478 TYR A CD1 1 
ATOM   951  C CD2 . TYR A 1 137 ? -6.571  -5.967  -20.280 1.00 38.77  ? 478 TYR A CD2 1 
ATOM   952  C CE1 . TYR A 1 137 ? -6.875  -3.591  -18.862 1.00 38.08  ? 478 TYR A CE1 1 
ATOM   953  C CE2 . TYR A 1 137 ? -7.733  -5.736  -19.545 1.00 43.40  ? 478 TYR A CE2 1 
ATOM   954  C CZ  . TYR A 1 137 ? -7.882  -4.556  -18.837 1.00 56.46  ? 478 TYR A CZ  1 
ATOM   955  O OH  . TYR A 1 137 ? -9.037  -4.370  -18.101 1.00 66.38  ? 478 TYR A OH  1 
ATOM   956  N N   . VAL A 1 138 ? -3.665  -7.633  -19.441 1.00 47.28  ? 479 VAL A N   1 
ATOM   957  C CA  . VAL A 1 138 ? -3.966  -8.687  -18.466 1.00 50.90  ? 479 VAL A CA  1 
ATOM   958  C C   . VAL A 1 138 ? -2.851  -8.874  -17.444 1.00 43.63  ? 479 VAL A C   1 
ATOM   959  O O   . VAL A 1 138 ? -3.084  -9.289  -16.310 1.00 46.43  ? 479 VAL A O   1 
ATOM   960  C CB  . VAL A 1 138 ? -4.208  -10.040 -19.184 1.00 44.50  ? 479 VAL A CB  1 
ATOM   961  C CG1 . VAL A 1 138 ? -4.315  -11.157 -18.155 1.00 41.70  ? 479 VAL A CG1 1 
ATOM   962  C CG2 . VAL A 1 138 ? -5.480  -9.971  -20.037 1.00 24.09  ? 479 VAL A CG2 1 
ATOM   963  N N   . ARG A 1 139 ? -1.636  -8.575  -17.871 1.00 33.79  ? 480 ARG A N   1 
ATOM   964  C CA  . ARG A 1 139 ? -0.478  -8.697  -17.004 1.00 43.51  ? 480 ARG A CA  1 
ATOM   965  C C   . ARG A 1 139 ? -0.594  -7.609  -15.942 1.00 43.29  ? 480 ARG A C   1 
ATOM   966  O O   . ARG A 1 139 ? -0.665  -7.899  -14.741 1.00 44.02  ? 480 ARG A O   1 
ATOM   967  C CB  . ARG A 1 139 ? 0.816   -8.524  -17.818 1.00 44.13  ? 480 ARG A CB  1 
ATOM   968  C CG  . ARG A 1 139 ? 1.879   -9.301  -17.296 1.00 68.20  ? 480 ARG A CG  1 
ATOM   969  N N   . ALA A 1 140 ? -0.629  -6.360  -16.399 1.00 35.20  ? 481 ALA A N   1 
ATOM   970  C CA  . ALA A 1 140 ? -0.742  -5.197  -15.516 1.00 49.65  ? 481 ALA A CA  1 
ATOM   971  C C   . ALA A 1 140 ? -1.891  -5.390  -14.533 1.00 68.41  ? 481 ALA A C   1 
ATOM   972  O O   . ALA A 1 140 ? -1.737  -5.252  -13.317 1.00 47.64  ? 481 ALA A O   1 
ATOM   973  C CB  . ALA A 1 140 ? -0.987  -3.959  -16.337 1.00 51.79  ? 481 ALA A CB  1 
ATOM   974  N N   . GLU A 1 141 ? -3.049  -5.710  -15.094 1.00 41.43  ? 482 GLU A N   1 
ATOM   975  C CA  . GLU A 1 141 ? -4.250  -5.952  -14.326 1.00 30.26  ? 482 GLU A CA  1 
ATOM   976  C C   . GLU A 1 141 ? -3.917  -6.946  -13.218 1.00 51.08  ? 482 GLU A C   1 
ATOM   977  O O   . GLU A 1 141 ? -4.295  -6.760  -12.057 1.00 51.36  ? 482 GLU A O   1 
ATOM   978  C CB  . GLU A 1 141 ? -5.316  -6.529  -15.249 1.00 59.00  ? 482 GLU A CB  1 
ATOM   979  C CG  . GLU A 1 141 ? -6.746  -6.199  -14.897 1.00 30.75  ? 482 GLU A CG  1 
ATOM   980  C CD  . GLU A 1 141 ? -7.058  -4.730  -15.053 1.00 72.40  ? 482 GLU A CD  1 
ATOM   981  O OE1 . GLU A 1 141 ? -8.162  -4.394  -15.536 1.00 68.50  ? 482 GLU A OE1 1 
ATOM   982  O OE2 . GLU A 1 141 ? -6.204  -3.906  -14.676 1.00 67.83  ? 482 GLU A OE2 1 
ATOM   983  N N   . GLN A 1 142 ? -3.200  -8.003  -13.581 1.00 32.17  ? 483 GLN A N   1 
ATOM   984  C CA  . GLN A 1 142 ? -2.806  -9.015  -12.604 1.00 44.29  ? 483 GLN A CA  1 
ATOM   985  C C   . GLN A 1 142 ? -1.830  -8.449  -11.568 1.00 38.08  ? 483 GLN A C   1 
ATOM   986  O O   . GLN A 1 142 ? -1.965  -8.699  -10.370 1.00 28.73  ? 483 GLN A O   1 
ATOM   987  C CB  . GLN A 1 142 ? -2.187  -10.236 -13.304 1.00 35.08  ? 483 GLN A CB  1 
ATOM   988  C CG  . GLN A 1 142 ? -3.228  -11.181 -13.896 1.00 45.14  ? 483 GLN A CG  1 
ATOM   989  C CD  . GLN A 1 142 ? -2.618  -12.386 -14.632 1.00 74.21  ? 483 GLN A CD  1 
ATOM   990  O OE1 . GLN A 1 142 ? -3.350  -13.256 -15.114 1.00 42.60  ? 483 GLN A OE1 1 
ATOM   991  N NE2 . GLN A 1 142 ? -1.281  -12.433 -14.723 1.00 54.33  ? 483 GLN A NE2 1 
ATOM   992  N N   . LYS A 1 143 ? -0.843  -7.688  -12.020 1.00 29.30  ? 484 LYS A N   1 
ATOM   993  C CA  . LYS A 1 143 ? 0.095   -7.117  -11.075 1.00 29.30  ? 484 LYS A CA  1 
ATOM   994  C C   . LYS A 1 143 ? -0.690  -6.240  -10.105 1.00 44.49  ? 484 LYS A C   1 
ATOM   995  O O   . LYS A 1 143 ? -0.322  -6.111  -8.943  1.00 46.11  ? 484 LYS A O   1 
ATOM   996  C CB  . LYS A 1 143 ? 1.147   -6.285  -11.795 1.00 32.54  ? 484 LYS A CB  1 
ATOM   997  N N   . ASP A 1 144 ? -1.769  -5.624  -10.579 1.00 30.38  ? 485 ASP A N   1 
ATOM   998  C CA  . ASP A 1 144 ? -2.578  -4.779  -9.706  1.00 30.92  ? 485 ASP A CA  1 
ATOM   999  C C   . ASP A 1 144 ? -3.325  -5.680  -8.729  1.00 42.79  ? 485 ASP A C   1 
ATOM   1000 O O   . ASP A 1 144 ? -3.383  -5.413  -7.532  1.00 26.42  ? 485 ASP A O   1 
ATOM   1001 C CB  . ASP A 1 144 ? -3.582  -3.976  -10.512 1.00 25.37  ? 485 ASP A CB  1 
ATOM   1002 C CG  . ASP A 1 144 ? -4.011  -2.729  -9.794  1.00 41.72  ? 485 ASP A CG  1 
ATOM   1003 O OD1 . ASP A 1 144 ? -3.220  -1.768  -9.769  1.00 66.02  ? 485 ASP A OD1 1 
ATOM   1004 O OD2 . ASP A 1 144 ? -5.129  -2.702  -9.243  1.00 48.33  ? 485 ASP A OD2 1 
ATOM   1005 N N   . ARG A 1 145 ? -3.907  -6.745  -9.273  1.00 26.36  ? 486 ARG A N   1 
ATOM   1006 C CA  . ARG A 1 145 ? -4.627  -7.728  -8.486  1.00 31.51  ? 486 ARG A CA  1 
ATOM   1007 C C   . ARG A 1 145 ? -3.683  -8.015  -7.303  1.00 36.48  ? 486 ARG A C   1 
ATOM   1008 O O   . ARG A 1 145 ? -3.980  -7.714  -6.145  1.00 29.13  ? 486 ARG A O   1 
ATOM   1009 C CB  . ARG A 1 145 ? -4.847  -9.002  -9.339  1.00 48.19  ? 486 ARG A CB  1 
ATOM   1010 C CG  . ARG A 1 145 ? -6.096  -9.858  -9.041  1.00 22.76  ? 486 ARG A CG  1 
ATOM   1011 C CD  . ARG A 1 145 ? -6.782  -10.370 -10.344 1.00 50.54  ? 486 ARG A CD  1 
ATOM   1012 N NE  . ARG A 1 145 ? -6.553  -11.787 -10.677 1.00 57.01  ? 486 ARG A NE  1 
ATOM   1013 C CZ  . ARG A 1 145 ? -5.363  -12.329 -10.951 1.00 75.29  ? 486 ARG A CZ  1 
ATOM   1014 N NH1 . ARG A 1 145 ? -4.266  -11.574 -10.938 1.00 64.44  ? 486 ARG A NH1 1 
ATOM   1015 N NH2 . ARG A 1 145 ? -5.262  -13.627 -11.229 1.00 68.21  ? 486 ARG A NH2 1 
ATOM   1016 N N   . GLN A 1 146 ? -2.522  -8.575  -7.617  1.00 50.06  ? 487 GLN A N   1 
ATOM   1017 C CA  . GLN A 1 146 ? -1.530  -8.911  -6.598  1.00 48.72  ? 487 GLN A CA  1 
ATOM   1018 C C   . GLN A 1 146 ? -1.305  -7.795  -5.586  1.00 23.99  ? 487 GLN A C   1 
ATOM   1019 O O   . GLN A 1 146 ? -1.552  -7.968  -4.408  1.00 44.76  ? 487 GLN A O   1 
ATOM   1020 C CB  . GLN A 1 146 ? -0.198  -9.301  -7.258  1.00 40.17  ? 487 GLN A CB  1 
ATOM   1021 N N   . HIS A 1 147 ? -0.850  -6.640  -6.049  1.00 44.35  ? 488 HIS A N   1 
ATOM   1022 C CA  . HIS A 1 147 ? -0.576  -5.509  -5.157  1.00 37.53  ? 488 HIS A CA  1 
ATOM   1023 C C   . HIS A 1 147 ? -1.732  -5.077  -4.271  1.00 30.50  ? 488 HIS A C   1 
ATOM   1024 O O   . HIS A 1 147 ? -1.511  -4.647  -3.147  1.00 47.82  ? 488 HIS A O   1 
ATOM   1025 C CB  . HIS A 1 147 ? -0.082  -4.294  -5.945  1.00 37.84  ? 488 HIS A CB  1 
ATOM   1026 C CG  . HIS A 1 147 ? 0.123   -3.077  -5.097  1.00 53.42  ? 488 HIS A CG  1 
ATOM   1027 N ND1 . HIS A 1 147 ? -0.728  -1.994  -5.130  1.00 41.06  ? 488 HIS A ND1 1 
ATOM   1028 C CD2 . HIS A 1 147 ? 1.068   -2.785  -4.169  1.00 53.42  ? 488 HIS A CD2 1 
ATOM   1029 C CE1 . HIS A 1 147 ? -0.321  -1.083  -4.260  1.00 69.58  ? 488 HIS A CE1 1 
ATOM   1030 N NE2 . HIS A 1 147 ? 0.768   -1.541  -3.663  1.00 60.93  ? 488 HIS A NE2 1 
ATOM   1031 N N   . THR A 1 148 ? -2.960  -5.156  -4.769  1.00 29.04  ? 489 THR A N   1 
ATOM   1032 C CA  . THR A 1 148 ? -4.096  -4.777  -3.943  1.00 18.86  ? 489 THR A CA  1 
ATOM   1033 C C   . THR A 1 148 ? -4.106  -5.717  -2.742  1.00 35.58  ? 489 THR A C   1 
ATOM   1034 O O   . THR A 1 148 ? -4.347  -5.297  -1.615  1.00 39.37  ? 489 THR A O   1 
ATOM   1035 C CB  . THR A 1 148 ? -5.433  -4.911  -4.695  1.00 34.15  ? 489 THR A CB  1 
ATOM   1036 O OG1 . THR A 1 148 ? -5.474  -3.959  -5.767  1.00 30.96  ? 489 THR A OG1 1 
ATOM   1037 C CG2 . THR A 1 148 ? -6.593  -4.641  -3.759  1.00 28.33  ? 489 THR A CG2 1 
ATOM   1038 N N   . LEU A 1 149 ? -3.839  -6.995  -2.994  1.00 45.11  ? 490 LEU A N   1 
ATOM   1039 C CA  . LEU A 1 149 ? -3.799  -8.009  -1.939  1.00 34.43  ? 490 LEU A CA  1 
ATOM   1040 C C   . LEU A 1 149 ? -2.723  -7.680  -0.910  1.00 40.68  ? 490 LEU A C   1 
ATOM   1041 O O   . LEU A 1 149 ? -2.946  -7.790  0.289   1.00 55.82  ? 490 LEU A O   1 
ATOM   1042 C CB  . LEU A 1 149 ? -3.518  -9.388  -2.542  1.00 51.53  ? 490 LEU A CB  1 
ATOM   1043 C CG  . LEU A 1 149 ? -4.714  -10.285 -2.823  1.00 42.79  ? 490 LEU A CG  1 
ATOM   1044 C CD1 . LEU A 1 149 ? -4.275  -11.576 -3.480  1.00 47.38  ? 490 LEU A CD1 1 
ATOM   1045 C CD2 . LEU A 1 149 ? -5.414  -10.581 -1.514  1.00 48.38  ? 490 LEU A CD2 1 
ATOM   1046 N N   . LYS A 1 150 ? -1.545  -7.292  -1.390  1.00 41.00  ? 491 LYS A N   1 
ATOM   1047 C CA  . LYS A 1 150 ? -0.440  -6.933  -0.509  1.00 32.26  ? 491 LYS A CA  1 
ATOM   1048 C C   . LYS A 1 150 ? -0.892  -5.828  0.415   1.00 43.90  ? 491 LYS A C   1 
ATOM   1049 O O   . LYS A 1 150 ? -0.492  -5.762  1.566   1.00 55.43  ? 491 LYS A O   1 
ATOM   1050 C CB  . LYS A 1 150 ? 0.758   -6.412  -1.302  1.00 34.64  ? 491 LYS A CB  1 
ATOM   1051 C CG  . LYS A 1 150 ? 1.949   -7.332  -1.331  1.00 24.65  ? 491 LYS A CG  1 
ATOM   1052 C CD  . LYS A 1 150 ? 1.986   -8.089  -2.645  1.00 61.30  ? 491 LYS A CD  1 
ATOM   1053 C CE  . LYS A 1 150 ? 2.328   -9.562  -2.460  1.00 68.11  ? 491 LYS A CE  1 
ATOM   1054 N NZ  . LYS A 1 150 ? 2.174   -10.332 -3.738  1.00 57.20  ? 491 LYS A NZ  1 
ATOM   1055 N N   . HIS A 1 151 ? -1.710  -4.934  -0.108  1.00 38.12  ? 492 HIS A N   1 
ATOM   1056 C CA  . HIS A 1 151 ? -2.194  -3.832  0.683   1.00 22.68  ? 492 HIS A CA  1 
ATOM   1057 C C   . HIS A 1 151 ? -3.124  -4.369  1.744   1.00 28.15  ? 492 HIS A C   1 
ATOM   1058 O O   . HIS A 1 151 ? -2.982  -4.057  2.921   1.00 32.31  ? 492 HIS A O   1 
ATOM   1059 C CB  . HIS A 1 151 ? -2.938  -2.851  -0.194  1.00 37.23  ? 492 HIS A CB  1 
ATOM   1060 C CG  . HIS A 1 151 ? -3.465  -1.668  0.551   1.00 49.16  ? 492 HIS A CG  1 
ATOM   1061 N ND1 . HIS A 1 151 ? -4.410  -0.819  0.021   1.00 36.72  ? 492 HIS A ND1 1 
ATOM   1062 C CD2 . HIS A 1 151 ? -3.166  -1.182  1.780   1.00 27.30  ? 492 HIS A CD2 1 
ATOM   1063 C CE1 . HIS A 1 151 ? -4.676  0.143   0.890   1.00 42.95  ? 492 HIS A CE1 1 
ATOM   1064 N NE2 . HIS A 1 151 ? -3.927  -0.060  1.968   1.00 48.11  ? 492 HIS A NE2 1 
ATOM   1065 N N   . PHE A 1 152 ? -4.082  -5.180  1.322   1.00 37.04  ? 493 PHE A N   1 
ATOM   1066 C CA  . PHE A 1 152 ? -5.030  -5.773  2.254   1.00 39.74  ? 493 PHE A CA  1 
ATOM   1067 C C   . PHE A 1 152 ? -4.275  -6.320  3.463   1.00 41.31  ? 493 PHE A C   1 
ATOM   1068 O O   . PHE A 1 152 ? -4.511  -5.899  4.591   1.00 64.43  ? 493 PHE A O   1 
ATOM   1069 C CB  . PHE A 1 152 ? -5.779  -6.908  1.577   1.00 45.61  ? 493 PHE A CB  1 
ATOM   1070 C CG  . PHE A 1 152 ? -6.946  -7.425  2.352   1.00 24.08  ? 493 PHE A CG  1 
ATOM   1071 C CD1 . PHE A 1 152 ? -8.039  -6.613  2.626   1.00 50.47  ? 493 PHE A CD1 1 
ATOM   1072 C CD2 . PHE A 1 152 ? -6.979  -8.743  2.764   1.00 38.37  ? 493 PHE A CD2 1 
ATOM   1073 C CE1 . PHE A 1 152 ? -9.162  -7.126  3.277   1.00 95.65  ? 493 PHE A CE1 1 
ATOM   1074 C CE2 . PHE A 1 152 ? -8.098  -9.256  3.411   1.00 47.38  ? 493 PHE A CE2 1 
ATOM   1075 C CZ  . PHE A 1 152 ? -9.187  -8.445  3.675   1.00 18.78  ? 493 PHE A CZ  1 
ATOM   1076 N N   . GLU A 1 153 ? -3.352  -7.245  3.209   1.00 38.08  ? 494 GLU A N   1 
ATOM   1077 C CA  . GLU A 1 153 ? -2.540  -7.882  4.251   1.00 23.69  ? 494 GLU A CA  1 
ATOM   1078 C C   . GLU A 1 153 ? -1.726  -6.875  5.071   1.00 42.88  ? 494 GLU A C   1 
ATOM   1079 O O   . GLU A 1 153 ? -1.294  -7.172  6.183   1.00 46.58  ? 494 GLU A O   1 
ATOM   1080 C CB  . GLU A 1 153 ? -1.605  -8.919  3.608   1.00 22.26  ? 494 GLU A CB  1 
ATOM   1081 C CG  . GLU A 1 153 ? -2.334  -9.924  2.693   1.00 36.03  ? 494 GLU A CG  1 
ATOM   1082 C CD  . GLU A 1 153 ? -1.409  -10.806 1.856   1.00 12.29  ? 494 GLU A CD  1 
ATOM   1083 O OE1 . GLU A 1 153 ? -0.319  -11.174 2.342   1.00 50.65  ? 494 GLU A OE1 1 
ATOM   1084 O OE2 . GLU A 1 153 ? -1.784  -11.155 0.717   1.00 35.01  ? 494 GLU A OE2 1 
ATOM   1085 N N   . HIS A 1 154 ? -1.520  -5.678  4.530   1.00 63.87  ? 495 HIS A N   1 
ATOM   1086 C CA  . HIS A 1 154 ? -0.750  -4.672  5.247   1.00 59.03  ? 495 HIS A CA  1 
ATOM   1087 C C   . HIS A 1 154 ? -1.570  -3.830  6.180   1.00 49.91  ? 495 HIS A C   1 
ATOM   1088 O O   . HIS A 1 154 ? -1.126  -2.784  6.644   1.00 76.63  ? 495 HIS A O   1 
ATOM   1089 C CB  . HIS A 1 154 ? 0.033   -3.785  4.294   1.00 81.48  ? 495 HIS A CB  1 
ATOM   1090 C CG  . HIS A 1 154 ? 1.440   -4.258  4.093   1.00 65.69  ? 495 HIS A CG  1 
ATOM   1091 N ND1 . HIS A 1 154 ? 2.243   -4.633  5.145   1.00 80.06  ? 495 HIS A ND1 1 
ATOM   1092 C CD2 . HIS A 1 154 ? 2.175   -4.440  2.973   1.00 103.31 ? 495 HIS A CD2 1 
ATOM   1093 C CE1 . HIS A 1 154 ? 3.416   -5.029  4.684   1.00 121.11 ? 495 HIS A CE1 1 
ATOM   1094 N NE2 . HIS A 1 154 ? 3.402   -4.921  3.366   1.00 67.44  ? 495 HIS A NE2 1 
ATOM   1095 N N   . VAL A 1 155 ? -2.787  -4.283  6.435   1.00 50.19  ? 496 VAL A N   1 
ATOM   1096 C CA  . VAL A 1 155 ? -3.643  -3.612  7.380   1.00 57.31  ? 496 VAL A CA  1 
ATOM   1097 C C   . VAL A 1 155 ? -3.393  -4.446  8.628   1.00 93.08  ? 496 VAL A C   1 
ATOM   1098 O O   . VAL A 1 155 ? -4.302  -5.045  9.213   1.00 101.51 ? 496 VAL A O   1 
ATOM   1099 C CB  . VAL A 1 155 ? -5.106  -3.657  6.935   1.00 55.26  ? 496 VAL A CB  1 
ATOM   1100 C CG1 . VAL A 1 155 ? -6.018  -3.322  8.098   1.00 106.27 ? 496 VAL A CG1 1 
ATOM   1101 C CG2 . VAL A 1 155 ? -5.326  -2.644  5.811   1.00 32.93  ? 496 VAL A CG2 1 
ATOM   1102 N N   . ARG A 1 156 ? -2.111  -4.503  8.985   1.00 123.99 ? 497 ARG A N   1 
ATOM   1103 C CA  . ARG A 1 156 ? -1.627  -5.234  10.149  1.00 132.74 ? 497 ARG A CA  1 
ATOM   1104 C C   . ARG A 1 156 ? -1.069  -4.226  11.142  1.00 149.47 ? 497 ARG A C   1 
ATOM   1105 O O   . ARG A 1 156 ? 0.057   -3.732  11.023  1.00 158.43 ? 497 ARG A O   1 
ATOM   1106 C CB  . ARG A 1 156 ? -0.553  -6.236  9.739   1.00 72.41  ? 497 ARG A CB  1 
ATOM   1107 N N   . MET A 1 157 ? -1.903  -3.946  12.123  1.00 179.24 ? 498 MET A N   1 
ATOM   1108 C CA  . MET A 1 157 ? -1.649  -2.989  13.173  1.00 191.42 ? 498 MET A CA  1 
ATOM   1109 C C   . MET A 1 157 ? -3.089  -2.632  13.470  1.00 189.77 ? 498 MET A C   1 
ATOM   1110 O O   . MET A 1 157 ? -3.380  -1.873  14.389  1.00 191.82 ? 498 MET A O   1 
ATOM   1111 C CB  . MET A 1 157 ? -0.884  -1.761  12.640  1.00 190.46 ? 498 MET A CB  1 
ATOM   1112 N N   . VAL A 1 158 ? -3.974  -3.216  12.655  1.00 156.42 ? 499 VAL A N   1 
ATOM   1113 C CA  . VAL A 1 158 ? -5.419  -3.035  12.736  1.00 120.63 ? 499 VAL A CA  1 
ATOM   1114 C C   . VAL A 1 158 ? -5.778  -2.299  14.002  1.00 123.23 ? 499 VAL A C   1 
ATOM   1115 O O   . VAL A 1 158 ? -5.716  -2.873  15.085  1.00 85.10  ? 499 VAL A O   1 
ATOM   1116 C CB  . VAL A 1 158 ? -6.129  -4.398  12.700  1.00 67.77  ? 499 VAL A CB  1 
ATOM   1117 N N   . ASP A 1 159 ? -6.128  -1.024  13.877  1.00 112.02 ? 500 ASP A N   1 
ATOM   1118 C CA  . ASP A 1 159 ? -6.486  -0.281  15.066  1.00 94.90  ? 500 ASP A CA  1 
ATOM   1119 C C   . ASP A 1 159 ? -7.994  -0.016  15.184  1.00 88.53  ? 500 ASP A C   1 
ATOM   1120 O O   . ASP A 1 159 ? -8.723  -0.860  15.709  1.00 78.95  ? 500 ASP A O   1 
ATOM   1121 C CB  . ASP A 1 159 ? -5.670  1.017   15.157  1.00 62.94  ? 500 ASP A CB  1 
ATOM   1122 N N   . PRO A 1 160 ? -8.492  1.142   14.706  1.00 82.85  ? 501 PRO A N   1 
ATOM   1123 C CA  . PRO A 1 160 ? -9.940  1.340   14.854  1.00 90.80  ? 501 PRO A CA  1 
ATOM   1124 C C   . PRO A 1 160 ? -10.741 0.428   13.921  1.00 76.72  ? 501 PRO A C   1 
ATOM   1125 O O   . PRO A 1 160 ? -10.494 -0.770  13.843  1.00 46.54  ? 501 PRO A O   1 
ATOM   1126 C CB  . PRO A 1 160 ? -10.132 2.828   14.498  1.00 100.49 ? 501 PRO A CB  1 
ATOM   1127 C CG  . PRO A 1 160 ? -8.770  3.446   14.669  1.00 64.07  ? 501 PRO A CG  1 
ATOM   1128 C CD  . PRO A 1 160 ? -7.870  2.354   14.142  1.00 85.10  ? 501 PRO A CD  1 
ATOM   1129 N N   . LYS A 1 161 ? -11.715 1.027   13.237  1.00 79.13  ? 502 LYS A N   1 
ATOM   1130 C CA  . LYS A 1 161 ? -12.552 0.345   12.262  1.00 74.36  ? 502 LYS A CA  1 
ATOM   1131 C C   . LYS A 1 161 ? -12.011 0.876   10.937  1.00 82.77  ? 502 LYS A C   1 
ATOM   1132 O O   . LYS A 1 161 ? -12.525 0.567   9.857   1.00 72.82  ? 502 LYS A O   1 
ATOM   1133 C CB  . LYS A 1 161 ? -14.005 0.735   12.434  1.00 78.78  ? 502 LYS A CB  1 
ATOM   1134 N N   . LYS A 1 162 ? -10.974 1.704   11.055  1.00 65.22  ? 503 LYS A N   1 
ATOM   1135 C CA  . LYS A 1 162 ? -10.273 2.271   9.912   1.00 75.75  ? 503 LYS A CA  1 
ATOM   1136 C C   . LYS A 1 162 ? -9.718  1.084   9.147   1.00 65.02  ? 503 LYS A C   1 
ATOM   1137 O O   . LYS A 1 162 ? -9.677  1.075   7.917   1.00 65.90  ? 503 LYS A O   1 
ATOM   1138 C CB  . LYS A 1 162 ? -9.103  3.144   10.380  1.00 75.89  ? 503 LYS A CB  1 
ATOM   1139 C CG  . LYS A 1 162 ? -8.195  3.405   9.321   1.00 70.70  ? 503 LYS A CG  1 
ATOM   1140 N N   . ALA A 1 163 ? -9.284  0.083   9.905   1.00 48.19  ? 504 ALA A N   1 
ATOM   1141 C CA  . ALA A 1 163 ? -8.728  -1.141  9.354   1.00 48.60  ? 504 ALA A CA  1 
ATOM   1142 C C   . ALA A 1 163 ? -9.822  -1.907  8.626   1.00 67.52  ? 504 ALA A C   1 
ATOM   1143 O O   . ALA A 1 163 ? -9.566  -2.535  7.599   1.00 47.05  ? 504 ALA A O   1 
ATOM   1144 C CB  . ALA A 1 163 ? -8.137  -1.998  10.479  1.00 54.15  ? 504 ALA A CB  1 
ATOM   1145 N N   . ALA A 1 164 ? -11.039 -1.859  9.156   1.00 39.23  ? 505 ALA A N   1 
ATOM   1146 C CA  . ALA A 1 164 ? -12.140 -2.555  8.514   1.00 46.93  ? 505 ALA A CA  1 
ATOM   1147 C C   . ALA A 1 164 ? -12.646 -1.697  7.367   1.00 50.60  ? 505 ALA A C   1 
ATOM   1148 O O   . ALA A 1 164 ? -13.085 -2.210  6.339   1.00 55.24  ? 505 ALA A O   1 
ATOM   1149 C CB  . ALA A 1 164 ? -13.251 -2.824  9.513   1.00 70.30  ? 505 ALA A CB  1 
ATOM   1150 N N   . GLN A 1 165 ? -12.581 -0.384  7.542   1.00 43.36  ? 506 GLN A N   1 
ATOM   1151 C CA  . GLN A 1 165 ? -13.025 0.512   6.490   1.00 74.60  ? 506 GLN A CA  1 
ATOM   1152 C C   . GLN A 1 165 ? -12.116 0.327   5.267   1.00 62.38  ? 506 GLN A C   1 
ATOM   1153 O O   . GLN A 1 165 ? -12.621 0.144   4.160   1.00 70.71  ? 506 GLN A O   1 
ATOM   1154 C CB  . GLN A 1 165 ? -13.018 1.962   6.988   1.00 80.31  ? 506 GLN A CB  1 
ATOM   1155 C CG  . GLN A 1 165 ? -14.117 2.846   6.371   1.00 121.29 ? 506 GLN A CG  1 
ATOM   1156 C CD  . GLN A 1 165 ? -15.511 2.203   6.404   1.00 132.67 ? 506 GLN A CD  1 
ATOM   1157 O OE1 . GLN A 1 165 ? -15.741 1.229   7.117   1.00 106.19 ? 506 GLN A OE1 1 
ATOM   1158 N NE2 . GLN A 1 165 ? -16.445 2.765   5.638   1.00 126.67 ? 506 GLN A NE2 1 
ATOM   1159 N N   . ILE A 1 166 ? -10.793 0.348   5.479   1.00 53.54  ? 507 ILE A N   1 
ATOM   1160 C CA  . ILE A 1 166 ? -9.796  0.161   4.407   1.00 45.63  ? 507 ILE A CA  1 
ATOM   1161 C C   . ILE A 1 166 ? -9.993  -1.198  3.733   1.00 68.51  ? 507 ILE A C   1 
ATOM   1162 O O   . ILE A 1 166 ? -10.052 -1.281  2.507   1.00 65.97  ? 507 ILE A O   1 
ATOM   1163 C CB  . ILE A 1 166 ? -8.334  0.209   4.945   1.00 52.22  ? 507 ILE A CB  1 
ATOM   1164 C CG1 . ILE A 1 166 ? -7.897  1.651   5.192   1.00 58.47  ? 507 ILE A CG1 1 
ATOM   1165 C CG2 . ILE A 1 166 ? -7.370  -0.472  3.960   1.00 65.07  ? 507 ILE A CG2 1 
ATOM   1166 C CD1 . ILE A 1 166 ? -6.462  1.760   5.675   1.00 50.44  ? 507 ILE A CD1 1 
ATOM   1167 N N   . ARG A 1 167 ? -10.073 -2.258  4.538   1.00 73.45  ? 508 ARG A N   1 
ATOM   1168 C CA  . ARG A 1 167 ? -10.283 -3.601  4.007   1.00 76.20  ? 508 ARG A CA  1 
ATOM   1169 C C   . ARG A 1 167 ? -11.432 -3.548  2.987   1.00 59.43  ? 508 ARG A C   1 
ATOM   1170 O O   . ARG A 1 167 ? -11.304 -4.056  1.876   1.00 65.72  ? 508 ARG A O   1 
ATOM   1171 C CB  . ARG A 1 167 ? -10.613 -4.577  5.141   1.00 73.97  ? 508 ARG A CB  1 
ATOM   1172 N N   . SER A 1 168 ? -12.545 -2.925  3.369   1.00 46.10  ? 509 SER A N   1 
ATOM   1173 C CA  . SER A 1 168 ? -13.705 -2.784  2.489   1.00 46.89  ? 509 SER A CA  1 
ATOM   1174 C C   . SER A 1 168 ? -13.328 -1.998  1.223   1.00 32.89  ? 509 SER A C   1 
ATOM   1175 O O   . SER A 1 168 ? -13.773 -2.345  0.128   1.00 35.15  ? 509 SER A O   1 
ATOM   1176 C CB  . SER A 1 168 ? -14.852 -2.079  3.234   1.00 32.74  ? 509 SER A CB  1 
ATOM   1177 N N   . GLN A 1 169 ? -12.522 -0.946  1.368   1.00 40.84  ? 510 GLN A N   1 
ATOM   1178 C CA  . GLN A 1 169 ? -12.103 -0.156  0.209   1.00 65.60  ? 510 GLN A CA  1 
ATOM   1179 C C   . GLN A 1 169 ? -11.177 -0.995  -0.682  1.00 68.21  ? 510 GLN A C   1 
ATOM   1180 O O   . GLN A 1 169 ? -11.171 -0.836  -1.906  1.00 68.46  ? 510 GLN A O   1 
ATOM   1181 C CB  . GLN A 1 169 ? -11.363 1.126   0.635   1.00 42.25  ? 510 GLN A CB  1 
ATOM   1182 C CG  . GLN A 1 169 ? -11.796 1.759   1.957   1.00 89.67  ? 510 GLN A CG  1 
ATOM   1183 C CD  . GLN A 1 169 ? -13.244 2.205   1.987   1.00 125.06 ? 510 GLN A CD  1 
ATOM   1184 O OE1 . GLN A 1 169 ? -14.155 1.407   1.783   1.00 129.24 ? 510 GLN A OE1 1 
ATOM   1185 N NE2 . GLN A 1 169 ? -13.462 3.484   2.259   1.00 109.13 ? 510 GLN A NE2 1 
ATOM   1186 N N   . VAL A 1 170 ? -10.402 -1.884  -0.056  1.00 60.81  ? 511 VAL A N   1 
ATOM   1187 C CA  . VAL A 1 170 ? -9.466  -2.768  -0.762  1.00 47.62  ? 511 VAL A CA  1 
ATOM   1188 C C   . VAL A 1 170 ? -10.212 -3.874  -1.488  1.00 47.42  ? 511 VAL A C   1 
ATOM   1189 O O   . VAL A 1 170 ? -9.980  -4.134  -2.666  1.00 63.79  ? 511 VAL A O   1 
ATOM   1190 C CB  . VAL A 1 170 ? -8.472  -3.442  0.215   1.00 39.28  ? 511 VAL A CB  1 
ATOM   1191 C CG1 . VAL A 1 170 ? -7.783  -4.631  -0.468  1.00 37.32  ? 511 VAL A CG1 1 
ATOM   1192 C CG2 . VAL A 1 170 ? -7.427  -2.434  0.680   1.00 56.47  ? 511 VAL A CG2 1 
ATOM   1193 N N   . MET A 1 171 ? -11.092 -4.539  -0.756  1.00 31.93  ? 512 MET A N   1 
ATOM   1194 C CA  . MET A 1 171 ? -11.888 -5.624  -1.302  1.00 25.61  ? 512 MET A CA  1 
ATOM   1195 C C   . MET A 1 171 ? -12.770 -5.032  -2.412  1.00 33.45  ? 512 MET A C   1 
ATOM   1196 O O   . MET A 1 171 ? -13.062 -5.681  -3.418  1.00 31.03  ? 512 MET A O   1 
ATOM   1197 C CB  . MET A 1 171 ? -12.726 -6.241  -0.174  1.00 29.95  ? 512 MET A CB  1 
ATOM   1198 C CG  . MET A 1 171 ? -13.221 -7.666  -0.396  1.00 54.81  ? 512 MET A CG  1 
ATOM   1199 S SD  . MET A 1 171 ? -11.943 -8.926  -0.631  1.00 58.44  ? 512 MET A SD  1 
ATOM   1200 C CE  . MET A 1 171 ? -10.850 -8.568  0.739   1.00 79.46  ? 512 MET A CE  1 
ATOM   1201 N N   . THR A 1 172 ? -13.183 -3.783  -2.242  1.00 49.84  ? 513 THR A N   1 
ATOM   1202 C CA  . THR A 1 172 ? -14.017 -3.129  -3.249  1.00 64.72  ? 513 THR A CA  1 
ATOM   1203 C C   . THR A 1 172 ? -13.248 -2.914  -4.558  1.00 62.48  ? 513 THR A C   1 
ATOM   1204 O O   . THR A 1 172 ? -13.730 -3.291  -5.624  1.00 47.83  ? 513 THR A O   1 
ATOM   1205 C CB  . THR A 1 172 ? -14.549 -1.780  -2.731  1.00 55.93  ? 513 THR A CB  1 
ATOM   1206 O OG1 . THR A 1 172 ? -15.456 -2.028  -1.652  1.00 69.29  ? 513 THR A OG1 1 
ATOM   1207 C CG2 . THR A 1 172 ? -15.266 -1.019  -3.830  1.00 50.36  ? 513 THR A CG2 1 
ATOM   1208 N N   . HIS A 1 173 ? -12.064 -2.302  -4.480  1.00 50.28  ? 514 HIS A N   1 
ATOM   1209 C CA  . HIS A 1 173 ? -11.242 -2.077  -5.671  1.00 46.18  ? 514 HIS A CA  1 
ATOM   1210 C C   . HIS A 1 173 ? -10.856 -3.428  -6.265  1.00 44.22  ? 514 HIS A C   1 
ATOM   1211 O O   . HIS A 1 173 ? -10.710 -3.574  -7.479  1.00 51.71  ? 514 HIS A O   1 
ATOM   1212 C CB  . HIS A 1 173 ? -9.975  -1.298  -5.317  1.00 25.75  ? 514 HIS A CB  1 
ATOM   1213 C CG  . HIS A 1 173 ? -9.012  -1.154  -6.457  1.00 18.04  ? 514 HIS A CG  1 
ATOM   1214 N ND1 . HIS A 1 173 ? -8.048  -2.093  -6.746  1.00 32.82  ? 514 HIS A ND1 1 
ATOM   1215 C CD2 . HIS A 1 173 ? -8.881  -0.187  -7.396  1.00 53.52  ? 514 HIS A CD2 1 
ATOM   1216 C CE1 . HIS A 1 173 ? -7.363  -1.714  -7.814  1.00 22.51  ? 514 HIS A CE1 1 
ATOM   1217 N NE2 . HIS A 1 173 ? -7.851  -0.557  -8.231  1.00 20.44  ? 514 HIS A NE2 1 
ATOM   1218 N N   . LEU A 1 174 ? -10.688 -4.421  -5.402  1.00 50.58  ? 515 LEU A N   1 
ATOM   1219 C CA  . LEU A 1 174 ? -10.333 -5.752  -5.877  1.00 53.76  ? 515 LEU A CA  1 
ATOM   1220 C C   . LEU A 1 174 ? -11.405 -6.304  -6.828  1.00 60.11  ? 515 LEU A C   1 
ATOM   1221 O O   . LEU A 1 174 ? -11.073 -6.945  -7.821  1.00 58.68  ? 515 LEU A O   1 
ATOM   1222 C CB  . LEU A 1 174 ? -10.127 -6.710  -4.698  1.00 45.19  ? 515 LEU A CB  1 
ATOM   1223 C CG  . LEU A 1 174 ? -9.663  -8.097  -5.143  1.00 38.87  ? 515 LEU A CG  1 
ATOM   1224 C CD1 . LEU A 1 174 ? -8.397  -7.960  -5.975  1.00 36.92  ? 515 LEU A CD1 1 
ATOM   1225 C CD2 . LEU A 1 174 ? -9.405  -8.999  -3.936  1.00 53.52  ? 515 LEU A CD2 1 
ATOM   1226 N N   . ARG A 1 175 ? -12.683 -6.040  -6.526  1.00 61.65  ? 516 ARG A N   1 
ATOM   1227 C CA  . ARG A 1 175 ? -13.815 -6.496  -7.349  1.00 31.69  ? 516 ARG A CA  1 
ATOM   1228 C C   . ARG A 1 175 ? -13.896 -5.703  -8.664  1.00 46.89  ? 516 ARG A C   1 
ATOM   1229 O O   . ARG A 1 175 ? -14.317 -6.230  -9.695  1.00 46.84  ? 516 ARG A O   1 
ATOM   1230 C CB  . ARG A 1 175 ? -15.144 -6.373  -6.549  1.00 38.02  ? 516 ARG A CB  1 
ATOM   1231 N N   . VAL A 1 176 ? -13.489 -4.434  -8.618  1.00 42.65  ? 517 VAL A N   1 
ATOM   1232 C CA  . VAL A 1 176 ? -13.479 -3.573  -9.801  1.00 34.98  ? 517 VAL A CA  1 
ATOM   1233 C C   . VAL A 1 176 ? -12.444 -4.139  -10.769 1.00 42.32  ? 517 VAL A C   1 
ATOM   1234 O O   . VAL A 1 176 ? -12.766 -4.442  -11.914 1.00 33.38  ? 517 VAL A O   1 
ATOM   1235 C CB  . VAL A 1 176 ? -13.085 -2.117  -9.437  1.00 47.76  ? 517 VAL A CB  1 
ATOM   1236 C CG1 . VAL A 1 176 ? -12.786 -1.318  -10.701 1.00 83.89  ? 517 VAL A CG1 1 
ATOM   1237 C CG2 . VAL A 1 176 ? -14.204 -1.458  -8.644  1.00 61.95  ? 517 VAL A CG2 1 
ATOM   1238 N N   . ILE A 1 177 ? -11.206 -4.282  -10.289 1.00 41.68  ? 518 ILE A N   1 
ATOM   1239 C CA  . ILE A 1 177 ? -10.104 -4.828  -11.080 1.00 49.94  ? 518 ILE A CA  1 
ATOM   1240 C C   . ILE A 1 177 ? -10.642 -5.963  -11.932 1.00 58.46  ? 518 ILE A C   1 
ATOM   1241 O O   . ILE A 1 177 ? -10.408 -6.014  -13.136 1.00 57.73  ? 518 ILE A O   1 
ATOM   1242 C CB  . ILE A 1 177 ? -8.967  -5.402  -10.181 1.00 52.88  ? 518 ILE A CB  1 
ATOM   1243 C CG1 . ILE A 1 177 ? -8.046  -4.282  -9.687  1.00 17.75  ? 518 ILE A CG1 1 
ATOM   1244 C CG2 . ILE A 1 177 ? -8.148  -6.444  -10.971 1.00 19.14  ? 518 ILE A CG2 1 
ATOM   1245 C CD1 . ILE A 1 177 ? -6.932  -4.789  -8.783  1.00 28.56  ? 518 ILE A CD1 1 
ATOM   1246 N N   . TYR A 1 178 ? -11.366 -6.881  -11.309 1.00 44.39  ? 519 TYR A N   1 
ATOM   1247 C CA  . TYR A 1 178 ? -11.915 -7.977  -12.079 1.00 53.20  ? 519 TYR A CA  1 
ATOM   1248 C C   . TYR A 1 178 ? -12.887 -7.476  -13.153 1.00 54.94  ? 519 TYR A C   1 
ATOM   1249 O O   . TYR A 1 178 ? -12.556 -7.471  -14.336 1.00 56.90  ? 519 TYR A O   1 
ATOM   1250 C CB  . TYR A 1 178 ? -12.594 -8.997  -11.162 1.00 51.80  ? 519 TYR A CB  1 
ATOM   1251 C CG  . TYR A 1 178 ? -11.643 -10.045 -10.633 1.00 28.03  ? 519 TYR A CG  1 
ATOM   1252 C CD1 . TYR A 1 178 ? -10.742 -9.754  -9.613  1.00 68.50  ? 519 TYR A CD1 1 
ATOM   1253 C CD2 . TYR A 1 178 ? -11.640 -11.329 -11.157 1.00 44.04  ? 519 TYR A CD2 1 
ATOM   1254 C CE1 . TYR A 1 178 ? -9.861  -10.727 -9.128  1.00 42.72  ? 519 TYR A CE1 1 
ATOM   1255 C CE2 . TYR A 1 178 ? -10.762 -12.301 -10.680 1.00 76.44  ? 519 TYR A CE2 1 
ATOM   1256 C CZ  . TYR A 1 178 ? -9.883  -11.994 -9.665  1.00 51.29  ? 519 TYR A CZ  1 
ATOM   1257 O OH  . TYR A 1 178 ? -9.045  -12.965 -9.178  1.00 51.94  ? 519 TYR A OH  1 
ATOM   1258 N N   . GLU A 1 179 ? -14.073 -7.047  -12.748 1.00 51.04  ? 520 GLU A N   1 
ATOM   1259 C CA  . GLU A 1 179 ? -15.063 -6.570  -13.704 1.00 55.75  ? 520 GLU A CA  1 
ATOM   1260 C C   . GLU A 1 179 ? -14.507 -5.749  -14.870 1.00 49.91  ? 520 GLU A C   1 
ATOM   1261 O O   . GLU A 1 179 ? -14.870 -5.978  -16.023 1.00 91.92  ? 520 GLU A O   1 
ATOM   1262 C CB  . GLU A 1 179 ? -16.138 -5.759  -12.985 1.00 28.80  ? 520 GLU A CB  1 
ATOM   1263 N N   . ARG A 1 180 ? -13.633 -4.792  -14.575 1.00 56.08  ? 521 ARG A N   1 
ATOM   1264 C CA  . ARG A 1 180 ? -13.084 -3.921  -15.613 1.00 64.95  ? 521 ARG A CA  1 
ATOM   1265 C C   . ARG A 1 180 ? -12.189 -4.657  -16.625 1.00 61.88  ? 521 ARG A C   1 
ATOM   1266 O O   . ARG A 1 180 ? -11.980 -4.198  -17.750 1.00 56.83  ? 521 ARG A O   1 
ATOM   1267 C CB  . ARG A 1 180 ? -12.339 -2.733  -14.966 1.00 29.25  ? 521 ARG A CB  1 
ATOM   1268 C CG  . ARG A 1 180 ? -10.956 -3.052  -14.470 1.00 52.68  ? 521 ARG A CG  1 
ATOM   1269 C CD  . ARG A 1 180 ? -10.256 -1.837  -13.911 1.00 43.75  ? 521 ARG A CD  1 
ATOM   1270 N NE  . ARG A 1 180 ? -8.962  -2.218  -13.360 1.00 47.55  ? 521 ARG A NE  1 
ATOM   1271 C CZ  . ARG A 1 180 ? -8.207  -1.435  -12.602 1.00 42.42  ? 521 ARG A CZ  1 
ATOM   1272 N NH1 . ARG A 1 180 ? -8.613  -0.203  -12.299 1.00 48.82  ? 521 ARG A NH1 1 
ATOM   1273 N NH2 . ARG A 1 180 ? -7.052  -1.899  -12.137 1.00 59.60  ? 521 ARG A NH2 1 
ATOM   1274 N N   . MET A 1 181 ? -11.678 -5.814  -16.228 1.00 57.39  ? 522 MET A N   1 
ATOM   1275 C CA  . MET A 1 181 ? -10.836 -6.613  -17.108 1.00 58.11  ? 522 MET A CA  1 
ATOM   1276 C C   . MET A 1 181 ? -11.753 -7.442  -18.006 1.00 63.04  ? 522 MET A C   1 
ATOM   1277 O O   . MET A 1 181 ? -11.544 -7.534  -19.213 1.00 48.29  ? 522 MET A O   1 
ATOM   1278 C CB  . MET A 1 181 ? -9.944  -7.526  -16.269 1.00 56.77  ? 522 MET A CB  1 
ATOM   1279 C CG  . MET A 1 181 ? -8.970  -8.369  -17.049 1.00 47.47  ? 522 MET A CG  1 
ATOM   1280 S SD  . MET A 1 181 ? -8.206  -9.570  -15.947 1.00 61.20  ? 522 MET A SD  1 
ATOM   1281 C CE  . MET A 1 181 ? -6.504  -9.252  -16.280 1.00 74.91  ? 522 MET A CE  1 
ATOM   1282 N N   . ASN A 1 182 ? -12.759 -8.050  -17.384 1.00 49.38  ? 523 ASN A N   1 
ATOM   1283 C CA  . ASN A 1 182 ? -13.752 -8.852  -18.073 1.00 61.41  ? 523 ASN A CA  1 
ATOM   1284 C C   . ASN A 1 182 ? -14.507 -7.945  -19.038 1.00 55.08  ? 523 ASN A C   1 
ATOM   1285 O O   . ASN A 1 182 ? -14.980 -8.387  -20.081 1.00 66.52  ? 523 ASN A O   1 
ATOM   1286 C CB  . ASN A 1 182 ? -14.728 -9.469  -17.063 1.00 80.02  ? 523 ASN A CB  1 
ATOM   1287 C CG  . ASN A 1 182 ? -14.176 -10.712 -16.396 1.00 41.25  ? 523 ASN A CG  1 
ATOM   1288 O OD1 . ASN A 1 182 ? -13.149 -10.673 -15.725 1.00 88.99  ? 523 ASN A OD1 1 
ATOM   1289 N ND2 . ASN A 1 182 ? -14.863 -11.825 -16.577 1.00 73.80  ? 523 ASN A ND2 1 
ATOM   1290 N N   . GLN A 1 183 ? -14.631 -6.673  -18.682 1.00 52.59  ? 524 GLN A N   1 
ATOM   1291 C CA  . GLN A 1 183 ? -15.302 -5.724  -19.558 1.00 56.47  ? 524 GLN A CA  1 
ATOM   1292 C C   . GLN A 1 183 ? -14.364 -5.511  -20.749 1.00 70.10  ? 524 GLN A C   1 
ATOM   1293 O O   . GLN A 1 183 ? -14.788 -5.568  -21.898 1.00 63.30  ? 524 GLN A O   1 
ATOM   1294 C CB  . GLN A 1 183 ? -15.572 -4.399  -18.831 1.00 38.26  ? 524 GLN A CB  1 
ATOM   1295 N N   . SER A 1 184 ? -13.086 -5.287  -20.462 1.00 44.32  ? 525 SER A N   1 
ATOM   1296 C CA  . SER A 1 184 ? -12.067 -5.099  -21.491 1.00 62.94  ? 525 SER A CA  1 
ATOM   1297 C C   . SER A 1 184 ? -12.009 -6.320  -22.423 1.00 77.38  ? 525 SER A C   1 
ATOM   1298 O O   . SER A 1 184 ? -11.844 -6.174  -23.632 1.00 75.20  ? 525 SER A O   1 
ATOM   1299 C CB  . SER A 1 184 ? -10.706 -4.885  -20.821 1.00 79.89  ? 525 SER A CB  1 
ATOM   1300 O OG  . SER A 1 184 ? -9.642  -5.051  -21.739 1.00 120.84 ? 525 SER A OG  1 
ATOM   1301 N N   . LEU A 1 185 ? -12.157 -7.517  -21.853 1.00 63.49  ? 526 LEU A N   1 
ATOM   1302 C CA  . LEU A 1 185 ? -12.143 -8.769  -22.619 1.00 56.00  ? 526 LEU A CA  1 
ATOM   1303 C C   . LEU A 1 185 ? -13.377 -8.917  -23.510 1.00 64.52  ? 526 LEU A C   1 
ATOM   1304 O O   . LEU A 1 185 ? -13.310 -9.526  -24.575 1.00 74.45  ? 526 LEU A O   1 
ATOM   1305 C CB  . LEU A 1 185 ? -12.063 -9.978  -21.672 1.00 51.73  ? 526 LEU A CB  1 
ATOM   1306 C CG  . LEU A 1 185 ? -10.735 -10.192 -20.932 1.00 50.97  ? 526 LEU A CG  1 
ATOM   1307 C CD1 . LEU A 1 185 ? -10.657 -11.594 -20.335 1.00 23.54  ? 526 LEU A CD1 1 
ATOM   1308 C CD2 . LEU A 1 185 ? -9.588  -9.973  -21.917 1.00 69.94  ? 526 LEU A CD2 1 
ATOM   1309 N N   . SER A 1 186 ? -14.497 -8.362  -23.051 1.00 69.73  ? 527 SER A N   1 
ATOM   1310 C CA  . SER A 1 186 ? -15.766 -8.403  -23.771 1.00 60.83  ? 527 SER A CA  1 
ATOM   1311 C C   . SER A 1 186 ? -15.626 -7.567  -25.039 1.00 72.88  ? 527 SER A C   1 
ATOM   1312 O O   . SER A 1 186 ? -16.481 -7.592  -25.931 1.00 53.48  ? 527 SER A O   1 
ATOM   1313 C CB  . SER A 1 186 ? -16.879 -7.825  -22.892 1.00 59.69  ? 527 SER A CB  1 
ATOM   1314 O OG  . SER A 1 186 ? -18.159 -8.242  -23.338 1.00 104.22 ? 527 SER A OG  1 
ATOM   1315 N N   . LEU A 1 187 ? -14.529 -6.823  -25.108 1.00 73.73  ? 528 LEU A N   1 
ATOM   1316 C CA  . LEU A 1 187 ? -14.251 -5.967  -26.248 1.00 61.13  ? 528 LEU A CA  1 
ATOM   1317 C C   . LEU A 1 187 ? -14.041 -6.781  -27.518 1.00 55.08  ? 528 LEU A C   1 
ATOM   1318 O O   . LEU A 1 187 ? -14.303 -6.306  -28.621 1.00 75.70  ? 528 LEU A O   1 
ATOM   1319 C CB  . LEU A 1 187 ? -13.020 -5.104  -25.961 1.00 23.69  ? 528 LEU A CB  1 
ATOM   1320 N N   . LEU A 1 188 ? -13.574 -8.009  -27.364 1.00 53.34  ? 529 LEU A N   1 
ATOM   1321 C CA  . LEU A 1 188 ? -13.326 -8.857  -28.513 1.00 53.90  ? 529 LEU A CA  1 
ATOM   1322 C C   . LEU A 1 188 ? -14.578 -9.167  -29.320 1.00 59.84  ? 529 LEU A C   1 
ATOM   1323 O O   . LEU A 1 188 ? -14.537 -9.235  -30.550 1.00 40.86  ? 529 LEU A O   1 
ATOM   1324 C CB  . LEU A 1 188 ? -12.628 -10.133 -28.040 1.00 24.85  ? 529 LEU A CB  1 
ATOM   1325 C CG  . LEU A 1 188 ? -11.172 -9.738  -27.826 1.00 59.49  ? 529 LEU A CG  1 
ATOM   1326 C CD1 . LEU A 1 188 ? -10.355 -10.921 -27.332 1.00 44.27  ? 529 LEU A CD1 1 
ATOM   1327 C CD2 . LEU A 1 188 ? -10.627 -9.178  -29.155 1.00 39.35  ? 529 LEU A CD2 1 
ATOM   1328 N N   . TYR A 1 189 ? -15.697 -9.321  -28.623 1.00 72.31  ? 530 TYR A N   1 
ATOM   1329 C CA  . TYR A 1 189 ? -16.950 -9.636  -29.282 1.00 86.28  ? 530 TYR A CA  1 
ATOM   1330 C C   . TYR A 1 189 ? -17.324 -8.639  -30.395 1.00 96.40  ? 530 TYR A C   1 
ATOM   1331 O O   . TYR A 1 189 ? -17.841 -9.052  -31.431 1.00 87.65  ? 530 TYR A O   1 
ATOM   1332 C CB  . TYR A 1 189 ? -18.089 -9.740  -28.243 1.00 44.68  ? 530 TYR A CB  1 
ATOM   1333 N N   . ASN A 1 190 ? -17.057 -7.344  -30.204 1.00 96.86  ? 531 ASN A N   1 
ATOM   1334 C CA  . ASN A 1 190 ? -17.410 -6.339  -31.220 1.00 76.81  ? 531 ASN A CA  1 
ATOM   1335 C C   . ASN A 1 190 ? -16.620 -6.536  -32.511 1.00 74.99  ? 531 ASN A C   1 
ATOM   1336 O O   . ASN A 1 190 ? -17.063 -6.110  -33.582 1.00 101.12 ? 531 ASN A O   1 
ATOM   1337 C CB  . ASN A 1 190 ? -17.196 -4.921  -30.687 1.00 37.46  ? 531 ASN A CB  1 
ATOM   1338 N N   . VAL A 1 191 ? -15.443 -7.154  -32.412 1.00 54.55  ? 532 VAL A N   1 
ATOM   1339 C CA  . VAL A 1 191 ? -14.630 -7.445  -33.592 1.00 58.49  ? 532 VAL A CA  1 
ATOM   1340 C C   . VAL A 1 191 ? -14.559 -8.975  -33.717 1.00 90.87  ? 532 VAL A C   1 
ATOM   1341 O O   . VAL A 1 191 ? -13.499 -9.580  -33.508 1.00 64.38  ? 532 VAL A O   1 
ATOM   1342 C CB  . VAL A 1 191 ? -13.227 -6.848  -33.446 1.00 52.32  ? 532 VAL A CB  1 
ATOM   1343 N N   . PRO A 1 192 ? -15.700 -9.612  -34.075 1.00 101.64 ? 533 PRO A N   1 
ATOM   1344 C CA  . PRO A 1 192 ? -15.888 -11.057 -34.251 1.00 85.56  ? 533 PRO A CA  1 
ATOM   1345 C C   . PRO A 1 192 ? -15.099 -11.589 -35.415 1.00 86.44  ? 533 PRO A C   1 
ATOM   1346 O O   . PRO A 1 192 ? -15.624 -11.779 -36.508 1.00 97.60  ? 533 PRO A O   1 
ATOM   1347 C CB  . PRO A 1 192 ? -17.394 -11.184 -34.474 1.00 51.26  ? 533 PRO A CB  1 
ATOM   1348 C CG  . PRO A 1 192 ? -17.710 -9.945  -35.251 1.00 60.46  ? 533 PRO A CG  1 
ATOM   1349 C CD  . PRO A 1 192 ? -16.919 -8.890  -34.497 1.00 122.43 ? 533 PRO A CD  1 
ATOM   1350 N N   . ALA A 1 193 ? -13.823 -11.825 -35.170 1.00 105.21 ? 534 ALA A N   1 
ATOM   1351 C CA  . ALA A 1 193 ? -12.944 -12.327 -36.202 1.00 103.17 ? 534 ALA A CA  1 
ATOM   1352 C C   . ALA A 1 193 ? -11.651 -12.696 -35.521 1.00 96.46  ? 534 ALA A C   1 
ATOM   1353 O O   . ALA A 1 193 ? -11.316 -13.874 -35.367 1.00 70.35  ? 534 ALA A O   1 
ATOM   1354 C CB  . ALA A 1 193 ? -12.694 -11.245 -37.250 1.00 108.36 ? 534 ALA A CB  1 
ATOM   1355 N N   . VAL A 1 194 ? -10.934 -11.664 -35.102 1.00 99.74  ? 535 VAL A N   1 
ATOM   1356 C CA  . VAL A 1 194 ? -9.672  -11.851 -34.425 1.00 86.17  ? 535 VAL A CA  1 
ATOM   1357 C C   . VAL A 1 194 ? -9.929  -12.743 -33.228 1.00 79.40  ? 535 VAL A C   1 
ATOM   1358 O O   . VAL A 1 194 ? -9.016  -13.378 -32.718 1.00 60.14  ? 535 VAL A O   1 
ATOM   1359 C CB  . VAL A 1 194 ? -9.125  -10.521 -33.943 1.00 85.96  ? 535 VAL A CB  1 
ATOM   1360 C CG1 . VAL A 1 194 ? -7.624  -10.631 -33.726 1.00 66.84  ? 535 VAL A CG1 1 
ATOM   1361 C CG2 . VAL A 1 194 ? -9.508  -9.432  -34.942 1.00 90.32  ? 535 VAL A CG2 1 
ATOM   1362 N N   . ALA A 1 195 ? -11.189 -12.783 -32.801 1.00 77.66  ? 536 ALA A N   1 
ATOM   1363 C CA  . ALA A 1 195 ? -11.642 -13.583 -31.664 1.00 59.78  ? 536 ALA A CA  1 
ATOM   1364 C C   . ALA A 1 195 ? -11.282 -15.066 -31.772 1.00 61.70  ? 536 ALA A C   1 
ATOM   1365 O O   . ALA A 1 195 ? -10.813 -15.672 -30.808 1.00 39.70  ? 536 ALA A O   1 
ATOM   1366 C CB  . ALA A 1 195 ? -13.157 -13.428 -31.511 1.00 50.41  ? 536 ALA A CB  1 
ATOM   1367 N N   . GLU A 1 196 ? -11.516 -15.656 -32.940 1.00 49.74  ? 537 GLU A N   1 
ATOM   1368 C CA  . GLU A 1 196 ? -11.213 -17.071 -33.131 1.00 63.68  ? 537 GLU A CA  1 
ATOM   1369 C C   . GLU A 1 196 ? -9.711  -17.361 -33.130 1.00 71.33  ? 537 GLU A C   1 
ATOM   1370 O O   . GLU A 1 196 ? -9.252  -18.240 -32.398 1.00 82.26  ? 537 GLU A O   1 
ATOM   1371 C CB  . GLU A 1 196 ? -11.848 -17.571 -34.423 1.00 57.00  ? 537 GLU A CB  1 
ATOM   1372 N N   . GLU A 1 197 ? -8.951  -16.640 -33.954 1.00 72.32  ? 538 GLU A N   1 
ATOM   1373 C CA  . GLU A 1 197 ? -7.506  -16.842 -34.019 1.00 61.02  ? 538 GLU A CA  1 
ATOM   1374 C C   . GLU A 1 197 ? -6.863  -16.616 -32.663 1.00 75.43  ? 538 GLU A C   1 
ATOM   1375 O O   . GLU A 1 197 ? -5.860  -17.243 -32.338 1.00 106.22 ? 538 GLU A O   1 
ATOM   1376 C CB  . GLU A 1 197 ? -6.875  -15.894 -35.047 1.00 46.38  ? 538 GLU A CB  1 
ATOM   1377 C CG  . GLU A 1 197 ? -7.031  -16.387 -36.367 1.00 54.71  ? 538 GLU A CG  1 
ATOM   1378 N N   . ILE A 1 198 ? -7.447  -15.725 -31.866 1.00 67.69  ? 539 ILE A N   1 
ATOM   1379 C CA  . ILE A 1 198 ? -6.899  -15.418 -30.547 1.00 70.06  ? 539 ILE A CA  1 
ATOM   1380 C C   . ILE A 1 198 ? -7.418  -16.294 -29.392 1.00 66.95  ? 539 ILE A C   1 
ATOM   1381 O O   . ILE A 1 198 ? -6.636  -16.698 -28.526 1.00 66.79  ? 539 ILE A O   1 
ATOM   1382 C CB  . ILE A 1 198 ? -7.182  -13.955 -30.149 1.00 59.70  ? 539 ILE A CB  1 
ATOM   1383 C CG1 . ILE A 1 198 ? -6.640  -12.994 -31.202 1.00 92.41  ? 539 ILE A CG1 1 
ATOM   1384 C CG2 . ILE A 1 198 ? -6.519  -13.643 -28.821 1.00 71.75  ? 539 ILE A CG2 1 
ATOM   1385 C CD1 . ILE A 1 198 ? -6.938  -11.548 -30.889 1.00 137.06 ? 539 ILE A CD1 1 
ATOM   1386 N N   . GLN A 1 199 ? -8.728  -16.567 -29.390 1.00 70.69  ? 540 GLN A N   1 
ATOM   1387 C CA  . GLN A 1 199 ? -9.429  -17.337 -28.346 1.00 90.30  ? 540 GLN A CA  1 
ATOM   1388 C C   . GLN A 1 199 ? -8.710  -18.467 -27.601 1.00 88.15  ? 540 GLN A C   1 
ATOM   1389 O O   . GLN A 1 199 ? -8.150  -18.223 -26.543 1.00 101.51 ? 540 GLN A O   1 
ATOM   1390 C CB  . GLN A 1 199 ? -10.757 -17.865 -28.901 1.00 91.50  ? 540 GLN A CB  1 
ATOM   1391 C CG  . GLN A 1 199 ? -11.602 -18.349 -27.866 1.00 40.89  ? 540 GLN A CG  1 
ATOM   1392 N N   . ASP A 1 200 ? -8.743  -19.697 -28.114 1.00 99.25  ? 541 ASP A N   1 
ATOM   1393 C CA  . ASP A 1 200 ? -8.082  -20.811 -27.424 1.00 100.99 ? 541 ASP A CA  1 
ATOM   1394 C C   . ASP A 1 200 ? -6.759  -20.405 -26.761 1.00 105.62 ? 541 ASP A C   1 
ATOM   1395 O O   . ASP A 1 200 ? -6.382  -20.941 -25.717 1.00 113.77 ? 541 ASP A O   1 
ATOM   1396 C CB  . ASP A 1 200 ? -7.839  -21.978 -28.389 1.00 105.68 ? 541 ASP A CB  1 
ATOM   1397 C CG  . ASP A 1 200 ? -9.052  -22.584 -28.817 1.00 54.81  ? 541 ASP A CG  1 
ATOM   1398 N N   . GLU A 1 201 ? -6.059  -19.461 -27.385 1.00 90.13  ? 542 GLU A N   1 
ATOM   1399 C CA  . GLU A 1 201 ? -4.790  -18.951 -26.868 1.00 79.27  ? 542 GLU A CA  1 
ATOM   1400 C C   . GLU A 1 201 ? -5.068  -18.123 -25.620 1.00 59.09  ? 542 GLU A C   1 
ATOM   1401 O O   . GLU A 1 201 ? -4.344  -18.203 -24.629 1.00 61.77  ? 542 GLU A O   1 
ATOM   1402 C CB  . GLU A 1 201 ? -4.098  -18.089 -27.929 1.00 63.19  ? 542 GLU A CB  1 
ATOM   1403 N N   . VAL A 1 202 ? -6.129  -17.325 -25.700 1.00 54.98  ? 543 VAL A N   1 
ATOM   1404 C CA  . VAL A 1 202 ? -6.587  -16.466 -24.612 1.00 57.42  ? 543 VAL A CA  1 
ATOM   1405 C C   . VAL A 1 202 ? -6.786  -17.275 -23.333 1.00 64.50  ? 543 VAL A C   1 
ATOM   1406 O O   . VAL A 1 202 ? -6.210  -16.953 -22.290 1.00 75.80  ? 543 VAL A O   1 
ATOM   1407 C CB  . VAL A 1 202 ? -7.933  -15.775 -24.986 1.00 64.33  ? 543 VAL A CB  1 
ATOM   1408 C CG1 . VAL A 1 202 ? -8.725  -15.430 -23.740 1.00 53.00  ? 543 VAL A CG1 1 
ATOM   1409 C CG2 . VAL A 1 202 ? -7.668  -14.515 -25.808 1.00 29.68  ? 543 VAL A CG2 1 
ATOM   1410 N N   . ASP A 1 203 ? -7.593  -18.330 -23.420 1.00 55.46  ? 544 ASP A N   1 
ATOM   1411 C CA  . ASP A 1 203 ? -7.860  -19.176 -22.261 1.00 69.24  ? 544 ASP A CA  1 
ATOM   1412 C C   . ASP A 1 203 ? -6.581  -19.755 -21.617 1.00 53.48  ? 544 ASP A C   1 
ATOM   1413 O O   . ASP A 1 203 ? -6.567  -20.040 -20.416 1.00 64.68  ? 544 ASP A O   1 
ATOM   1414 C CB  . ASP A 1 203 ? -8.828  -20.305 -22.646 1.00 68.64  ? 544 ASP A CB  1 
ATOM   1415 C CG  . ASP A 1 203 ? -10.210 -19.785 -23.005 1.00 93.02  ? 544 ASP A CG  1 
ATOM   1416 O OD1 . ASP A 1 203 ? -10.755 -18.979 -22.236 1.00 109.47 ? 544 ASP A OD1 1 
ATOM   1417 O OD2 . ASP A 1 203 ? -10.760 -20.183 -24.049 1.00 102.31 ? 544 ASP A OD2 1 
ATOM   1418 N N   . GLU A 1 204 ? -5.512  -19.899 -22.408 1.00 48.79  ? 545 GLU A N   1 
ATOM   1419 C CA  . GLU A 1 204 ? -4.219  -20.442 -21.939 1.00 59.06  ? 545 GLU A CA  1 
ATOM   1420 C C   . GLU A 1 204 ? -3.505  -19.501 -20.970 1.00 63.69  ? 545 GLU A C   1 
ATOM   1421 O O   . GLU A 1 204 ? -2.895  -19.926 -19.974 1.00 58.73  ? 545 GLU A O   1 
ATOM   1422 C CB  . GLU A 1 204 ? -3.322  -20.727 -23.133 1.00 71.22  ? 545 GLU A CB  1 
ATOM   1423 N N   . LEU A 1 205 ? -3.572  -18.215 -21.293 1.00 73.55  ? 546 LEU A N   1 
ATOM   1424 C CA  . LEU A 1 205 ? -2.985  -17.181 -20.457 1.00 76.49  ? 546 LEU A CA  1 
ATOM   1425 C C   . LEU A 1 205 ? -3.788  -17.225 -19.153 1.00 73.64  ? 546 LEU A C   1 
ATOM   1426 O O   . LEU A 1 205 ? -3.274  -16.921 -18.075 1.00 62.19  ? 546 LEU A O   1 
ATOM   1427 C CB  . LEU A 1 205 ? -3.136  -15.815 -21.128 1.00 48.58  ? 546 LEU A CB  1 
ATOM   1428 C CG  . LEU A 1 205 ? -1.883  -14.991 -21.429 1.00 90.69  ? 546 LEU A CG  1 
ATOM   1429 C CD1 . LEU A 1 205 ? -2.298  -13.762 -22.216 1.00 132.33 ? 546 LEU A CD1 1 
ATOM   1430 C CD2 . LEU A 1 205 ? -1.177  -14.576 -20.152 1.00 99.40  ? 546 LEU A CD2 1 
ATOM   1431 N N   . LEU A 1 206 ? -5.055  -17.626 -19.275 1.00 60.60  ? 547 LEU A N   1 
ATOM   1432 C CA  . LEU A 1 206 ? -5.963  -17.746 -18.136 1.00 83.76  ? 547 LEU A CA  1 
ATOM   1433 C C   . LEU A 1 206 ? -5.881  -19.160 -17.532 1.00 90.69  ? 547 LEU A C   1 
ATOM   1434 O O   . LEU A 1 206 ? -5.036  -19.397 -16.635 1.00 75.59  ? 547 LEU A O   1 
ATOM   1435 C CB  . LEU A 1 206 ? -7.396  -17.440 -18.584 1.00 60.35  ? 547 LEU A CB  1 
HETATM 1436 O O   . HOH B 2 .   ? 1.418   -4.029  -27.589 1.00 22.66  ? 1   HOH A O   1 
HETATM 1437 O O   . HOH B 2 .   ? 9.592   1.375   39.101  1.00 42.82  ? 2   HOH A O   1 
HETATM 1438 O O   . HOH B 2 .   ? 2.435   10.083  47.591  1.00 67.71  ? 3   HOH A O   1 
HETATM 1439 O O   . HOH B 2 .   ? 16.950  10.614  39.051  1.00 53.92  ? 4   HOH A O   1 
HETATM 1440 O O   . HOH B 2 .   ? 1.221   -3.601  35.421  1.00 32.13  ? 5   HOH A O   1 
HETATM 1441 O O   . HOH B 2 .   ? -4.571  8.568   33.564  1.00 35.31  ? 6   HOH A O   1 
HETATM 1442 O O   . HOH B 2 .   ? -4.508  -1.526  -4.085  1.00 44.96  ? 7   HOH A O   1 
HETATM 1443 O O   . HOH B 2 .   ? 19.804  4.149   44.330  1.00 61.21  ? 8   HOH A O   1 
HETATM 1444 O O   . HOH B 2 .   ? -0.253  -4.117  -32.036 1.00 44.38  ? 9   HOH A O   1 
HETATM 1445 O O   . HOH B 2 .   ? -9.319  -16.396 -20.713 1.00 100.38 ? 10  HOH A O   1 
HETATM 1446 O O   . HOH B 2 .   ? -5.563  -6.754  7.614   1.00 30.90  ? 11  HOH A O   1 
HETATM 1447 O O   . HOH B 2 .   ? -2.111  9.844   16.648  1.00 87.46  ? 12  HOH A O   1 
HETATM 1448 O O   . HOH B 2 .   ? -2.656  6.964   36.460  1.00 44.13  ? 13  HOH A O   1 
HETATM 1449 O O   . HOH B 2 .   ? 3.444   -5.503  -9.916  1.00 48.53  ? 14  HOH A O   1 
HETATM 1450 O O   . HOH B 2 .   ? 4.790   -2.645  -1.867  1.00 52.06  ? 15  HOH A O   1 
HETATM 1451 O O   . HOH B 2 .   ? -8.865  -14.103 -36.481 1.00 67.88  ? 16  HOH A O   1 
HETATM 1452 O O   . HOH B 2 .   ? 5.954   14.146  13.837  1.00 66.10  ? 17  HOH A O   1 
HETATM 1453 O O   . HOH B 2 .   ? -16.842 -9.158  -14.353 1.00 54.44  ? 18  HOH A O   1 
HETATM 1454 O O   . HOH B 2 .   ? -11.816 1.027   -6.427  1.00 59.31  ? 19  HOH A O   1 
HETATM 1455 O O   . HOH B 2 .   ? -5.666  -22.026 -17.032 1.00 50.93  ? 20  HOH A O   1 
HETATM 1456 O O   . HOH B 2 .   ? -2.466  -12.052 -8.745  1.00 74.85  ? 21  HOH A O   1 
HETATM 1457 O O   . HOH B 2 .   ? -2.156  8.511   -11.496 1.00 54.14  ? 22  HOH A O   1 
HETATM 1458 O O   . HOH B 2 .   ? -0.512  -4.797  -36.267 1.00 46.63  ? 23  HOH A O   1 
HETATM 1459 O O   . HOH B 2 .   ? -13.130 -6.228  4.236   1.00 44.13  ? 24  HOH A O   1 
HETATM 1460 O O   . HOH B 2 .   ? -3.195  -15.154 -10.298 1.00 72.86  ? 25  HOH A O   1 
HETATM 1461 O O   . HOH B 2 .   ? 1.945   -11.452 -29.563 1.00 113.32 ? 26  HOH A O   1 
HETATM 1462 O O   . HOH B 2 .   ? -2.698  -1.866  4.613   1.00 76.67  ? 27  HOH A O   1 
HETATM 1463 O O   . HOH B 2 .   ? -13.459 -5.184  7.429   1.00 88.78  ? 28  HOH A O   1 
HETATM 1464 O O   . HOH B 2 .   ? 5.942   -6.437  2.616   1.00 49.62  ? 29  HOH A O   1 
HETATM 1465 O O   . HOH B 2 .   ? -5.514  0.214   11.521  1.00 44.11  ? 30  HOH A O   1 
HETATM 1466 O O   . HOH B 2 .   ? 7.963   0.933   -4.820  1.00 40.26  ? 31  HOH A O   1 
HETATM 1467 O O   . HOH B 2 .   ? -11.292 -2.407  11.897  1.00 81.21  ? 32  HOH A O   1 
HETATM 1468 O O   . HOH B 2 .   ? -12.297 -3.433  -32.963 1.00 38.56  ? 33  HOH A O   1 
HETATM 1469 O O   . HOH B 2 .   ? 8.222   7.944   -14.303 1.00 78.90  ? 34  HOH A O   1 
HETATM 1470 O O   . HOH B 2 .   ? 8.872   4.594   -8.338  1.00 66.73  ? 35  HOH A O   1 
HETATM 1471 O O   . HOH B 2 .   ? -0.302  9.572   38.163  1.00 61.59  ? 36  HOH A O   1 
HETATM 1472 O O   . HOH B 2 .   ? -0.171  9.300   -4.422  1.00 61.58  ? 37  HOH A O   1 
HETATM 1473 O O   . HOH B 2 .   ? 5.392   1.219   -13.402 1.00 68.45  ? 38  HOH A O   1 
# 
